data_1XFQ
#
_entry.id   1XFQ
#
_cell.length_a   1.000
_cell.length_b   1.000
_cell.length_c   1.000
_cell.angle_alpha   90.00
_cell.angle_beta   90.00
_cell.angle_gamma   90.00
#
_symmetry.space_group_name_H-M   'P 1'
#
loop_
_entity.id
_entity.type
_entity.pdbx_description
1 polymer 'Photoactive yellow protein'
2 non-polymer "4'-HYDROXYCINNAMIC ACID"
#
_entity_poly.entity_id   1
_entity_poly.type   'polypeptide(L)'
_entity_poly.pdbx_seq_one_letter_code
;HHHHHHESDDDDKLAFGAIQLDGDGNILQYNAAEGDITGRDPKQVIGKNFFKDVAPCTDSPEFYGKFKEGVASGNLNTMF
EYTFDYQMTPTKVKVHMKKALSGDSYWVFVKRV
;
_entity_poly.pdbx_strand_id   A
#
loop_
_chem_comp.id
_chem_comp.type
_chem_comp.name
_chem_comp.formula
HC4 non-polymer '4'-HYDROXYCINNAMIC ACID' 'C9 H8 O3'
#
# COMPACT_ATOMS: atom_id res chain seq x y z
N LEU A 14 7.20 -9.11 -8.76
CA LEU A 14 7.18 -7.63 -8.82
C LEU A 14 8.44 -7.05 -8.19
N ALA A 15 9.27 -6.44 -9.01
CA ALA A 15 10.44 -5.71 -8.53
C ALA A 15 10.05 -4.26 -8.27
N PHE A 16 8.77 -3.99 -8.47
CA PHE A 16 8.18 -2.69 -8.23
C PHE A 16 6.69 -2.88 -7.96
N GLY A 17 6.16 -2.14 -7.01
CA GLY A 17 4.74 -2.24 -6.70
C GLY A 17 4.48 -2.98 -5.40
N ALA A 18 5.49 -3.70 -4.92
CA ALA A 18 5.33 -4.52 -3.73
C ALA A 18 5.76 -3.79 -2.47
N ILE A 19 4.81 -3.31 -1.70
CA ILE A 19 5.10 -2.63 -0.45
C ILE A 19 4.45 -3.37 0.71
N GLN A 20 5.17 -3.46 1.81
CA GLN A 20 4.66 -4.12 3.00
C GLN A 20 4.47 -3.08 4.09
N LEU A 21 3.29 -3.07 4.68
CA LEU A 21 2.99 -2.14 5.75
C LEU A 21 2.39 -2.86 6.95
N ASP A 22 2.50 -2.24 8.10
CA ASP A 22 2.00 -2.82 9.32
C ASP A 22 0.52 -2.51 9.49
N GLY A 23 -0.19 -3.40 10.18
CA GLY A 23 -1.63 -3.27 10.32
C GLY A 23 -2.02 -2.30 11.40
N ASP A 24 -1.21 -1.28 11.58
CA ASP A 24 -1.46 -0.24 12.56
C ASP A 24 -1.43 1.13 11.90
N GLY A 25 -0.62 1.25 10.85
CA GLY A 25 -0.66 2.47 10.05
C GLY A 25 0.70 2.97 9.61
N ASN A 26 1.75 2.18 9.80
CA ASN A 26 3.08 2.62 9.39
C ASN A 26 3.69 1.70 8.34
N ILE A 27 4.36 2.31 7.36
CA ILE A 27 5.02 1.57 6.30
C ILE A 27 6.31 0.96 6.84
N LEU A 28 6.59 -0.28 6.46
CA LEU A 28 7.79 -0.95 6.94
C LEU A 28 8.85 -1.05 5.85
N GLN A 29 8.47 -1.58 4.70
CA GLN A 29 9.45 -1.79 3.63
C GLN A 29 8.80 -1.79 2.25
N TYR A 30 9.52 -1.27 1.27
CA TYR A 30 9.06 -1.27 -0.12
C TYR A 30 10.03 -2.08 -0.98
N ASN A 31 9.49 -3.07 -1.69
CA ASN A 31 10.31 -3.95 -2.50
C ASN A 31 10.54 -3.35 -3.87
N ALA A 32 11.70 -2.71 -4.01
CA ALA A 32 12.11 -2.05 -5.25
C ALA A 32 13.43 -1.34 -5.03
N ALA A 33 13.62 -0.85 -3.80
CA ALA A 33 14.84 -0.14 -3.46
C ALA A 33 15.98 -1.12 -3.20
N GLU A 34 16.71 -1.44 -4.24
CA GLU A 34 17.88 -2.30 -4.17
C GLU A 34 18.89 -1.86 -5.20
N GLY A 35 19.00 -0.56 -5.32
CA GLY A 35 19.86 0.05 -6.32
C GLY A 35 19.59 1.54 -6.40
N ASP A 36 20.37 2.32 -5.67
CA ASP A 36 20.17 3.75 -5.61
C ASP A 36 20.73 4.42 -6.85
N ILE A 37 19.90 4.49 -7.88
CA ILE A 37 20.31 5.05 -9.16
C ILE A 37 19.56 6.33 -9.47
N THR A 38 19.08 6.99 -8.43
CA THR A 38 18.37 8.24 -8.58
C THR A 38 18.83 9.24 -7.53
N GLY A 39 18.64 10.54 -7.80
CA GLY A 39 18.97 11.55 -6.82
C GLY A 39 17.73 12.24 -6.30
N ARG A 40 16.73 11.46 -5.97
CA ARG A 40 15.46 11.99 -5.48
C ARG A 40 15.55 12.27 -3.98
N ASP A 41 14.50 12.89 -3.46
CA ASP A 41 14.34 13.02 -2.02
C ASP A 41 13.63 11.79 -1.49
N PRO A 42 14.35 10.97 -0.71
CA PRO A 42 13.86 9.66 -0.25
C PRO A 42 12.83 9.75 0.87
N LYS A 43 12.19 10.90 1.02
CA LYS A 43 11.13 11.07 2.00
C LYS A 43 9.77 10.94 1.34
N GLN A 44 9.72 10.10 0.32
CA GLN A 44 8.50 9.89 -0.45
C GLN A 44 7.76 8.66 0.05
N VAL A 45 8.48 7.56 0.21
CA VAL A 45 7.90 6.31 0.64
C VAL A 45 8.61 5.78 1.88
N ILE A 46 8.02 4.72 2.48
CA ILE A 46 8.53 4.03 3.68
C ILE A 46 8.88 4.94 4.85
N GLY A 47 9.06 4.33 6.00
CA GLY A 47 9.36 5.07 7.22
C GLY A 47 8.25 6.04 7.53
N LYS A 48 7.02 5.60 7.33
CA LYS A 48 5.86 6.45 7.42
C LYS A 48 5.09 6.18 8.70
N ASN A 49 5.26 7.05 9.66
CA ASN A 49 4.46 7.03 10.88
C ASN A 49 3.30 7.99 10.70
N PHE A 50 2.10 7.45 10.56
CA PHE A 50 0.96 8.29 10.29
C PHE A 50 0.29 8.75 11.58
N PHE A 51 0.65 9.94 12.00
CA PHE A 51 0.09 10.55 13.19
C PHE A 51 -1.30 11.12 12.88
N LYS A 52 -2.13 11.24 13.91
CA LYS A 52 -3.49 11.74 13.74
C LYS A 52 -3.48 13.26 13.53
N ASP A 53 -3.07 13.67 12.34
CA ASP A 53 -3.02 15.09 11.98
C ASP A 53 -4.38 15.53 11.43
N VAL A 54 -5.35 14.60 11.50
CA VAL A 54 -6.70 14.83 10.99
C VAL A 54 -6.63 15.15 9.49
N ALA A 55 -6.25 14.14 8.72
CA ALA A 55 -6.16 14.27 7.28
C ALA A 55 -6.69 13.01 6.60
N PRO A 56 -8.01 12.92 6.41
CA PRO A 56 -8.63 11.76 5.77
C PRO A 56 -8.69 11.89 4.26
N CYS A 57 -8.12 12.96 3.73
CA CYS A 57 -8.12 13.19 2.30
C CYS A 57 -6.71 13.11 1.73
N THR A 58 -6.30 11.89 1.40
CA THR A 58 -5.09 11.68 0.64
C THR A 58 -5.39 10.74 -0.53
N ASP A 59 -6.35 11.17 -1.35
CA ASP A 59 -6.78 10.42 -2.54
C ASP A 59 -7.42 9.09 -2.19
N SER A 60 -7.72 8.89 -0.92
CA SER A 60 -8.34 7.64 -0.47
C SER A 60 -9.25 7.88 0.73
N PRO A 61 -10.50 8.29 0.50
CA PRO A 61 -11.49 8.42 1.57
C PRO A 61 -11.71 7.08 2.26
N GLU A 62 -12.02 6.07 1.46
CA GLU A 62 -11.97 4.70 1.92
C GLU A 62 -10.61 4.13 1.58
N PHE A 63 -9.89 3.70 2.60
CA PHE A 63 -8.52 3.24 2.44
C PHE A 63 -8.43 1.97 1.61
N TYR A 64 -7.76 2.08 0.45
CA TYR A 64 -7.46 0.95 -0.42
C TYR A 64 -8.71 0.11 -0.73
N GLY A 65 -8.74 -1.13 -0.25
CA GLY A 65 -9.86 -2.00 -0.50
C GLY A 65 -10.50 -2.47 0.78
N LYS A 66 -11.25 -1.57 1.42
CA LYS A 66 -11.84 -1.82 2.73
C LYS A 66 -10.75 -2.09 3.75
N PHE A 67 -9.60 -1.43 3.57
CA PHE A 67 -8.44 -1.62 4.44
C PHE A 67 -8.82 -1.48 5.92
N LYS A 68 -9.81 -0.62 6.20
CA LYS A 68 -10.22 -0.34 7.57
C LYS A 68 -10.90 -1.57 8.16
N GLU A 69 -11.62 -2.29 7.31
CA GLU A 69 -12.27 -3.53 7.71
C GLU A 69 -11.27 -4.67 7.63
N GLY A 70 -10.34 -4.55 6.68
CA GLY A 70 -9.33 -5.54 6.47
C GLY A 70 -8.56 -5.86 7.72
N VAL A 71 -8.26 -4.80 8.46
CA VAL A 71 -7.50 -4.90 9.68
C VAL A 71 -8.27 -5.69 10.75
N ALA A 72 -9.49 -5.27 11.00
CA ALA A 72 -10.24 -5.79 12.13
C ALA A 72 -10.95 -7.08 11.79
N SER A 73 -11.28 -7.26 10.52
CA SER A 73 -11.86 -8.50 10.06
C SER A 73 -10.83 -9.61 10.18
N GLY A 74 -9.56 -9.23 10.11
CA GLY A 74 -8.48 -10.17 10.31
C GLY A 74 -8.22 -11.02 9.09
N ASN A 75 -8.51 -10.48 7.92
CA ASN A 75 -8.29 -11.20 6.67
C ASN A 75 -8.14 -10.26 5.49
N LEU A 76 -7.30 -9.27 5.66
CA LEU A 76 -7.03 -8.31 4.62
C LEU A 76 -6.16 -8.92 3.54
N ASN A 77 -6.76 -9.69 2.66
CA ASN A 77 -6.06 -10.23 1.54
C ASN A 77 -6.99 -10.27 0.32
N THR A 78 -6.83 -9.31 -0.59
CA THR A 78 -7.67 -9.26 -1.78
C THR A 78 -6.89 -8.69 -2.95
N MET A 79 -7.22 -9.15 -4.14
CA MET A 79 -6.72 -8.56 -5.37
C MET A 79 -7.88 -7.85 -6.07
N PHE A 80 -7.77 -6.55 -6.18
CA PHE A 80 -8.82 -5.74 -6.77
C PHE A 80 -8.22 -4.78 -7.79
N GLU A 81 -8.76 -4.79 -8.99
CA GLU A 81 -8.31 -3.87 -10.03
C GLU A 81 -9.26 -2.68 -10.08
N TYR A 82 -8.69 -1.48 -10.06
CA TYR A 82 -9.49 -0.27 -10.09
C TYR A 82 -9.14 0.53 -11.34
N THR A 83 -10.11 0.68 -12.22
CA THR A 83 -9.91 1.44 -13.43
C THR A 83 -10.28 2.90 -13.22
N PHE A 84 -9.47 3.80 -13.73
CA PHE A 84 -9.76 5.22 -13.64
C PHE A 84 -10.23 5.73 -14.99
N ASP A 85 -11.54 5.78 -15.18
CA ASP A 85 -12.12 6.21 -16.44
C ASP A 85 -12.46 7.70 -16.38
N TYR A 86 -11.72 8.43 -15.56
CA TYR A 86 -11.88 9.87 -15.44
C TYR A 86 -10.82 10.60 -16.25
N GLN A 87 -10.68 11.89 -16.01
CA GLN A 87 -9.74 12.70 -16.77
C GLN A 87 -8.42 12.86 -15.99
N MET A 88 -8.51 13.41 -14.79
CA MET A 88 -7.32 13.72 -13.99
C MET A 88 -6.99 12.60 -13.00
N THR A 89 -7.27 11.36 -13.39
CA THR A 89 -7.02 10.23 -12.53
C THR A 89 -5.74 9.48 -12.92
N PRO A 90 -5.23 8.61 -12.02
CA PRO A 90 -4.07 7.76 -12.32
C PRO A 90 -4.41 6.64 -13.30
N THR A 91 -3.46 5.73 -13.52
CA THR A 91 -3.68 4.62 -14.42
C THR A 91 -4.37 3.45 -13.74
N LYS A 92 -4.94 2.57 -14.53
CA LYS A 92 -5.63 1.39 -14.00
C LYS A 92 -4.64 0.47 -13.30
N VAL A 93 -4.78 0.36 -11.98
CA VAL A 93 -3.91 -0.50 -11.20
C VAL A 93 -4.70 -1.62 -10.55
N LYS A 94 -3.98 -2.65 -10.15
CA LYS A 94 -4.57 -3.79 -9.47
C LYS A 94 -3.84 -4.01 -8.16
N VAL A 95 -4.60 -4.00 -7.07
CA VAL A 95 -3.99 -4.12 -5.74
C VAL A 95 -4.14 -5.52 -5.22
N HIS A 96 -3.04 -6.19 -4.95
CA HIS A 96 -3.11 -7.42 -4.21
C HIS A 96 -2.58 -7.16 -2.81
N MET A 97 -3.49 -7.08 -1.88
CA MET A 97 -3.14 -6.89 -0.48
C MET A 97 -3.16 -8.24 0.19
N LYS A 98 -2.28 -8.43 1.15
CA LYS A 98 -2.24 -9.70 1.85
C LYS A 98 -1.84 -9.48 3.29
N LYS A 99 -2.64 -9.98 4.20
CA LYS A 99 -2.27 -10.01 5.57
C LYS A 99 -0.96 -10.75 5.75
N ALA A 100 0.06 -9.99 6.16
CA ALA A 100 1.41 -10.50 6.28
C ALA A 100 1.43 -11.74 7.15
N LEU A 101 2.22 -12.72 6.75
CA LEU A 101 2.30 -13.98 7.47
C LEU A 101 2.97 -13.78 8.83
N SER A 102 3.50 -12.60 9.04
CA SER A 102 4.10 -12.24 10.32
C SER A 102 3.01 -12.07 11.38
N GLY A 103 1.88 -11.49 10.99
CA GLY A 103 0.80 -11.27 11.92
C GLY A 103 0.01 -10.00 11.63
N ASP A 104 0.21 -8.99 12.46
CA ASP A 104 -0.55 -7.74 12.37
C ASP A 104 0.10 -6.75 11.41
N SER A 105 0.13 -7.12 10.15
CA SER A 105 0.64 -6.30 9.07
C SER A 105 0.03 -6.77 7.77
N TYR A 106 0.01 -5.91 6.77
CA TYR A 106 -0.62 -6.25 5.49
C TYR A 106 0.20 -5.69 4.32
N TRP A 107 0.33 -6.47 3.26
CA TRP A 107 1.09 -6.05 2.11
C TRP A 107 0.21 -5.39 1.08
N VAL A 108 0.86 -4.68 0.18
CA VAL A 108 0.20 -3.98 -0.91
C VAL A 108 1.00 -4.19 -2.18
N PHE A 109 0.56 -5.09 -3.04
CA PHE A 109 1.20 -5.29 -4.34
C PHE A 109 0.37 -4.61 -5.42
N VAL A 110 0.84 -3.49 -5.93
CA VAL A 110 0.15 -2.82 -7.01
C VAL A 110 0.68 -3.28 -8.36
N LYS A 111 -0.20 -3.39 -9.33
CA LYS A 111 0.16 -3.86 -10.66
C LYS A 111 -0.73 -3.21 -11.70
N ARG A 112 -0.19 -2.31 -12.50
CA ARG A 112 -0.98 -1.64 -13.51
C ARG A 112 -1.23 -2.56 -14.69
N VAL A 113 -2.41 -2.45 -15.27
CA VAL A 113 -2.78 -3.23 -16.44
C VAL A 113 -2.66 -2.36 -17.68
C1 HC4 B . -10.79 16.40 1.79
O1 HC4 B . -9.92 17.25 1.82
C2 HC4 B . -12.21 16.57 1.21
C3 HC4 B . -12.73 17.68 0.64
C1' HC4 B . -12.12 18.97 0.30
C2' HC4 B . -12.91 19.93 -0.32
C3' HC4 B . -12.40 21.17 -0.65
C4' HC4 B . -11.09 21.48 -0.35
C5' HC4 B . -10.29 20.55 0.26
C6' HC4 B . -10.80 19.31 0.58
O4' HC4 B . -10.58 22.71 -0.68
H2 HC4 B . -12.90 15.75 1.36
H3 HC4 B . -13.76 17.47 0.36
H2' HC4 B . -13.96 19.74 -0.44
H3' HC4 B . -13.03 21.91 -1.13
H5' HC4 B . -9.26 20.78 0.50
H6' HC4 B . -10.17 18.59 1.07
HO4' HC4 B . -11.21 23.39 -0.44
N LEU A 14 11.59 -7.73 -8.82
CA LEU A 14 10.70 -6.82 -8.04
C LEU A 14 10.03 -5.82 -8.97
N ALA A 15 8.80 -5.47 -8.67
CA ALA A 15 8.06 -4.48 -9.42
C ALA A 15 8.18 -3.12 -8.74
N PHE A 16 7.38 -2.17 -9.18
CA PHE A 16 7.38 -0.84 -8.58
C PHE A 16 6.29 -0.73 -7.53
N GLY A 17 5.19 -1.44 -7.76
CA GLY A 17 4.09 -1.44 -6.82
C GLY A 17 4.14 -2.61 -5.88
N ALA A 18 5.07 -2.58 -4.94
CA ALA A 18 5.19 -3.65 -3.96
C ALA A 18 5.69 -3.09 -2.63
N ILE A 19 4.78 -2.92 -1.69
CA ILE A 19 5.12 -2.43 -0.37
C ILE A 19 4.51 -3.30 0.71
N GLN A 20 5.26 -3.51 1.76
CA GLN A 20 4.79 -4.28 2.88
C GLN A 20 4.69 -3.36 4.10
N LEU A 21 3.50 -3.28 4.67
CA LEU A 21 3.26 -2.39 5.79
C LEU A 21 2.45 -3.08 6.87
N ASP A 22 2.45 -2.49 8.04
CA ASP A 22 1.66 -3.04 9.15
C ASP A 22 0.35 -2.30 9.28
N GLY A 23 -0.64 -3.00 9.84
CA GLY A 23 -1.98 -2.46 9.96
C GLY A 23 -2.07 -1.35 10.98
N ASP A 24 -1.08 -1.28 11.84
CA ASP A 24 -1.00 -0.21 12.83
C ASP A 24 -0.82 1.14 12.14
N GLY A 25 -0.03 1.17 11.08
CA GLY A 25 0.10 2.36 10.28
C GLY A 25 1.55 2.73 10.02
N ASN A 26 2.39 1.72 9.79
CA ASN A 26 3.80 1.95 9.54
C ASN A 26 4.27 1.11 8.35
N ILE A 27 5.23 1.63 7.61
CA ILE A 27 5.82 0.87 6.52
C ILE A 27 6.98 0.00 7.06
N LEU A 28 7.02 -1.25 6.65
CA LEU A 28 8.08 -2.16 7.09
C LEU A 28 9.14 -2.32 6.00
N GLN A 29 8.69 -2.44 4.76
CA GLN A 29 9.62 -2.55 3.63
C GLN A 29 8.93 -2.17 2.32
N TYR A 30 9.68 -1.51 1.44
CA TYR A 30 9.19 -1.19 0.11
C TYR A 30 10.01 -1.97 -0.90
N ASN A 31 9.37 -2.89 -1.61
CA ASN A 31 10.08 -3.78 -2.52
C ASN A 31 10.14 -3.20 -3.91
N ALA A 32 11.20 -2.46 -4.16
CA ALA A 32 11.47 -1.87 -5.47
C ALA A 32 12.88 -1.31 -5.47
N ALA A 33 13.65 -1.67 -4.46
CA ALA A 33 14.98 -1.13 -4.28
C ALA A 33 15.94 -2.19 -3.75
N GLU A 34 16.84 -2.62 -4.60
CA GLU A 34 17.93 -3.51 -4.21
C GLU A 34 19.21 -3.02 -4.86
N GLY A 35 19.99 -2.28 -4.10
CA GLY A 35 21.13 -1.57 -4.64
C GLY A 35 20.84 -0.09 -4.72
N ASP A 36 19.57 0.26 -4.63
CA ASP A 36 19.14 1.65 -4.65
C ASP A 36 19.38 2.30 -3.30
N ILE A 37 20.41 3.13 -3.21
CA ILE A 37 20.70 3.85 -1.99
C ILE A 37 20.25 5.30 -2.13
N THR A 38 19.55 5.80 -1.12
CA THR A 38 19.00 7.15 -1.18
C THR A 38 19.59 8.03 -0.08
N GLY A 39 19.26 9.31 -0.13
CA GLY A 39 19.67 10.24 0.89
C GLY A 39 18.48 10.94 1.51
N ARG A 40 18.32 12.21 1.22
CA ARG A 40 17.10 12.92 1.60
C ARG A 40 16.02 12.66 0.56
N ASP A 41 15.25 11.61 0.78
CA ASP A 41 14.27 11.17 -0.21
C ASP A 41 12.89 11.01 0.42
N PRO A 42 11.98 11.94 0.12
CA PRO A 42 10.65 11.99 0.73
C PRO A 42 9.63 11.05 0.06
N LYS A 43 10.10 9.88 -0.37
CA LYS A 43 9.21 8.88 -0.95
C LYS A 43 8.53 8.06 0.15
N GLN A 44 7.77 7.05 -0.25
CA GLN A 44 7.14 6.16 0.70
C GLN A 44 7.93 4.86 0.83
N VAL A 45 9.22 4.96 0.52
CA VAL A 45 10.13 3.83 0.70
C VAL A 45 10.46 3.71 2.18
N ILE A 46 9.62 2.96 2.90
CA ILE A 46 9.67 2.81 4.37
C ILE A 46 10.02 4.14 5.06
N GLY A 47 9.03 5.02 5.05
CA GLY A 47 9.17 6.29 5.71
C GLY A 47 7.89 6.69 6.42
N LYS A 48 7.02 5.71 6.68
CA LYS A 48 5.76 5.97 7.37
C LYS A 48 5.85 5.47 8.80
N ASN A 49 5.77 6.38 9.76
CA ASN A 49 5.78 6.00 11.16
C ASN A 49 4.55 6.57 11.88
N PHE A 50 3.52 5.72 11.97
CA PHE A 50 2.26 6.03 12.64
C PHE A 50 1.84 7.50 12.51
N PHE A 51 1.29 7.85 11.36
CA PHE A 51 0.85 9.22 11.12
C PHE A 51 -0.62 9.36 11.50
N LYS A 52 -1.09 8.45 12.34
CA LYS A 52 -2.47 8.44 12.80
C LYS A 52 -2.58 9.02 14.21
N ASP A 53 -1.47 9.51 14.74
CA ASP A 53 -1.45 10.13 16.06
C ASP A 53 -1.97 11.56 15.96
N VAL A 54 -3.02 11.85 16.75
CA VAL A 54 -3.68 13.15 16.69
C VAL A 54 -4.13 13.44 15.27
N ALA A 55 -5.25 12.82 14.88
CA ALA A 55 -5.78 12.88 13.51
C ALA A 55 -5.65 14.27 12.90
N PRO A 56 -4.70 14.43 11.96
CA PRO A 56 -4.37 15.72 11.39
C PRO A 56 -5.22 16.07 10.17
N CYS A 57 -5.08 17.30 9.70
CA CYS A 57 -5.75 17.75 8.49
C CYS A 57 -5.20 17.00 7.29
N THR A 58 -6.08 16.34 6.55
CA THR A 58 -5.70 15.66 5.32
C THR A 58 -6.95 15.32 4.51
N ASP A 59 -6.75 15.10 3.21
CA ASP A 59 -7.84 14.67 2.35
C ASP A 59 -7.34 13.59 1.42
N SER A 60 -7.17 12.41 1.99
CA SER A 60 -6.75 11.23 1.24
C SER A 60 -7.26 10.00 1.95
N PRO A 61 -8.06 9.17 1.26
CA PRO A 61 -8.64 7.97 1.85
C PRO A 61 -7.63 6.84 1.99
N GLU A 62 -7.40 6.42 3.22
CA GLU A 62 -6.55 5.25 3.50
C GLU A 62 -7.37 3.98 3.28
N PHE A 63 -8.12 3.97 2.18
CA PHE A 63 -9.09 2.93 1.93
C PHE A 63 -8.47 1.71 1.28
N TYR A 64 -7.56 1.95 0.33
CA TYR A 64 -6.92 0.86 -0.43
C TYR A 64 -7.96 -0.09 -1.03
N GLY A 65 -8.21 -1.20 -0.33
CA GLY A 65 -9.26 -2.11 -0.70
C GLY A 65 -9.99 -2.60 0.53
N LYS A 66 -10.77 -1.70 1.13
CA LYS A 66 -11.44 -1.96 2.40
C LYS A 66 -10.42 -2.10 3.52
N PHE A 67 -9.30 -1.38 3.41
CA PHE A 67 -8.17 -1.53 4.33
C PHE A 67 -8.62 -1.52 5.81
N LYS A 68 -9.63 -0.69 6.11
CA LYS A 68 -10.10 -0.55 7.49
C LYS A 68 -10.82 -1.81 7.92
N GLU A 69 -11.59 -2.36 7.00
CA GLU A 69 -12.34 -3.57 7.26
C GLU A 69 -11.42 -4.76 7.19
N GLY A 70 -10.37 -4.63 6.39
CA GLY A 70 -9.37 -5.65 6.27
C GLY A 70 -8.69 -5.92 7.58
N VAL A 71 -8.43 -4.84 8.30
CA VAL A 71 -7.81 -4.89 9.61
C VAL A 71 -8.72 -5.59 10.61
N ALA A 72 -9.96 -5.13 10.68
CA ALA A 72 -10.88 -5.59 11.71
C ALA A 72 -11.43 -6.97 11.37
N SER A 73 -11.43 -7.27 10.08
CA SER A 73 -11.78 -8.61 9.64
C SER A 73 -10.72 -9.58 10.15
N GLY A 74 -9.48 -9.09 10.18
CA GLY A 74 -8.38 -9.86 10.71
C GLY A 74 -7.74 -10.72 9.65
N ASN A 75 -8.03 -10.42 8.39
CA ASN A 75 -7.54 -11.24 7.28
C ASN A 75 -7.64 -10.51 5.96
N LEU A 76 -7.05 -9.33 5.90
CA LEU A 76 -7.01 -8.53 4.70
C LEU A 76 -6.19 -9.21 3.61
N ASN A 77 -6.85 -9.92 2.71
CA ASN A 77 -6.16 -10.47 1.56
C ASN A 77 -7.08 -10.46 0.33
N THR A 78 -6.79 -9.57 -0.62
CA THR A 78 -7.57 -9.45 -1.84
C THR A 78 -6.70 -9.16 -3.04
N MET A 79 -7.26 -9.39 -4.22
CA MET A 79 -6.64 -8.96 -5.46
C MET A 79 -7.71 -8.69 -6.52
N PHE A 80 -7.79 -7.44 -6.92
CA PHE A 80 -8.78 -7.00 -7.88
C PHE A 80 -8.22 -5.84 -8.67
N GLU A 81 -8.55 -5.76 -9.94
CA GLU A 81 -8.15 -4.62 -10.74
C GLU A 81 -9.29 -3.61 -10.76
N TYR A 82 -9.03 -2.45 -10.20
CA TYR A 82 -10.07 -1.45 -10.00
C TYR A 82 -9.86 -0.29 -10.97
N THR A 83 -10.90 0.01 -11.72
CA THR A 83 -10.87 1.13 -12.65
C THR A 83 -11.51 2.37 -12.05
N PHE A 84 -11.04 3.51 -12.48
CA PHE A 84 -11.58 4.78 -12.03
C PHE A 84 -12.28 5.48 -13.19
N ASP A 85 -13.60 5.56 -13.12
CA ASP A 85 -14.41 6.20 -14.15
C ASP A 85 -14.30 5.43 -15.47
N TYR A 86 -14.77 6.01 -16.57
CA TYR A 86 -14.75 5.36 -17.86
C TYR A 86 -14.79 6.39 -19.00
N GLN A 87 -14.78 7.66 -18.64
CA GLN A 87 -14.84 8.74 -19.61
C GLN A 87 -13.53 9.53 -19.59
N MET A 88 -12.70 9.30 -20.60
CA MET A 88 -11.41 10.00 -20.72
C MET A 88 -10.50 9.69 -19.54
N THR A 89 -10.81 8.61 -18.83
CA THR A 89 -10.06 8.26 -17.63
C THR A 89 -9.63 6.79 -17.68
N PRO A 90 -8.40 6.53 -18.12
CA PRO A 90 -7.85 5.18 -18.20
C PRO A 90 -7.12 4.77 -16.93
N THR A 91 -7.53 5.33 -15.80
CA THR A 91 -6.90 5.05 -14.52
C THR A 91 -7.32 3.68 -14.00
N LYS A 92 -6.46 2.69 -14.21
CA LYS A 92 -6.70 1.34 -13.74
C LYS A 92 -5.56 0.91 -12.84
N VAL A 93 -5.90 0.32 -11.70
CA VAL A 93 -4.89 -0.24 -10.80
C VAL A 93 -5.24 -1.67 -10.42
N LYS A 94 -4.24 -2.39 -9.97
CA LYS A 94 -4.44 -3.73 -9.44
C LYS A 94 -4.05 -3.73 -7.97
N VAL A 95 -4.95 -4.14 -7.11
CA VAL A 95 -4.67 -4.17 -5.68
C VAL A 95 -4.52 -5.58 -5.16
N HIS A 96 -3.30 -6.00 -4.92
CA HIS A 96 -3.07 -7.28 -4.28
C HIS A 96 -2.55 -7.04 -2.88
N MET A 97 -3.40 -7.24 -1.91
CA MET A 97 -3.05 -7.03 -0.52
C MET A 97 -3.17 -8.34 0.21
N LYS A 98 -2.29 -8.57 1.16
CA LYS A 98 -2.34 -9.81 1.90
C LYS A 98 -1.84 -9.60 3.30
N LYS A 99 -2.61 -10.06 4.26
CA LYS A 99 -2.22 -10.01 5.63
C LYS A 99 -0.91 -10.76 5.83
N ALA A 100 0.11 -10.00 6.21
CA ALA A 100 1.44 -10.53 6.38
C ALA A 100 1.46 -11.59 7.48
N LEU A 101 2.29 -12.60 7.31
CA LEU A 101 2.37 -13.70 8.26
C LEU A 101 2.92 -13.27 9.62
N SER A 102 3.22 -11.98 9.76
CA SER A 102 3.77 -11.45 11.01
C SER A 102 2.65 -10.96 11.93
N GLY A 103 1.40 -11.20 11.54
CA GLY A 103 0.28 -10.81 12.37
C GLY A 103 -0.28 -9.46 11.97
N ASP A 104 -0.04 -8.45 12.79
CA ASP A 104 -0.51 -7.09 12.46
C ASP A 104 0.35 -6.48 11.38
N SER A 105 -0.02 -6.76 10.14
CA SER A 105 0.65 -6.23 8.97
C SER A 105 -0.02 -6.76 7.73
N TYR A 106 0.02 -5.99 6.66
CA TYR A 106 -0.62 -6.36 5.40
C TYR A 106 0.20 -5.84 4.23
N TRP A 107 0.38 -6.66 3.20
CA TRP A 107 1.16 -6.26 2.07
C TRP A 107 0.29 -5.52 1.06
N VAL A 108 0.94 -4.76 0.21
CA VAL A 108 0.27 -3.96 -0.79
C VAL A 108 1.03 -4.04 -2.12
N PHE A 109 0.50 -4.80 -3.07
CA PHE A 109 1.09 -4.87 -4.39
C PHE A 109 0.16 -4.19 -5.38
N VAL A 110 0.62 -3.12 -5.99
CA VAL A 110 -0.20 -2.40 -6.95
C VAL A 110 0.41 -2.45 -8.35
N LYS A 111 -0.45 -2.31 -9.34
CA LYS A 111 -0.05 -2.32 -10.72
C LYS A 111 -0.94 -1.38 -11.50
N ARG A 112 -0.39 -0.27 -11.94
CA ARG A 112 -1.13 0.73 -12.67
C ARG A 112 -1.16 0.38 -14.16
N VAL A 113 -2.37 0.33 -14.70
CA VAL A 113 -2.61 0.03 -16.11
C VAL A 113 -2.13 -1.38 -16.47
C1 HC4 B . -5.29 19.46 5.52
O1 HC4 B . -5.72 18.84 4.56
C2 HC4 B . -3.81 19.86 5.74
C3 HC4 B . -2.76 19.59 4.93
C1' HC4 B . -2.65 18.76 3.73
C2' HC4 B . -1.41 18.62 3.13
C3' HC4 B . -1.23 17.89 1.97
C4' HC4 B . -2.31 17.26 1.40
C5' HC4 B . -3.56 17.38 1.96
C6' HC4 B . -3.73 18.12 3.12
O4' HC4 B . -2.14 16.52 0.25
H2 HC4 B . -3.61 20.53 6.57
H3 HC4 B . -1.88 20.03 5.37
H2' HC4 B . -0.55 19.08 3.61
H3' HC4 B . -0.25 17.80 1.53
H5' HC4 B . -4.40 16.88 1.51
H6' HC4 B . -4.70 18.21 3.55
HO4' HC4 B . -1.39 15.94 0.35
N LEU A 14 13.19 -3.60 -13.18
CA LEU A 14 12.43 -2.42 -12.71
C LEU A 14 10.96 -2.74 -12.47
N ALA A 15 10.69 -3.99 -12.16
CA ALA A 15 9.32 -4.42 -11.90
C ALA A 15 8.97 -4.26 -10.42
N PHE A 16 8.42 -3.11 -10.07
CA PHE A 16 8.06 -2.82 -8.69
C PHE A 16 6.55 -2.97 -8.48
N GLY A 17 6.09 -2.56 -7.31
CA GLY A 17 4.68 -2.70 -6.98
C GLY A 17 4.46 -3.73 -5.89
N ALA A 18 5.35 -3.76 -4.92
CA ALA A 18 5.24 -4.70 -3.82
C ALA A 18 5.71 -4.06 -2.52
N ILE A 19 4.78 -3.69 -1.65
CA ILE A 19 5.14 -3.07 -0.39
C ILE A 19 4.38 -3.69 0.76
N GLN A 20 5.07 -3.87 1.87
CA GLN A 20 4.45 -4.37 3.07
C GLN A 20 4.35 -3.28 4.12
N LEU A 21 3.16 -3.14 4.67
CA LEU A 21 2.93 -2.16 5.73
C LEU A 21 2.25 -2.84 6.91
N ASP A 22 2.36 -2.23 8.06
CA ASP A 22 1.77 -2.82 9.26
C ASP A 22 0.30 -2.46 9.39
N GLY A 23 -0.39 -3.20 10.25
CA GLY A 23 -1.81 -2.96 10.50
C GLY A 23 -2.04 -1.79 11.42
N ASP A 24 -1.05 -0.92 11.50
CA ASP A 24 -1.12 0.26 12.34
C ASP A 24 -1.18 1.52 11.49
N GLY A 25 -0.62 1.43 10.29
CA GLY A 25 -0.60 2.57 9.38
C GLY A 25 0.81 2.98 9.03
N ASN A 26 1.78 2.15 9.39
CA ASN A 26 3.18 2.44 9.14
C ASN A 26 3.73 1.54 8.04
N ILE A 27 4.61 2.08 7.22
CA ILE A 27 5.25 1.31 6.19
C ILE A 27 6.39 0.50 6.80
N LEU A 28 6.54 -0.74 6.38
CA LEU A 28 7.55 -1.62 6.95
C LEU A 28 8.71 -1.82 5.98
N GLN A 29 8.39 -2.21 4.75
CA GLN A 29 9.44 -2.51 3.76
C GLN A 29 8.87 -2.53 2.35
N TYR A 30 9.69 -2.11 1.39
CA TYR A 30 9.29 -2.12 -0.02
C TYR A 30 10.14 -3.12 -0.80
N ASN A 31 9.57 -3.67 -1.86
CA ASN A 31 10.25 -4.64 -2.69
C ASN A 31 10.15 -4.24 -4.16
N ALA A 32 11.26 -4.32 -4.87
CA ALA A 32 11.30 -4.01 -6.29
C ALA A 32 12.20 -4.99 -7.02
N ALA A 33 11.94 -5.20 -8.30
CA ALA A 33 12.77 -6.09 -9.10
C ALA A 33 13.89 -5.33 -9.78
N GLU A 34 15.04 -5.30 -9.11
CA GLU A 34 16.24 -4.62 -9.59
C GLU A 34 16.06 -3.09 -9.63
N GLY A 35 16.64 -2.43 -8.65
CA GLY A 35 16.52 -0.99 -8.54
C GLY A 35 16.30 -0.57 -7.10
N ASP A 36 16.93 -1.27 -6.18
CA ASP A 36 16.77 -1.03 -4.75
C ASP A 36 17.52 0.23 -4.35
N ILE A 37 16.77 1.34 -4.24
CA ILE A 37 17.32 2.67 -3.89
C ILE A 37 18.72 2.90 -4.43
N THR A 38 18.91 2.59 -5.71
CA THR A 38 20.20 2.72 -6.36
C THR A 38 20.32 4.08 -7.05
N GLY A 39 20.72 5.09 -6.29
CA GLY A 39 20.86 6.42 -6.84
C GLY A 39 20.20 7.46 -5.98
N ARG A 40 18.87 7.57 -6.12
CA ARG A 40 18.09 8.54 -5.36
C ARG A 40 16.74 7.92 -5.03
N ASP A 41 16.10 8.41 -3.98
CA ASP A 41 14.75 7.96 -3.65
C ASP A 41 13.72 9.01 -4.06
N PRO A 42 12.98 8.73 -5.14
CA PRO A 42 11.96 9.65 -5.65
C PRO A 42 10.66 9.58 -4.85
N LYS A 43 10.39 8.41 -4.27
CA LYS A 43 9.20 8.20 -3.48
C LYS A 43 9.57 7.64 -2.13
N GLN A 44 9.34 8.40 -1.08
CA GLN A 44 9.69 7.99 0.26
C GLN A 44 8.43 7.64 1.04
N VAL A 45 7.53 6.92 0.37
CA VAL A 45 6.37 6.35 1.05
C VAL A 45 6.81 5.36 2.12
N ILE A 46 7.89 4.65 1.84
CA ILE A 46 8.50 3.77 2.81
C ILE A 46 9.24 4.59 3.88
N GLY A 47 9.24 4.09 5.10
CA GLY A 47 9.86 4.82 6.18
C GLY A 47 8.84 5.53 7.03
N LYS A 48 7.58 5.39 6.66
CA LYS A 48 6.48 5.98 7.42
C LYS A 48 6.33 5.25 8.75
N ASN A 49 7.03 5.74 9.76
CA ASN A 49 6.88 5.23 11.11
C ASN A 49 6.57 6.39 12.04
N PHE A 50 5.29 6.60 12.30
CA PHE A 50 4.84 7.73 13.08
C PHE A 50 3.59 7.37 13.87
N PHE A 51 3.60 7.66 15.16
CA PHE A 51 2.45 7.41 16.00
C PHE A 51 1.65 8.70 16.19
N LYS A 52 2.11 9.75 15.54
CA LYS A 52 1.43 11.04 15.60
C LYS A 52 0.51 11.20 14.39
N ASP A 53 0.73 10.37 13.38
CA ASP A 53 0.03 10.49 12.10
C ASP A 53 -1.44 10.10 12.27
N VAL A 54 -2.32 11.08 12.13
CA VAL A 54 -3.74 10.86 12.38
C VAL A 54 -4.63 11.54 11.32
N ALA A 55 -4.13 12.64 10.75
CA ALA A 55 -4.91 13.52 9.85
C ALA A 55 -5.84 12.76 8.90
N PRO A 56 -7.16 12.88 9.13
CA PRO A 56 -8.17 12.37 8.21
C PRO A 56 -8.29 13.26 6.98
N CYS A 57 -8.07 14.57 7.20
CA CYS A 57 -8.14 15.57 6.13
C CYS A 57 -9.53 15.64 5.49
N THR A 58 -9.67 16.54 4.53
CA THR A 58 -10.87 16.57 3.70
C THR A 58 -10.78 15.48 2.64
N ASP A 59 -9.61 15.39 2.01
CA ASP A 59 -9.30 14.30 1.11
C ASP A 59 -8.91 13.08 1.91
N SER A 60 -9.77 12.07 1.91
CA SER A 60 -9.55 10.87 2.71
C SER A 60 -8.38 10.05 2.18
N PRO A 61 -7.51 9.53 3.08
CA PRO A 61 -6.39 8.68 2.71
C PRO A 61 -6.83 7.43 1.95
N GLU A 62 -5.89 6.81 1.23
CA GLU A 62 -6.19 5.66 0.38
C GLU A 62 -6.60 4.45 1.23
N PHE A 63 -7.77 3.89 0.93
CA PHE A 63 -8.27 2.73 1.64
C PHE A 63 -7.72 1.44 1.03
N TYR A 64 -6.96 1.59 -0.07
CA TYR A 64 -6.36 0.46 -0.77
C TYR A 64 -7.40 -0.59 -1.15
N GLY A 65 -7.40 -1.73 -0.44
CA GLY A 65 -8.35 -2.77 -0.72
C GLY A 65 -9.31 -2.96 0.43
N LYS A 66 -10.04 -1.89 0.75
CA LYS A 66 -10.97 -1.88 1.88
C LYS A 66 -10.20 -2.10 3.19
N PHE A 67 -9.01 -1.51 3.27
CA PHE A 67 -8.10 -1.70 4.41
C PHE A 67 -8.80 -1.53 5.75
N LYS A 68 -9.83 -0.65 5.77
CA LYS A 68 -10.57 -0.36 7.00
C LYS A 68 -11.26 -1.61 7.53
N GLU A 69 -11.87 -2.35 6.61
CA GLU A 69 -12.60 -3.56 6.98
C GLU A 69 -11.66 -4.75 6.95
N GLY A 70 -10.58 -4.62 6.18
CA GLY A 70 -9.59 -5.65 6.07
C GLY A 70 -8.97 -6.00 7.39
N VAL A 71 -8.76 -4.98 8.20
CA VAL A 71 -8.18 -5.15 9.53
C VAL A 71 -9.18 -5.85 10.45
N ALA A 72 -10.41 -5.35 10.44
CA ALA A 72 -11.42 -5.78 11.40
C ALA A 72 -12.03 -7.11 11.01
N SER A 73 -11.97 -7.42 9.72
CA SER A 73 -12.40 -8.73 9.26
C SER A 73 -11.43 -9.79 9.78
N GLY A 74 -10.18 -9.36 10.00
CA GLY A 74 -9.18 -10.25 10.53
C GLY A 74 -8.55 -11.11 9.47
N ASN A 75 -8.69 -10.67 8.22
CA ASN A 75 -8.18 -11.43 7.08
C ASN A 75 -8.08 -10.56 5.84
N LEU A 76 -7.35 -9.47 5.97
CA LEU A 76 -7.09 -8.59 4.86
C LEU A 76 -6.18 -9.23 3.83
N ASN A 77 -6.76 -10.02 2.95
CA ASN A 77 -6.03 -10.55 1.83
C ASN A 77 -6.96 -10.64 0.61
N THR A 78 -6.85 -9.65 -0.28
CA THR A 78 -7.79 -9.51 -1.39
C THR A 78 -7.07 -8.93 -2.62
N MET A 79 -7.59 -9.26 -3.79
CA MET A 79 -7.08 -8.68 -5.04
C MET A 79 -8.22 -8.01 -5.79
N PHE A 80 -7.99 -6.77 -6.19
CA PHE A 80 -9.00 -5.98 -6.87
C PHE A 80 -8.32 -4.97 -7.81
N GLU A 81 -8.93 -4.73 -8.96
CA GLU A 81 -8.41 -3.73 -9.88
C GLU A 81 -9.13 -2.41 -9.65
N TYR A 82 -8.38 -1.40 -9.25
CA TYR A 82 -8.96 -0.11 -8.91
C TYR A 82 -8.58 0.90 -9.99
N THR A 83 -9.41 0.97 -11.00
CA THR A 83 -9.11 1.75 -12.16
C THR A 83 -9.50 3.22 -11.99
N PHE A 84 -8.71 4.10 -12.58
CA PHE A 84 -9.03 5.51 -12.66
C PHE A 84 -8.95 5.91 -14.12
N ASP A 85 -10.07 6.36 -14.68
CA ASP A 85 -10.14 6.68 -16.09
C ASP A 85 -9.65 8.09 -16.39
N TYR A 86 -10.49 8.91 -17.01
CA TYR A 86 -10.07 10.21 -17.48
C TYR A 86 -10.68 11.33 -16.62
N GLN A 87 -11.28 10.94 -15.52
CA GLN A 87 -11.90 11.90 -14.61
C GLN A 87 -10.87 12.49 -13.65
N MET A 88 -10.00 13.34 -14.19
CA MET A 88 -8.88 13.97 -13.47
C MET A 88 -8.06 12.95 -12.66
N THR A 89 -8.16 11.69 -13.03
CA THR A 89 -7.46 10.63 -12.34
C THR A 89 -6.12 10.30 -13.01
N PRO A 90 -5.14 9.82 -12.25
CA PRO A 90 -3.79 9.57 -12.75
C PRO A 90 -3.67 8.26 -13.52
N THR A 91 -3.67 7.15 -12.81
CA THR A 91 -3.40 5.85 -13.40
C THR A 91 -4.47 4.84 -13.06
N LYS A 92 -4.48 3.75 -13.79
CA LYS A 92 -5.21 2.57 -13.39
C LYS A 92 -4.29 1.71 -12.53
N VAL A 93 -4.76 1.27 -11.37
CA VAL A 93 -3.95 0.43 -10.51
C VAL A 93 -4.69 -0.85 -10.15
N LYS A 94 -3.94 -1.81 -9.66
CA LYS A 94 -4.50 -3.06 -9.19
C LYS A 94 -3.85 -3.42 -7.87
N VAL A 95 -4.63 -3.93 -6.93
CA VAL A 95 -4.10 -4.27 -5.63
C VAL A 95 -4.20 -5.75 -5.35
N HIS A 96 -3.18 -6.24 -4.70
CA HIS A 96 -3.22 -7.53 -4.07
C HIS A 96 -2.67 -7.34 -2.66
N MET A 97 -3.55 -7.34 -1.71
CA MET A 97 -3.17 -7.14 -0.32
C MET A 97 -3.25 -8.45 0.39
N LYS A 98 -2.40 -8.66 1.38
CA LYS A 98 -2.45 -9.87 2.14
C LYS A 98 -1.91 -9.63 3.53
N LYS A 99 -2.62 -10.13 4.52
CA LYS A 99 -2.15 -10.08 5.86
C LYS A 99 -0.80 -10.77 5.95
N ALA A 100 0.21 -9.98 6.29
CA ALA A 100 1.59 -10.41 6.28
C ALA A 100 1.81 -11.52 7.29
N LEU A 101 2.58 -12.53 6.91
CA LEU A 101 2.91 -13.62 7.81
C LEU A 101 3.90 -13.13 8.87
N SER A 102 4.40 -11.91 8.67
CA SER A 102 5.25 -11.26 9.63
C SER A 102 4.47 -10.97 10.92
N GLY A 103 3.19 -10.64 10.76
CA GLY A 103 2.33 -10.38 11.90
C GLY A 103 2.01 -8.90 12.06
N ASP A 104 0.76 -8.61 12.41
CA ASP A 104 0.26 -7.24 12.58
C ASP A 104 0.66 -6.34 11.43
N SER A 105 0.49 -6.86 10.22
CA SER A 105 0.85 -6.15 9.03
C SER A 105 0.11 -6.73 7.82
N TYR A 106 -0.03 -5.92 6.79
CA TYR A 106 -0.70 -6.33 5.56
C TYR A 106 0.06 -5.79 4.36
N TRP A 107 0.23 -6.62 3.34
CA TRP A 107 0.94 -6.19 2.16
C TRP A 107 0.05 -5.44 1.22
N VAL A 108 0.68 -4.72 0.32
CA VAL A 108 0.01 -3.99 -0.74
C VAL A 108 0.80 -4.16 -2.02
N PHE A 109 0.40 -5.11 -2.84
CA PHE A 109 0.98 -5.25 -4.16
C PHE A 109 0.15 -4.41 -5.13
N VAL A 110 0.65 -3.24 -5.49
CA VAL A 110 -0.06 -2.35 -6.38
C VAL A 110 0.72 -2.13 -7.66
N LYS A 111 0.04 -2.22 -8.80
CA LYS A 111 0.69 -2.11 -10.08
C LYS A 111 -0.22 -1.35 -11.04
N ARG A 112 0.39 -0.56 -11.91
CA ARG A 112 -0.37 0.25 -12.85
C ARG A 112 -0.81 -0.57 -14.06
N VAL A 113 -1.90 -0.10 -14.67
CA VAL A 113 -2.49 -0.67 -15.89
C VAL A 113 -2.37 -2.20 -15.97
C1 HC4 B . -4.53 14.70 4.12
O1 HC4 B . -5.08 13.93 3.36
C2 HC4 B . -3.12 15.31 3.93
C3 HC4 B . -2.27 15.12 2.91
C1' HC4 B . -2.39 14.29 1.69
C2' HC4 B . -1.33 14.27 0.79
C3' HC4 B . -1.37 13.51 -0.37
C4' HC4 B . -2.48 12.75 -0.64
C5' HC4 B . -3.55 12.74 0.23
C6' HC4 B . -3.50 13.50 1.38
O4' HC4 B . -2.53 11.99 -1.79
H2 HC4 B . -2.78 15.98 4.71
H3 HC4 B . -1.38 15.69 3.07
H2' HC4 B . -0.50 14.95 0.94
H3' HC4 B . -0.53 13.52 -1.05
H5' HC4 B . -4.42 12.14 0.02
H6' HC4 B . -4.33 13.49 2.06
HO4' HC4 B . -1.71 11.49 -1.89
N LEU A 14 8.70 -12.62 -9.96
CA LEU A 14 8.80 -11.15 -9.80
C LEU A 14 7.42 -10.55 -9.54
N ALA A 15 7.33 -9.75 -8.49
CA ALA A 15 6.09 -9.06 -8.17
C ALA A 15 6.30 -7.55 -8.18
N PHE A 16 5.58 -6.87 -9.04
CA PHE A 16 5.71 -5.42 -9.19
C PHE A 16 4.95 -4.69 -8.09
N GLY A 17 5.41 -3.49 -7.76
CA GLY A 17 4.73 -2.66 -6.79
C GLY A 17 4.55 -3.33 -5.44
N ALA A 18 5.60 -3.97 -4.96
CA ALA A 18 5.51 -4.74 -3.73
C ALA A 18 5.93 -3.92 -2.52
N ILE A 19 4.95 -3.46 -1.75
CA ILE A 19 5.22 -2.75 -0.51
C ILE A 19 4.43 -3.37 0.63
N GLN A 20 5.07 -3.46 1.78
CA GLN A 20 4.42 -4.02 2.95
C GLN A 20 4.21 -2.97 4.02
N LEU A 21 3.01 -2.97 4.57
CA LEU A 21 2.68 -2.09 5.67
C LEU A 21 2.22 -2.89 6.88
N ASP A 22 2.26 -2.27 8.02
CA ASP A 22 1.84 -2.95 9.25
C ASP A 22 0.35 -2.72 9.50
N GLY A 23 -0.26 -3.67 10.21
CA GLY A 23 -1.66 -3.56 10.55
C GLY A 23 -1.87 -2.63 11.73
N ASP A 24 -0.96 -1.68 11.84
CA ASP A 24 -0.97 -0.70 12.91
C ASP A 24 -1.29 0.67 12.34
N GLY A 25 -0.81 0.93 11.13
CA GLY A 25 -1.14 2.17 10.46
C GLY A 25 0.09 2.89 9.92
N ASN A 26 1.17 2.16 9.72
CA ASN A 26 2.40 2.74 9.21
C ASN A 26 3.00 1.86 8.11
N ILE A 27 3.75 2.47 7.21
CA ILE A 27 4.46 1.72 6.19
C ILE A 27 5.68 1.06 6.81
N LEU A 28 5.98 -0.16 6.40
CA LEU A 28 7.08 -0.90 6.99
C LEU A 28 8.28 -0.98 6.04
N GLN A 29 8.03 -1.42 4.81
CA GLN A 29 9.12 -1.53 3.84
C GLN A 29 8.58 -1.60 2.41
N TYR A 30 9.30 -0.94 1.51
CA TYR A 30 9.02 -1.06 0.08
C TYR A 30 10.10 -1.93 -0.55
N ASN A 31 9.70 -2.80 -1.46
CA ASN A 31 10.64 -3.70 -2.12
C ASN A 31 10.94 -3.18 -3.51
N ALA A 32 12.21 -2.91 -3.78
CA ALA A 32 12.63 -2.45 -5.09
C ALA A 32 12.56 -3.59 -6.10
N ALA A 33 11.39 -3.75 -6.69
CA ALA A 33 11.18 -4.80 -7.68
C ALA A 33 11.67 -4.34 -9.04
N GLU A 34 12.43 -5.20 -9.71
CA GLU A 34 12.95 -4.88 -11.03
C GLU A 34 11.84 -4.88 -12.06
N GLY A 35 12.15 -4.33 -13.23
CA GLY A 35 11.17 -4.26 -14.28
C GLY A 35 10.83 -2.83 -14.62
N ASP A 36 9.90 -2.26 -13.88
CA ASP A 36 9.47 -0.89 -14.12
C ASP A 36 9.04 -0.22 -12.82
N ILE A 37 9.97 0.50 -12.20
CA ILE A 37 9.70 1.25 -10.98
C ILE A 37 10.20 2.68 -11.11
N THR A 38 9.85 3.33 -12.21
CA THR A 38 10.35 4.65 -12.52
C THR A 38 9.70 5.71 -11.62
N GLY A 39 10.45 6.75 -11.27
CA GLY A 39 9.95 7.80 -10.39
C GLY A 39 11.07 8.43 -9.60
N ARG A 40 10.77 9.53 -8.91
CA ARG A 40 11.76 10.24 -8.11
C ARG A 40 11.22 10.60 -6.73
N ASP A 41 10.65 9.63 -6.04
CA ASP A 41 10.14 9.85 -4.69
C ASP A 41 10.14 8.56 -3.88
N PRO A 42 11.19 8.33 -3.10
CA PRO A 42 11.26 7.20 -2.18
C PRO A 42 10.44 7.45 -0.91
N LYS A 43 10.70 8.56 -0.23
CA LYS A 43 9.99 8.89 1.00
C LYS A 43 8.63 9.49 0.68
N GLN A 44 7.70 8.62 0.37
CA GLN A 44 6.33 9.00 0.07
C GLN A 44 5.44 7.78 0.19
N VAL A 45 5.89 6.69 -0.42
CA VAL A 45 5.26 5.40 -0.21
C VAL A 45 5.74 4.79 1.11
N ILE A 46 7.02 5.02 1.42
CA ILE A 46 7.60 4.56 2.68
C ILE A 46 7.92 5.73 3.57
N GLY A 47 8.22 5.43 4.82
CA GLY A 47 8.54 6.46 5.78
C GLY A 47 7.29 7.05 6.39
N LYS A 48 6.15 6.42 6.11
CA LYS A 48 4.88 6.89 6.62
C LYS A 48 4.75 6.49 8.07
N ASN A 49 5.27 7.34 8.94
CA ASN A 49 5.22 7.11 10.36
C ASN A 49 4.48 8.22 11.06
N PHE A 50 3.19 8.01 11.28
CA PHE A 50 2.32 9.00 11.90
C PHE A 50 1.21 8.29 12.66
N PHE A 51 0.67 8.95 13.67
CA PHE A 51 -0.49 8.41 14.39
C PHE A 51 -1.65 8.24 13.41
N LYS A 52 -1.93 9.30 12.66
CA LYS A 52 -2.92 9.26 11.60
C LYS A 52 -2.78 10.49 10.72
N ASP A 53 -2.78 10.27 9.42
CA ASP A 53 -2.75 11.38 8.45
C ASP A 53 -2.95 10.85 7.04
N VAL A 54 -4.00 11.32 6.38
CA VAL A 54 -4.32 10.89 5.04
C VAL A 54 -5.04 12.02 4.26
N ALA A 55 -4.57 13.24 4.52
CA ALA A 55 -5.16 14.45 3.95
C ALA A 55 -6.62 14.63 4.40
N PRO A 56 -6.87 15.59 5.31
CA PRO A 56 -8.17 15.77 5.98
C PRO A 56 -9.35 15.94 5.02
N CYS A 57 -9.10 16.46 3.83
CA CYS A 57 -10.18 16.77 2.92
C CYS A 57 -10.52 15.62 1.97
N THR A 58 -9.63 14.65 1.85
CA THR A 58 -9.81 13.57 0.88
C THR A 58 -10.03 12.21 1.53
N ASP A 59 -10.40 11.24 0.70
CA ASP A 59 -10.54 9.86 1.15
C ASP A 59 -10.12 8.94 0.02
N SER A 60 -9.60 7.77 0.36
CA SER A 60 -9.02 6.84 -0.60
C SER A 60 -7.90 7.53 -1.39
N PRO A 61 -6.70 7.64 -0.79
CA PRO A 61 -5.56 8.34 -1.40
C PRO A 61 -5.07 7.66 -2.67
N GLU A 62 -4.78 6.37 -2.56
CA GLU A 62 -4.26 5.59 -3.68
C GLU A 62 -4.31 4.09 -3.38
N PHE A 63 -3.79 3.72 -2.22
CA PHE A 63 -3.83 2.33 -1.79
C PHE A 63 -4.95 2.10 -0.79
N TYR A 64 -6.09 1.64 -1.26
CA TYR A 64 -7.22 1.37 -0.38
C TYR A 64 -8.15 0.33 -1.01
N GLY A 65 -8.23 -0.84 -0.38
CA GLY A 65 -9.16 -1.85 -0.83
C GLY A 65 -9.99 -2.37 0.30
N LYS A 66 -10.91 -1.53 0.80
CA LYS A 66 -11.66 -1.82 2.02
C LYS A 66 -10.69 -2.02 3.17
N PHE A 67 -9.67 -1.18 3.20
CA PHE A 67 -8.59 -1.27 4.18
C PHE A 67 -9.13 -1.22 5.61
N LYS A 68 -10.19 -0.41 5.83
CA LYS A 68 -10.78 -0.27 7.15
C LYS A 68 -11.28 -1.62 7.67
N GLU A 69 -11.79 -2.43 6.76
CA GLU A 69 -12.33 -3.73 7.11
C GLU A 69 -11.21 -4.76 7.11
N GLY A 70 -10.30 -4.63 6.16
CA GLY A 70 -9.20 -5.54 6.03
C GLY A 70 -8.39 -5.64 7.30
N VAL A 71 -8.14 -4.48 7.89
CA VAL A 71 -7.34 -4.36 9.10
C VAL A 71 -8.12 -4.87 10.30
N ALA A 72 -9.34 -4.37 10.47
CA ALA A 72 -10.07 -4.59 11.70
C ALA A 72 -10.63 -6.00 11.76
N SER A 73 -10.96 -6.54 10.60
CA SER A 73 -11.36 -7.94 10.53
C SER A 73 -10.14 -8.83 10.74
N GLY A 74 -8.97 -8.27 10.45
CA GLY A 74 -7.74 -8.97 10.71
C GLY A 74 -7.43 -10.01 9.67
N ASN A 75 -7.83 -9.73 8.44
CA ASN A 75 -7.60 -10.68 7.35
C ASN A 75 -7.63 -10.00 5.99
N LEU A 76 -6.87 -8.91 5.87
CA LEU A 76 -6.78 -8.20 4.62
C LEU A 76 -5.94 -8.96 3.61
N ASN A 77 -6.57 -9.83 2.84
CA ASN A 77 -5.87 -10.53 1.79
C ASN A 77 -6.82 -10.71 0.59
N THR A 78 -6.64 -9.87 -0.43
CA THR A 78 -7.49 -9.94 -1.60
C THR A 78 -6.94 -9.09 -2.73
N MET A 79 -7.42 -9.34 -3.92
CA MET A 79 -7.09 -8.54 -5.08
C MET A 79 -8.26 -7.64 -5.43
N PHE A 80 -7.95 -6.38 -5.73
CA PHE A 80 -8.95 -5.40 -6.08
C PHE A 80 -8.36 -4.42 -7.09
N GLU A 81 -9.03 -4.22 -8.20
CA GLU A 81 -8.52 -3.32 -9.21
C GLU A 81 -9.14 -1.94 -9.06
N TYR A 82 -8.28 -0.94 -9.09
CA TYR A 82 -8.66 0.42 -8.82
C TYR A 82 -8.64 1.21 -10.12
N THR A 83 -9.80 1.31 -10.75
CA THR A 83 -9.92 1.98 -12.02
C THR A 83 -10.24 3.45 -11.81
N PHE A 84 -9.79 4.28 -12.75
CA PHE A 84 -10.06 5.70 -12.70
C PHE A 84 -11.55 6.00 -12.85
N ASP A 85 -12.16 6.43 -11.76
CA ASP A 85 -13.56 6.83 -11.77
C ASP A 85 -13.74 8.02 -10.84
N TYR A 86 -13.09 9.12 -11.21
CA TYR A 86 -13.10 10.34 -10.41
C TYR A 86 -12.20 11.36 -11.11
N GLN A 87 -11.57 12.25 -10.34
CA GLN A 87 -10.64 13.21 -10.91
C GLN A 87 -9.31 12.56 -11.27
N MET A 88 -9.19 11.27 -10.92
CA MET A 88 -8.00 10.50 -11.25
C MET A 88 -7.92 10.26 -12.75
N THR A 89 -6.74 10.44 -13.31
CA THR A 89 -6.53 10.27 -14.74
C THR A 89 -6.39 8.79 -15.11
N PRO A 90 -6.40 8.45 -16.42
CA PRO A 90 -6.32 7.06 -16.88
C PRO A 90 -5.07 6.32 -16.39
N THR A 91 -5.20 5.73 -15.20
CA THR A 91 -4.20 4.83 -14.66
C THR A 91 -4.90 3.66 -13.97
N LYS A 92 -5.01 2.54 -14.68
CA LYS A 92 -5.70 1.39 -14.12
C LYS A 92 -4.73 0.44 -13.44
N VAL A 93 -4.75 0.46 -12.11
CA VAL A 93 -3.92 -0.41 -11.30
C VAL A 93 -4.76 -1.38 -10.52
N LYS A 94 -4.14 -2.39 -9.95
CA LYS A 94 -4.85 -3.30 -9.08
C LYS A 94 -3.97 -3.74 -7.93
N VAL A 95 -4.59 -3.98 -6.79
CA VAL A 95 -3.87 -4.41 -5.61
C VAL A 95 -3.98 -5.90 -5.40
N HIS A 96 -2.91 -6.47 -4.92
CA HIS A 96 -2.98 -7.76 -4.28
C HIS A 96 -2.47 -7.55 -2.87
N MET A 97 -3.40 -7.50 -1.94
CA MET A 97 -3.07 -7.25 -0.55
C MET A 97 -3.12 -8.53 0.21
N LYS A 98 -2.26 -8.68 1.19
CA LYS A 98 -2.26 -9.89 1.96
C LYS A 98 -1.77 -9.61 3.37
N LYS A 99 -2.54 -10.05 4.33
CA LYS A 99 -2.10 -10.07 5.69
C LYS A 99 -0.82 -10.87 5.79
N ALA A 100 0.28 -10.15 6.05
CA ALA A 100 1.60 -10.74 6.14
C ALA A 100 1.57 -11.95 7.05
N LEU A 101 2.11 -13.06 6.56
CA LEU A 101 2.02 -14.32 7.30
C LEU A 101 2.85 -14.29 8.58
N SER A 102 3.59 -13.20 8.77
CA SER A 102 4.32 -12.99 10.01
C SER A 102 3.35 -12.60 11.13
N GLY A 103 2.40 -11.73 10.80
CA GLY A 103 1.39 -11.35 11.78
C GLY A 103 1.09 -9.86 11.80
N ASP A 104 -0.19 -9.53 11.91
CA ASP A 104 -0.68 -8.15 12.11
C ASP A 104 0.04 -7.13 11.24
N SER A 105 0.09 -7.42 9.95
CA SER A 105 0.64 -6.53 8.96
C SER A 105 0.05 -6.93 7.61
N TYR A 106 0.01 -6.02 6.67
CA TYR A 106 -0.63 -6.31 5.39
C TYR A 106 0.20 -5.78 4.23
N TRP A 107 0.33 -6.58 3.19
CA TRP A 107 1.08 -6.18 2.02
C TRP A 107 0.19 -5.52 0.99
N VAL A 108 0.84 -4.80 0.09
CA VAL A 108 0.20 -4.12 -1.01
C VAL A 108 1.04 -4.29 -2.27
N PHE A 109 0.67 -5.26 -3.10
CA PHE A 109 1.32 -5.45 -4.40
C PHE A 109 0.47 -4.80 -5.48
N VAL A 110 0.96 -3.74 -6.09
CA VAL A 110 0.19 -3.03 -7.12
C VAL A 110 0.79 -3.20 -8.50
N LYS A 111 -0.06 -3.17 -9.52
CA LYS A 111 0.40 -3.22 -10.90
C LYS A 111 -0.66 -2.66 -11.83
N ARG A 112 -0.22 -2.01 -12.88
CA ARG A 112 -1.12 -1.36 -13.82
C ARG A 112 -1.52 -2.29 -14.95
N VAL A 113 -2.76 -2.79 -14.87
CA VAL A 113 -3.32 -3.66 -15.89
C VAL A 113 -4.81 -3.36 -16.07
C1 HC4 B . -10.11 20.75 1.81
O1 HC4 B . -10.47 20.40 0.71
C2 HC4 B . -10.07 22.21 2.33
C3 HC4 B . -10.41 23.33 1.65
C1' HC4 B . -10.99 23.50 0.30
C2' HC4 B . -11.28 24.79 -0.13
C3' HC4 B . -11.81 25.04 -1.38
C4' HC4 B . -12.08 23.99 -2.23
C5' HC4 B . -11.81 22.70 -1.83
C6' HC4 B . -11.28 22.47 -0.58
O4' HC4 B . -12.62 24.22 -3.48
H2 HC4 B . -9.65 22.37 3.32
H3 HC4 B . -10.25 24.18 2.28
H2' HC4 B . -11.16 25.61 0.56
H3' HC4 B . -12.01 26.05 -1.70
H5' HC4 B . -12.02 21.87 -2.49
H6' HC4 B . -11.06 21.46 -0.27
HO4' HC4 B . -12.23 25.01 -3.85
N LEU A 14 11.53 -6.50 -9.04
CA LEU A 14 10.53 -7.01 -10.02
C LEU A 14 9.19 -6.36 -9.76
N ALA A 15 8.67 -5.66 -10.78
CA ALA A 15 7.38 -4.97 -10.73
C ALA A 15 7.41 -3.76 -9.80
N PHE A 16 6.67 -2.73 -10.17
CA PHE A 16 6.55 -1.53 -9.35
C PHE A 16 5.22 -1.51 -8.63
N GLY A 17 5.26 -1.73 -7.32
CA GLY A 17 4.05 -1.70 -6.53
C GLY A 17 4.03 -2.71 -5.42
N ALA A 18 5.19 -3.18 -4.98
CA ALA A 18 5.24 -4.17 -3.93
C ALA A 18 5.78 -3.57 -2.64
N ILE A 19 4.90 -3.33 -1.67
CA ILE A 19 5.28 -2.77 -0.40
C ILE A 19 4.55 -3.46 0.75
N GLN A 20 5.25 -3.66 1.85
CA GLN A 20 4.67 -4.32 3.00
C GLN A 20 4.56 -3.34 4.17
N LEU A 21 3.39 -3.27 4.77
CA LEU A 21 3.16 -2.36 5.88
C LEU A 21 2.47 -3.06 7.04
N ASP A 22 2.58 -2.47 8.21
CA ASP A 22 1.95 -3.03 9.39
C ASP A 22 0.47 -2.74 9.40
N GLY A 23 -0.27 -3.55 10.14
CA GLY A 23 -1.70 -3.40 10.22
C GLY A 23 -2.12 -2.27 11.14
N ASP A 24 -1.29 -1.25 11.21
CA ASP A 24 -1.58 -0.09 12.02
C ASP A 24 -1.58 1.17 11.15
N GLY A 25 -0.74 1.16 10.12
CA GLY A 25 -0.74 2.25 9.18
C GLY A 25 0.65 2.79 8.91
N ASN A 26 1.67 1.99 9.19
CA ASN A 26 3.05 2.39 8.95
C ASN A 26 3.76 1.38 8.07
N ILE A 27 4.80 1.82 7.40
CA ILE A 27 5.55 0.96 6.52
C ILE A 27 6.54 0.12 7.33
N LEU A 28 6.72 -1.13 6.92
CA LEU A 28 7.76 -1.97 7.52
C LEU A 28 8.86 -2.19 6.51
N GLN A 29 8.48 -2.65 5.33
CA GLN A 29 9.43 -2.88 4.25
C GLN A 29 8.90 -2.32 2.94
N TYR A 30 9.61 -1.34 2.39
CA TYR A 30 9.25 -0.73 1.12
C TYR A 30 10.21 -1.22 0.04
N ASN A 31 9.67 -1.90 -0.96
CA ASN A 31 10.49 -2.46 -2.02
C ASN A 31 10.45 -1.57 -3.25
N ALA A 32 11.49 -0.77 -3.41
CA ALA A 32 11.58 0.15 -4.54
C ALA A 32 12.66 -0.31 -5.51
N ALA A 33 12.42 -0.06 -6.79
CA ALA A 33 13.36 -0.43 -7.83
C ALA A 33 14.18 0.78 -8.25
N GLU A 34 15.47 0.55 -8.48
CA GLU A 34 16.41 1.60 -8.86
C GLU A 34 16.64 2.58 -7.71
N GLY A 35 17.46 3.59 -7.95
CA GLY A 35 17.78 4.55 -6.90
C GLY A 35 17.02 5.85 -7.06
N ASP A 36 17.52 6.89 -6.44
CA ASP A 36 16.89 8.20 -6.49
C ASP A 36 17.15 8.88 -7.84
N ILE A 37 16.36 8.49 -8.82
CA ILE A 37 16.40 9.08 -10.14
C ILE A 37 15.01 9.61 -10.50
N THR A 38 13.99 8.82 -10.18
CA THR A 38 12.61 9.20 -10.44
C THR A 38 11.99 9.87 -9.20
N GLY A 39 12.73 10.82 -8.65
CA GLY A 39 12.31 11.49 -7.43
C GLY A 39 13.19 11.12 -6.27
N ARG A 40 13.94 12.08 -5.75
CA ARG A 40 14.86 11.82 -4.66
C ARG A 40 14.15 11.75 -3.31
N ASP A 41 14.02 10.54 -2.80
CA ASP A 41 13.47 10.34 -1.47
C ASP A 41 14.55 9.76 -0.57
N PRO A 42 14.80 10.37 0.60
CA PRO A 42 15.82 9.92 1.53
C PRO A 42 15.43 8.63 2.26
N LYS A 43 14.21 8.16 2.02
CA LYS A 43 13.71 6.97 2.70
C LYS A 43 13.34 5.90 1.68
N GLN A 44 14.30 5.04 1.36
CA GLN A 44 14.07 3.94 0.42
C GLN A 44 13.33 2.81 1.13
N VAL A 45 13.41 2.80 2.45
CA VAL A 45 12.68 1.85 3.27
C VAL A 45 11.82 2.64 4.27
N ILE A 46 10.70 2.04 4.73
CA ILE A 46 9.76 2.66 5.68
C ILE A 46 9.56 4.16 5.41
N GLY A 47 8.83 4.42 4.33
CA GLY A 47 8.49 5.79 3.98
C GLY A 47 7.54 6.41 4.98
N LYS A 48 6.72 5.58 5.62
CA LYS A 48 5.79 6.07 6.60
C LYS A 48 6.34 5.83 8.00
N ASN A 49 7.05 6.82 8.51
CA ASN A 49 7.57 6.77 9.86
C ASN A 49 6.64 7.54 10.79
N PHE A 50 5.82 6.80 11.52
CA PHE A 50 4.88 7.40 12.45
C PHE A 50 4.54 6.36 13.52
N PHE A 51 3.77 6.74 14.51
CA PHE A 51 3.27 5.77 15.48
C PHE A 51 1.99 5.16 14.96
N LYS A 52 0.95 5.99 14.85
CA LYS A 52 -0.31 5.60 14.24
C LYS A 52 -1.18 6.84 14.07
N ASP A 53 -1.89 6.92 12.96
CA ASP A 53 -2.66 8.11 12.63
C ASP A 53 -3.85 7.77 11.77
N VAL A 54 -4.68 8.78 11.52
CA VAL A 54 -5.81 8.65 10.61
C VAL A 54 -5.85 9.83 9.65
N ALA A 55 -4.67 10.28 9.21
CA ALA A 55 -4.59 11.45 8.35
C ALA A 55 -3.31 11.46 7.51
N PRO A 56 -3.39 10.95 6.27
CA PRO A 56 -2.29 11.06 5.31
C PRO A 56 -2.09 12.51 4.87
N CYS A 57 -1.07 13.14 5.43
CA CYS A 57 -0.82 14.57 5.19
C CYS A 57 -0.26 14.83 3.80
N THR A 58 0.97 14.42 3.55
CA THR A 58 1.62 14.68 2.29
C THR A 58 1.29 13.62 1.25
N ASP A 59 1.32 12.35 1.68
CA ASP A 59 1.11 11.22 0.79
C ASP A 59 -0.23 11.31 0.07
N SER A 60 -0.15 11.49 -1.24
CA SER A 60 -1.34 11.61 -2.07
C SER A 60 -1.82 10.26 -2.62
N PRO A 61 -0.92 9.39 -3.13
CA PRO A 61 -1.30 8.04 -3.58
C PRO A 61 -1.95 7.20 -2.48
N GLU A 62 -3.24 6.93 -2.64
CA GLU A 62 -4.00 6.16 -1.66
C GLU A 62 -4.28 4.77 -2.19
N PHE A 63 -3.52 3.79 -1.70
CA PHE A 63 -3.66 2.41 -2.16
C PHE A 63 -4.27 1.52 -1.09
N TYR A 64 -4.93 2.14 -0.12
CA TYR A 64 -5.59 1.40 0.94
C TYR A 64 -6.97 0.94 0.46
N GLY A 65 -7.20 -0.36 0.46
CA GLY A 65 -8.43 -0.89 -0.07
C GLY A 65 -9.36 -1.32 1.04
N LYS A 66 -10.19 -0.39 1.51
CA LYS A 66 -11.11 -0.66 2.62
C LYS A 66 -10.30 -1.10 3.85
N PHE A 67 -9.17 -0.42 4.06
CA PHE A 67 -8.19 -0.83 5.07
C PHE A 67 -8.82 -0.92 6.46
N LYS A 68 -9.88 -0.13 6.68
CA LYS A 68 -10.51 -0.04 8.00
C LYS A 68 -11.24 -1.34 8.31
N GLU A 69 -11.79 -1.97 7.28
CA GLU A 69 -12.45 -3.24 7.44
C GLU A 69 -11.45 -4.36 7.33
N GLY A 70 -10.39 -4.12 6.57
CA GLY A 70 -9.36 -5.11 6.38
C GLY A 70 -8.75 -5.54 7.69
N VAL A 71 -8.56 -4.57 8.57
CA VAL A 71 -8.03 -4.81 9.90
C VAL A 71 -9.01 -5.63 10.73
N ALA A 72 -10.27 -5.21 10.71
CA ALA A 72 -11.29 -5.79 11.58
C ALA A 72 -11.76 -7.13 11.04
N SER A 73 -11.66 -7.30 9.74
CA SER A 73 -11.91 -8.61 9.13
C SER A 73 -10.96 -9.64 9.70
N GLY A 74 -9.78 -9.18 10.11
CA GLY A 74 -8.88 -10.02 10.86
C GLY A 74 -7.70 -10.51 10.05
N ASN A 75 -7.78 -10.30 8.74
CA ASN A 75 -6.74 -10.76 7.83
C ASN A 75 -6.95 -10.18 6.44
N LEU A 76 -6.87 -8.84 6.39
CA LEU A 76 -6.96 -8.08 5.14
C LEU A 76 -6.25 -8.78 4.00
N ASN A 77 -7.00 -9.41 3.13
CA ASN A 77 -6.43 -10.04 1.96
C ASN A 77 -7.41 -9.94 0.78
N THR A 78 -7.13 -9.00 -0.14
CA THR A 78 -8.02 -8.79 -1.28
C THR A 78 -7.24 -8.55 -2.55
N MET A 79 -7.87 -8.87 -3.68
CA MET A 79 -7.32 -8.53 -4.99
C MET A 79 -8.45 -8.06 -5.90
N PHE A 80 -8.17 -7.02 -6.66
CA PHE A 80 -9.17 -6.40 -7.50
C PHE A 80 -8.49 -5.52 -8.54
N GLU A 81 -8.97 -5.52 -9.76
CA GLU A 81 -8.41 -4.67 -10.79
C GLU A 81 -9.16 -3.35 -10.81
N TYR A 82 -8.47 -2.30 -10.40
CA TYR A 82 -9.10 -1.01 -10.19
C TYR A 82 -8.52 0.04 -11.12
N THR A 83 -9.33 0.53 -12.04
CA THR A 83 -8.93 1.64 -12.88
C THR A 83 -9.17 2.96 -12.18
N PHE A 84 -8.37 3.95 -12.49
CA PHE A 84 -8.52 5.27 -11.90
C PHE A 84 -9.73 5.98 -12.49
N ASP A 85 -10.37 6.82 -11.67
CA ASP A 85 -11.61 7.48 -12.05
C ASP A 85 -11.37 8.50 -13.15
N TYR A 86 -10.88 9.66 -12.77
CA TYR A 86 -10.49 10.70 -13.71
C TYR A 86 -9.34 11.52 -13.15
N GLN A 87 -8.13 11.00 -13.35
CA GLN A 87 -6.94 11.70 -12.87
C GLN A 87 -6.26 12.37 -14.05
N MET A 88 -6.16 11.62 -15.15
CA MET A 88 -5.64 12.11 -16.42
C MET A 88 -5.64 10.96 -17.41
N THR A 89 -5.02 9.87 -17.00
CA THR A 89 -5.01 8.65 -17.78
C THR A 89 -5.84 7.58 -17.07
N PRO A 90 -6.66 6.81 -17.80
CA PRO A 90 -7.41 5.68 -17.23
C PRO A 90 -6.48 4.51 -16.90
N THR A 91 -5.52 4.76 -16.02
CA THR A 91 -4.54 3.75 -15.63
C THR A 91 -5.23 2.53 -15.05
N LYS A 92 -4.80 1.35 -15.50
CA LYS A 92 -5.37 0.11 -15.03
C LYS A 92 -4.37 -0.61 -14.15
N VAL A 93 -4.60 -0.55 -12.84
CA VAL A 93 -3.78 -1.28 -11.90
C VAL A 93 -4.61 -2.35 -11.25
N LYS A 94 -3.96 -3.29 -10.62
CA LYS A 94 -4.66 -4.28 -9.84
C LYS A 94 -4.08 -4.31 -8.45
N VAL A 95 -4.95 -4.45 -7.46
CA VAL A 95 -4.50 -4.47 -6.09
C VAL A 95 -4.44 -5.88 -5.56
N HIS A 96 -3.44 -6.12 -4.75
CA HIS A 96 -3.42 -7.29 -3.92
C HIS A 96 -2.79 -6.91 -2.60
N MET A 97 -3.64 -6.74 -1.61
CA MET A 97 -3.20 -6.40 -0.28
C MET A 97 -3.57 -7.55 0.62
N LYS A 98 -2.60 -8.08 1.34
CA LYS A 98 -2.84 -9.29 2.07
C LYS A 98 -2.07 -9.30 3.36
N LYS A 99 -2.66 -9.90 4.37
CA LYS A 99 -2.02 -10.06 5.64
C LYS A 99 -0.69 -10.79 5.51
N ALA A 100 0.35 -10.12 6.00
CA ALA A 100 1.70 -10.63 5.96
C ALA A 100 1.83 -11.89 6.81
N LEU A 101 2.71 -12.78 6.40
CA LEU A 101 2.93 -14.03 7.14
C LEU A 101 3.74 -13.77 8.42
N SER A 102 4.17 -12.53 8.59
CA SER A 102 4.91 -12.14 9.78
C SER A 102 3.96 -11.89 10.96
N GLY A 103 2.70 -11.62 10.65
CA GLY A 103 1.71 -11.43 11.70
C GLY A 103 0.75 -10.29 11.41
N ASP A 104 0.61 -9.38 12.35
CA ASP A 104 -0.32 -8.26 12.23
C ASP A 104 0.28 -7.16 11.34
N SER A 105 0.23 -7.43 10.04
CA SER A 105 0.71 -6.54 9.02
C SER A 105 0.11 -6.98 7.69
N TYR A 106 0.05 -6.07 6.74
CA TYR A 106 -0.57 -6.37 5.45
C TYR A 106 0.25 -5.76 4.31
N TRP A 107 0.38 -6.50 3.21
CA TRP A 107 1.11 -6.02 2.07
C TRP A 107 0.22 -5.22 1.16
N VAL A 108 0.86 -4.50 0.26
CA VAL A 108 0.18 -3.77 -0.79
C VAL A 108 0.91 -4.00 -2.11
N PHE A 109 0.41 -4.91 -2.92
CA PHE A 109 0.96 -5.14 -4.25
C PHE A 109 0.05 -4.52 -5.29
N VAL A 110 0.58 -3.57 -6.05
CA VAL A 110 -0.13 -3.04 -7.20
C VAL A 110 0.71 -3.19 -8.44
N LYS A 111 0.07 -3.24 -9.59
CA LYS A 111 0.79 -3.27 -10.85
C LYS A 111 -0.08 -2.77 -11.98
N ARG A 112 0.47 -1.87 -12.78
CA ARG A 112 -0.26 -1.31 -13.90
C ARG A 112 -0.07 -2.18 -15.13
N VAL A 113 -1.15 -2.35 -15.88
CA VAL A 113 -1.11 -3.17 -17.08
C VAL A 113 -1.64 -2.37 -18.28
C1 HC4 B . -1.89 16.80 7.18
O1 HC4 B . -1.48 17.71 6.47
C2 HC4 B . -3.37 16.56 7.59
C3 HC4 B . -4.43 17.31 7.24
C1' HC4 B . -4.56 18.44 6.30
C2' HC4 B . -5.81 19.01 6.10
C3' HC4 B . -6.00 20.08 5.26
C4' HC4 B . -4.91 20.62 4.59
C5' HC4 B . -3.67 20.09 4.77
C6' HC4 B . -3.50 19.01 5.62
O4' HC4 B . -5.10 21.69 3.75
H2 HC4 B . -3.55 15.80 8.32
H3 HC4 B . -5.31 16.91 7.71
H2' HC4 B . -6.68 18.50 6.52
H3' HC4 B . -6.99 20.50 5.13
H5' HC4 B . -2.82 20.51 4.25
H6' HC4 B . -2.52 18.60 5.75
HO4' HC4 B . -4.63 21.53 2.92
N LEU A 14 8.84 -8.71 -9.79
CA LEU A 14 8.27 -7.35 -9.67
C LEU A 14 9.10 -6.50 -8.71
N ALA A 15 9.87 -5.58 -9.27
CA ALA A 15 10.67 -4.67 -8.47
C ALA A 15 10.00 -3.30 -8.41
N PHE A 16 8.68 -3.32 -8.46
CA PHE A 16 7.87 -2.11 -8.41
C PHE A 16 6.42 -2.46 -8.08
N GLY A 17 5.81 -1.68 -7.20
CA GLY A 17 4.41 -1.87 -6.89
C GLY A 17 4.19 -2.62 -5.59
N ALA A 18 5.27 -3.10 -4.99
CA ALA A 18 5.16 -3.91 -3.79
C ALA A 18 5.63 -3.15 -2.55
N ILE A 19 4.73 -2.97 -1.61
CA ILE A 19 5.07 -2.36 -0.33
C ILE A 19 4.41 -3.14 0.81
N GLN A 20 5.13 -3.29 1.90
CA GLN A 20 4.61 -3.99 3.05
C GLN A 20 4.50 -3.01 4.21
N LEU A 21 3.31 -2.91 4.77
CA LEU A 21 3.09 -1.99 5.87
C LEU A 21 2.46 -2.68 7.06
N ASP A 22 2.69 -2.11 8.22
CA ASP A 22 2.16 -2.63 9.47
C ASP A 22 0.68 -2.34 9.56
N GLY A 23 -0.05 -3.26 10.19
CA GLY A 23 -1.50 -3.17 10.23
C GLY A 23 -2.01 -2.24 11.30
N ASP A 24 -1.28 -1.17 11.51
CA ASP A 24 -1.65 -0.15 12.47
C ASP A 24 -1.50 1.23 11.87
N GLY A 25 -0.62 1.33 10.88
CA GLY A 25 -0.41 2.60 10.19
C GLY A 25 1.05 2.85 9.88
N ASN A 26 1.91 1.96 10.34
CA ASN A 26 3.35 2.11 10.17
C ASN A 26 3.83 1.45 8.88
N ILE A 27 4.88 1.99 8.29
CA ILE A 27 5.50 1.36 7.14
C ILE A 27 6.62 0.45 7.62
N LEU A 28 6.76 -0.73 7.01
CA LEU A 28 7.81 -1.64 7.41
C LEU A 28 8.85 -1.81 6.31
N GLN A 29 8.40 -2.23 5.13
CA GLN A 29 9.33 -2.54 4.04
C GLN A 29 8.75 -2.16 2.69
N TYR A 30 9.62 -1.82 1.76
CA TYR A 30 9.20 -1.45 0.42
C TYR A 30 9.96 -2.29 -0.60
N ASN A 31 9.24 -3.08 -1.37
CA ASN A 31 9.87 -3.98 -2.35
C ASN A 31 9.84 -3.35 -3.73
N ALA A 32 10.89 -2.62 -4.07
CA ALA A 32 10.98 -1.95 -5.36
C ALA A 32 12.37 -1.37 -5.56
N ALA A 33 12.75 -1.19 -6.82
CA ALA A 33 14.05 -0.62 -7.14
C ALA A 33 13.90 0.87 -7.44
N GLU A 34 14.05 1.69 -6.40
CA GLU A 34 14.03 3.13 -6.56
C GLU A 34 15.34 3.70 -6.07
N GLY A 35 16.36 2.85 -6.02
CA GLY A 35 17.67 3.26 -5.56
C GLY A 35 18.38 4.11 -6.59
N ASP A 36 17.97 5.36 -6.70
CA ASP A 36 18.54 6.29 -7.67
C ASP A 36 19.91 6.74 -7.21
N ILE A 37 20.94 6.13 -7.80
CA ILE A 37 22.33 6.41 -7.45
C ILE A 37 22.51 6.28 -5.92
N THR A 38 22.00 5.19 -5.37
CA THR A 38 22.02 4.94 -3.92
C THR A 38 21.33 6.08 -3.17
N GLY A 39 20.01 6.09 -3.22
CA GLY A 39 19.24 7.10 -2.52
C GLY A 39 17.77 6.77 -2.47
N ARG A 40 17.27 6.51 -1.27
CA ARG A 40 15.85 6.30 -1.06
C ARG A 40 15.37 7.16 0.09
N ASP A 41 14.08 7.47 0.11
CA ASP A 41 13.51 8.33 1.15
C ASP A 41 12.92 7.50 2.27
N PRO A 42 13.51 7.57 3.47
CA PRO A 42 13.00 6.89 4.66
C PRO A 42 12.16 7.81 5.53
N LYS A 43 11.61 8.85 4.93
CA LYS A 43 10.81 9.82 5.68
C LYS A 43 9.34 9.61 5.42
N GLN A 44 9.00 9.57 4.15
CA GLN A 44 7.63 9.34 3.72
C GLN A 44 7.41 7.87 3.45
N VAL A 45 8.46 7.20 3.00
CA VAL A 45 8.39 5.77 2.72
C VAL A 45 9.25 5.01 3.72
N ILE A 46 8.62 4.05 4.42
CA ILE A 46 9.31 3.20 5.41
C ILE A 46 9.71 4.01 6.65
N GLY A 47 9.72 3.35 7.80
CA GLY A 47 10.15 3.99 9.02
C GLY A 47 9.10 4.95 9.55
N LYS A 48 7.93 4.93 8.92
CA LYS A 48 6.82 5.74 9.36
C LYS A 48 6.21 5.13 10.61
N ASN A 49 6.57 5.68 11.76
CA ASN A 49 6.05 5.19 13.01
C ASN A 49 5.03 6.17 13.57
N PHE A 50 3.77 5.86 13.35
CA PHE A 50 2.68 6.72 13.75
C PHE A 50 1.79 5.98 14.74
N PHE A 51 1.39 6.66 15.81
CA PHE A 51 0.56 6.04 16.82
C PHE A 51 -0.89 6.50 16.68
N LYS A 52 -1.80 5.66 17.14
CA LYS A 52 -3.23 5.93 17.03
C LYS A 52 -3.64 7.16 17.85
N ASP A 53 -3.99 8.23 17.17
CA ASP A 53 -4.56 9.40 17.82
C ASP A 53 -6.05 9.17 18.03
N VAL A 54 -6.80 9.01 16.94
CA VAL A 54 -8.16 8.53 17.01
C VAL A 54 -8.29 7.27 16.14
N ALA A 55 -7.83 7.37 14.89
CA ALA A 55 -7.84 6.27 13.94
C ALA A 55 -7.50 6.81 12.54
N PRO A 56 -6.65 6.10 11.79
CA PRO A 56 -6.28 6.51 10.43
C PRO A 56 -7.45 6.36 9.45
N CYS A 57 -8.21 7.44 9.27
CA CYS A 57 -9.38 7.41 8.42
C CYS A 57 -9.70 8.81 7.89
N THR A 58 -8.69 9.64 7.76
CA THR A 58 -8.87 11.01 7.34
C THR A 58 -8.43 11.22 5.89
N ASP A 59 -7.31 10.61 5.51
CA ASP A 59 -6.72 10.79 4.19
C ASP A 59 -7.67 10.40 3.05
N SER A 60 -7.57 9.15 2.57
CA SER A 60 -8.41 8.65 1.49
C SER A 60 -7.95 7.27 1.04
N PRO A 61 -8.89 6.34 0.84
CA PRO A 61 -8.58 5.03 0.26
C PRO A 61 -8.39 5.11 -1.26
N GLU A 62 -7.29 5.71 -1.67
CA GLU A 62 -6.99 5.87 -3.09
C GLU A 62 -6.83 4.50 -3.75
N PHE A 63 -5.89 3.71 -3.24
CA PHE A 63 -5.65 2.37 -3.74
C PHE A 63 -5.77 1.34 -2.61
N TYR A 64 -6.51 1.72 -1.58
CA TYR A 64 -6.70 0.87 -0.42
C TYR A 64 -8.03 0.14 -0.53
N GLY A 65 -8.03 -1.15 -0.18
CA GLY A 65 -9.23 -1.94 -0.28
C GLY A 65 -9.85 -2.21 1.07
N LYS A 66 -10.68 -1.28 1.52
CA LYS A 66 -11.38 -1.40 2.81
C LYS A 66 -10.36 -1.53 3.95
N PHE A 67 -9.31 -0.72 3.91
CA PHE A 67 -8.14 -0.91 4.75
C PHE A 67 -8.47 -1.20 6.22
N LYS A 68 -9.44 -0.47 6.78
CA LYS A 68 -9.74 -0.60 8.21
C LYS A 68 -10.58 -1.84 8.46
N GLU A 69 -11.39 -2.19 7.48
CA GLU A 69 -12.23 -3.37 7.56
C GLU A 69 -11.33 -4.59 7.39
N GLY A 70 -10.31 -4.43 6.56
CA GLY A 70 -9.34 -5.44 6.35
C GLY A 70 -8.68 -5.85 7.65
N VAL A 71 -8.42 -4.85 8.47
CA VAL A 71 -7.76 -5.03 9.75
C VAL A 71 -8.66 -5.78 10.72
N ALA A 72 -9.87 -5.27 10.92
CA ALA A 72 -10.74 -5.75 11.98
C ALA A 72 -11.50 -7.00 11.57
N SER A 73 -11.65 -7.18 10.27
CA SER A 73 -12.23 -8.43 9.76
C SER A 73 -11.23 -9.55 9.99
N GLY A 74 -9.95 -9.20 9.96
CA GLY A 74 -8.91 -10.16 10.24
C GLY A 74 -8.52 -10.93 9.00
N ASN A 75 -8.77 -10.35 7.84
CA ASN A 75 -8.49 -11.02 6.58
C ASN A 75 -8.29 -10.04 5.44
N LEU A 76 -7.41 -9.08 5.68
CA LEU A 76 -7.05 -8.13 4.64
C LEU A 76 -6.17 -8.76 3.59
N ASN A 77 -6.76 -9.58 2.77
CA ASN A 77 -6.06 -10.19 1.67
C ASN A 77 -7.01 -10.28 0.48
N THR A 78 -6.87 -9.33 -0.44
CA THR A 78 -7.76 -9.25 -1.58
C THR A 78 -6.99 -8.89 -2.84
N MET A 79 -7.43 -9.41 -3.98
CA MET A 79 -6.87 -9.02 -5.27
C MET A 79 -7.98 -8.59 -6.19
N PHE A 80 -7.82 -7.43 -6.79
CA PHE A 80 -8.87 -6.84 -7.61
C PHE A 80 -8.25 -5.85 -8.59
N GLU A 81 -8.78 -5.79 -9.79
CA GLU A 81 -8.33 -4.82 -10.76
C GLU A 81 -9.17 -3.56 -10.67
N TYR A 82 -8.60 -2.53 -10.09
CA TYR A 82 -9.32 -1.33 -9.74
C TYR A 82 -8.94 -0.16 -10.64
N THR A 83 -9.92 0.40 -11.32
CA THR A 83 -9.72 1.58 -12.14
C THR A 83 -10.00 2.84 -11.35
N PHE A 84 -9.33 3.91 -11.71
CA PHE A 84 -9.55 5.20 -11.08
C PHE A 84 -10.44 6.07 -11.95
N ASP A 85 -10.94 7.15 -11.37
CA ASP A 85 -11.82 8.06 -12.09
C ASP A 85 -11.03 9.00 -12.99
N TYR A 86 -10.34 8.42 -13.96
CA TYR A 86 -9.58 9.17 -14.94
C TYR A 86 -9.90 8.70 -16.34
N GLN A 87 -10.35 9.62 -17.17
CA GLN A 87 -10.69 9.28 -18.55
C GLN A 87 -9.58 9.67 -19.50
N MET A 88 -8.84 10.72 -19.15
CA MET A 88 -7.74 11.20 -19.97
C MET A 88 -6.69 10.12 -20.12
N THR A 89 -6.19 9.64 -19.00
CA THR A 89 -5.31 8.51 -18.98
C THR A 89 -6.01 7.35 -18.29
N PRO A 90 -5.98 6.14 -18.88
CA PRO A 90 -6.57 4.96 -18.26
C PRO A 90 -5.78 4.51 -17.03
N THR A 91 -6.10 5.09 -15.89
CA THR A 91 -5.45 4.71 -14.66
C THR A 91 -6.10 3.45 -14.10
N LYS A 92 -5.48 2.32 -14.44
CA LYS A 92 -5.95 1.02 -14.00
C LYS A 92 -4.85 0.33 -13.23
N VAL A 93 -5.15 -0.12 -12.02
CA VAL A 93 -4.21 -0.91 -11.27
C VAL A 93 -4.83 -2.23 -10.88
N LYS A 94 -3.97 -3.18 -10.55
CA LYS A 94 -4.40 -4.43 -9.99
C LYS A 94 -3.80 -4.55 -8.62
N VAL A 95 -4.65 -4.64 -7.61
CA VAL A 95 -4.18 -4.70 -6.24
C VAL A 95 -4.15 -6.10 -5.72
N HIS A 96 -3.15 -6.36 -4.91
CA HIS A 96 -3.14 -7.52 -4.07
C HIS A 96 -2.64 -7.12 -2.71
N MET A 97 -3.56 -7.00 -1.79
CA MET A 97 -3.21 -6.72 -0.41
C MET A 97 -3.25 -8.02 0.32
N LYS A 98 -2.31 -8.24 1.21
CA LYS A 98 -2.27 -9.50 1.90
C LYS A 98 -1.90 -9.29 3.33
N LYS A 99 -2.73 -9.78 4.22
CA LYS A 99 -2.42 -9.82 5.60
C LYS A 99 -1.13 -10.60 5.79
N ALA A 100 -0.07 -9.86 6.09
CA ALA A 100 1.26 -10.42 6.17
C ALA A 100 1.27 -11.64 7.06
N LEU A 101 1.79 -12.75 6.55
CA LEU A 101 1.89 -13.96 7.35
C LEU A 101 2.92 -13.78 8.46
N SER A 102 3.62 -12.64 8.40
CA SER A 102 4.50 -12.21 9.46
C SER A 102 3.69 -11.78 10.68
N GLY A 103 2.45 -11.34 10.43
CA GLY A 103 1.56 -10.95 11.51
C GLY A 103 1.55 -9.45 11.75
N ASP A 104 0.36 -8.94 12.11
CA ASP A 104 0.20 -7.53 12.52
C ASP A 104 0.70 -6.57 11.45
N SER A 105 0.44 -6.92 10.21
CA SER A 105 0.85 -6.12 9.07
C SER A 105 0.14 -6.61 7.82
N TYR A 106 0.08 -5.77 6.81
CA TYR A 106 -0.56 -6.11 5.54
C TYR A 106 0.25 -5.55 4.36
N TRP A 107 0.37 -6.33 3.29
CA TRP A 107 1.13 -5.89 2.15
C TRP A 107 0.21 -5.20 1.14
N VAL A 108 0.84 -4.46 0.25
CA VAL A 108 0.16 -3.76 -0.83
C VAL A 108 0.93 -3.94 -2.14
N PHE A 109 0.41 -4.76 -3.03
CA PHE A 109 1.01 -4.93 -4.35
C PHE A 109 0.11 -4.31 -5.40
N VAL A 110 0.65 -3.37 -6.17
CA VAL A 110 -0.10 -2.76 -7.26
C VAL A 110 0.57 -3.00 -8.60
N LYS A 111 -0.23 -2.91 -9.66
CA LYS A 111 0.26 -3.08 -11.01
C LYS A 111 -0.60 -2.28 -11.98
N ARG A 112 -0.01 -1.28 -12.64
CA ARG A 112 -0.76 -0.49 -13.61
C ARG A 112 -0.90 -1.26 -14.91
N VAL A 113 -2.17 -1.42 -15.34
CA VAL A 113 -2.56 -2.15 -16.55
C VAL A 113 -1.62 -3.34 -16.87
C1 HC4 B . -12.46 6.94 11.29
O1 HC4 B . -13.58 7.13 10.86
C2 HC4 B . -12.07 5.92 12.39
C3 HC4 B . -12.89 5.09 13.06
C1' HC4 B . -14.35 4.90 13.01
C2' HC4 B . -14.93 3.95 13.85
C3' HC4 B . -16.28 3.72 13.85
C4' HC4 B . -17.10 4.44 13.00
C5' HC4 B . -16.56 5.38 12.16
C6' HC4 B . -15.19 5.60 12.17
O4' HC4 B . -18.45 4.20 12.99
H2 HC4 B . -11.02 5.83 12.62
H3 HC4 B . -12.30 4.50 13.76
H2' HC4 B . -14.30 3.46 14.58
H3' HC4 B . -16.71 2.97 14.52
H5' HC4 B . -17.19 5.94 11.49
H6' HC4 B . -14.78 6.34 11.51
HO4' HC4 B . -18.77 4.14 13.90
N LEU A 14 12.84 -6.96 -11.44
CA LEU A 14 12.18 -7.21 -10.15
C LEU A 14 11.90 -5.89 -9.44
N ALA A 15 10.98 -5.93 -8.48
CA ALA A 15 10.51 -4.74 -7.76
C ALA A 15 9.70 -3.84 -8.68
N PHE A 16 8.67 -3.21 -8.12
CA PHE A 16 7.77 -2.35 -8.88
C PHE A 16 6.85 -1.60 -7.93
N GLY A 17 5.95 -2.33 -7.29
CA GLY A 17 5.02 -1.74 -6.36
C GLY A 17 4.59 -2.73 -5.30
N ALA A 18 5.56 -3.28 -4.60
CA ALA A 18 5.29 -4.27 -3.56
C ALA A 18 5.81 -3.77 -2.22
N ILE A 19 4.90 -3.39 -1.35
CA ILE A 19 5.28 -2.84 -0.05
C ILE A 19 4.51 -3.52 1.07
N GLN A 20 5.19 -3.80 2.15
CA GLN A 20 4.57 -4.38 3.33
C GLN A 20 4.41 -3.33 4.41
N LEU A 21 3.17 -3.03 4.71
CA LEU A 21 2.82 -2.07 5.75
C LEU A 21 1.95 -2.75 6.78
N ASP A 22 1.75 -2.11 7.90
CA ASP A 22 0.82 -2.64 8.88
C ASP A 22 -0.50 -1.91 8.84
N GLY A 23 -1.54 -2.58 9.33
CA GLY A 23 -2.86 -1.99 9.38
C GLY A 23 -2.99 -1.00 10.51
N ASP A 24 -1.85 -0.64 11.07
CA ASP A 24 -1.80 0.31 12.17
C ASP A 24 -1.40 1.69 11.65
N GLY A 25 -0.94 1.72 10.40
CA GLY A 25 -0.65 2.98 9.75
C GLY A 25 0.83 3.21 9.54
N ASN A 26 1.64 2.19 9.80
CA ASN A 26 3.09 2.30 9.68
C ASN A 26 3.59 1.52 8.47
N ILE A 27 4.60 2.06 7.80
CA ILE A 27 5.22 1.39 6.68
C ILE A 27 6.44 0.61 7.18
N LEU A 28 6.50 -0.68 6.88
CA LEU A 28 7.53 -1.53 7.44
C LEU A 28 8.68 -1.74 6.45
N GLN A 29 8.34 -2.10 5.21
CA GLN A 29 9.36 -2.32 4.18
C GLN A 29 8.77 -2.19 2.79
N TYR A 30 9.56 -1.62 1.88
CA TYR A 30 9.13 -1.42 0.49
C TYR A 30 10.15 -2.06 -0.44
N ASN A 31 9.66 -2.80 -1.43
CA ASN A 31 10.54 -3.35 -2.46
C ASN A 31 10.87 -2.29 -3.47
N ALA A 32 11.97 -1.60 -3.25
CA ALA A 32 12.35 -0.47 -4.08
C ALA A 32 13.12 -0.91 -5.32
N ALA A 33 14.20 -1.65 -5.10
CA ALA A 33 15.04 -2.11 -6.19
C ALA A 33 15.72 -3.42 -5.85
N GLU A 34 15.95 -4.23 -6.87
CA GLU A 34 16.65 -5.49 -6.69
C GLU A 34 17.76 -5.60 -7.72
N GLY A 35 18.95 -5.14 -7.36
CA GLY A 35 20.08 -5.15 -8.27
C GLY A 35 19.99 -4.04 -9.31
N ASP A 36 18.84 -3.93 -9.96
CA ASP A 36 18.61 -2.94 -11.00
C ASP A 36 18.42 -1.56 -10.38
N ILE A 37 19.26 -0.61 -10.78
CA ILE A 37 19.20 0.75 -10.24
C ILE A 37 18.76 1.75 -11.31
N THR A 38 17.70 1.43 -12.03
CA THR A 38 17.16 2.32 -13.06
C THR A 38 16.26 3.38 -12.43
N GLY A 39 16.87 4.42 -11.89
CA GLY A 39 16.11 5.53 -11.36
C GLY A 39 16.39 5.79 -9.90
N ARG A 40 15.33 6.00 -9.13
CA ARG A 40 15.46 6.32 -7.71
C ARG A 40 14.45 5.52 -6.91
N ASP A 41 14.62 5.51 -5.59
CA ASP A 41 13.63 4.94 -4.70
C ASP A 41 12.72 6.06 -4.21
N PRO A 42 11.52 5.72 -3.71
CA PRO A 42 10.55 6.72 -3.25
C PRO A 42 11.09 7.60 -2.14
N LYS A 43 11.67 6.98 -1.11
CA LYS A 43 12.09 7.65 0.14
C LYS A 43 11.19 8.83 0.49
N GLN A 44 10.02 8.50 1.05
CA GLN A 44 9.01 9.50 1.36
C GLN A 44 8.08 8.99 2.44
N VAL A 45 7.25 8.03 2.08
CA VAL A 45 6.29 7.44 3.00
C VAL A 45 6.88 6.20 3.69
N ILE A 46 7.81 5.54 3.00
CA ILE A 46 8.42 4.31 3.51
C ILE A 46 9.31 4.59 4.72
N GLY A 47 9.53 3.54 5.51
CA GLY A 47 10.33 3.66 6.71
C GLY A 47 9.66 4.55 7.74
N LYS A 48 8.34 4.42 7.84
CA LYS A 48 7.56 5.25 8.74
C LYS A 48 7.20 4.49 10.01
N ASN A 49 7.60 5.03 11.16
CA ASN A 49 7.20 4.48 12.44
C ASN A 49 6.53 5.56 13.27
N PHE A 50 5.33 5.26 13.72
CA PHE A 50 4.53 6.19 14.52
C PHE A 50 3.46 5.41 15.29
N PHE A 51 3.63 5.32 16.59
CA PHE A 51 2.78 4.45 17.41
C PHE A 51 1.75 5.25 18.21
N LYS A 52 1.35 6.41 17.70
CA LYS A 52 0.30 7.18 18.34
C LYS A 52 -0.89 7.28 17.39
N ASP A 53 -1.80 6.34 17.54
CA ASP A 53 -2.96 6.23 16.65
C ASP A 53 -4.02 7.28 17.00
N VAL A 54 -5.06 7.38 16.17
CA VAL A 54 -6.06 8.43 16.27
C VAL A 54 -5.39 9.79 16.08
N ALA A 55 -4.73 9.92 14.93
CA ALA A 55 -4.03 11.14 14.59
C ALA A 55 -3.96 11.32 13.06
N PRO A 56 -3.53 10.28 12.30
CA PRO A 56 -3.51 10.36 10.84
C PRO A 56 -4.92 10.45 10.25
N CYS A 57 -5.02 10.98 9.04
CA CYS A 57 -6.30 11.13 8.38
C CYS A 57 -6.85 9.79 7.94
N THR A 58 -7.91 9.34 8.59
CA THR A 58 -8.60 8.12 8.19
C THR A 58 -9.34 8.36 6.87
N ASP A 59 -9.86 9.58 6.71
CA ASP A 59 -10.52 10.02 5.46
C ASP A 59 -11.73 9.16 5.14
N SER A 60 -11.53 8.12 4.34
CA SER A 60 -12.58 7.21 3.97
C SER A 60 -12.04 5.78 3.99
N PRO A 61 -12.68 4.90 4.76
CA PRO A 61 -12.21 3.53 4.96
C PRO A 61 -12.47 2.61 3.77
N GLU A 62 -12.86 3.20 2.65
CA GLU A 62 -13.25 2.46 1.45
C GLU A 62 -12.04 2.06 0.61
N PHE A 63 -10.93 2.78 0.78
CA PHE A 63 -9.74 2.61 -0.05
C PHE A 63 -9.27 1.15 -0.11
N TYR A 64 -8.73 0.79 -1.27
CA TYR A 64 -8.20 -0.56 -1.54
C TYR A 64 -9.33 -1.58 -1.62
N GLY A 65 -9.81 -2.02 -0.47
CA GLY A 65 -10.91 -2.95 -0.41
C GLY A 65 -11.58 -2.89 0.93
N LYS A 66 -11.99 -1.68 1.32
CA LYS A 66 -12.46 -1.41 2.67
C LYS A 66 -11.36 -1.73 3.68
N PHE A 67 -10.31 -0.90 3.65
CA PHE A 67 -9.12 -1.11 4.48
C PHE A 67 -9.49 -1.26 5.96
N LYS A 68 -10.44 -0.44 6.42
CA LYS A 68 -10.81 -0.45 7.83
C LYS A 68 -11.37 -1.80 8.23
N GLU A 69 -12.01 -2.47 7.29
CA GLU A 69 -12.59 -3.78 7.55
C GLU A 69 -11.50 -4.83 7.49
N GLY A 70 -10.55 -4.62 6.60
CA GLY A 70 -9.45 -5.52 6.43
C GLY A 70 -8.62 -5.60 7.69
N VAL A 71 -8.39 -4.44 8.29
CA VAL A 71 -7.62 -4.33 9.52
C VAL A 71 -8.36 -5.01 10.67
N ALA A 72 -9.62 -4.65 10.85
CA ALA A 72 -10.39 -5.09 11.99
C ALA A 72 -10.82 -6.54 11.83
N SER A 73 -10.85 -6.98 10.59
CA SER A 73 -11.07 -8.40 10.31
C SER A 73 -9.88 -9.20 10.84
N GLY A 74 -8.70 -8.62 10.73
CA GLY A 74 -7.49 -9.29 11.19
C GLY A 74 -6.91 -10.15 10.09
N ASN A 75 -7.37 -9.93 8.87
CA ASN A 75 -6.94 -10.72 7.73
C ASN A 75 -7.34 -10.05 6.42
N LEU A 76 -6.80 -8.87 6.22
CA LEU A 76 -6.94 -8.16 4.96
C LEU A 76 -6.18 -8.88 3.86
N ASN A 77 -6.85 -9.68 3.06
CA ASN A 77 -6.18 -10.36 1.96
C ASN A 77 -7.09 -10.45 0.74
N THR A 78 -6.88 -9.57 -0.24
CA THR A 78 -7.67 -9.60 -1.45
C THR A 78 -6.90 -8.97 -2.60
N MET A 79 -7.35 -9.25 -3.81
CA MET A 79 -6.77 -8.66 -5.00
C MET A 79 -7.88 -8.08 -5.88
N PHE A 80 -7.85 -6.78 -6.04
CA PHE A 80 -8.84 -6.09 -6.84
C PHE A 80 -8.14 -5.24 -7.89
N GLU A 81 -8.59 -5.29 -9.12
CA GLU A 81 -8.00 -4.46 -10.15
C GLU A 81 -8.94 -3.31 -10.50
N TYR A 82 -8.46 -2.11 -10.24
CA TYR A 82 -9.26 -0.91 -10.38
C TYR A 82 -8.78 -0.10 -11.58
N THR A 83 -9.71 0.25 -12.44
CA THR A 83 -9.40 1.04 -13.61
C THR A 83 -9.76 2.50 -13.36
N PHE A 84 -8.76 3.33 -13.13
CA PHE A 84 -8.99 4.76 -12.92
C PHE A 84 -9.44 5.42 -14.21
N ASP A 85 -10.76 5.49 -14.38
CA ASP A 85 -11.34 6.10 -15.57
C ASP A 85 -11.40 7.60 -15.37
N TYR A 86 -10.26 8.24 -15.50
CA TYR A 86 -10.13 9.69 -15.33
C TYR A 86 -9.19 10.24 -16.38
N GLN A 87 -9.47 11.44 -16.86
CA GLN A 87 -8.64 12.10 -17.85
C GLN A 87 -8.58 11.27 -19.13
N MET A 88 -7.45 11.26 -19.80
CA MET A 88 -7.27 10.45 -21.00
C MET A 88 -6.40 9.24 -20.72
N THR A 89 -5.88 9.17 -19.50
CA THR A 89 -4.98 8.09 -19.13
C THR A 89 -5.60 7.21 -18.04
N PRO A 90 -6.21 6.09 -18.45
CA PRO A 90 -6.84 5.15 -17.53
C PRO A 90 -5.81 4.26 -16.84
N THR A 91 -5.51 4.55 -15.58
CA THR A 91 -4.60 3.76 -14.80
C THR A 91 -5.31 2.51 -14.25
N LYS A 92 -5.11 1.39 -14.94
CA LYS A 92 -5.66 0.12 -14.51
C LYS A 92 -4.65 -0.65 -13.69
N VAL A 93 -4.82 -0.66 -12.37
CA VAL A 93 -3.88 -1.32 -11.48
C VAL A 93 -4.57 -2.39 -10.65
N LYS A 94 -3.76 -3.27 -10.10
CA LYS A 94 -4.24 -4.28 -9.18
C LYS A 94 -3.77 -3.95 -7.76
N VAL A 95 -4.66 -4.12 -6.79
CA VAL A 95 -4.24 -4.10 -5.39
C VAL A 95 -4.29 -5.49 -4.82
N HIS A 96 -3.15 -6.12 -4.70
CA HIS A 96 -3.11 -7.34 -3.94
C HIS A 96 -2.66 -6.98 -2.55
N MET A 97 -3.62 -6.93 -1.65
CA MET A 97 -3.37 -6.51 -0.29
C MET A 97 -3.55 -7.71 0.59
N LYS A 98 -2.47 -8.16 1.20
CA LYS A 98 -2.50 -9.44 1.88
C LYS A 98 -1.96 -9.30 3.27
N LYS A 99 -2.68 -9.86 4.22
CA LYS A 99 -2.15 -10.03 5.54
C LYS A 99 -0.87 -10.84 5.45
N ALA A 100 0.23 -10.22 5.86
CA ALA A 100 1.54 -10.84 5.80
C ALA A 100 1.48 -12.26 6.33
N LEU A 101 2.25 -13.15 5.70
CA LEU A 101 2.19 -14.57 6.00
C LEU A 101 2.63 -14.83 7.45
N SER A 102 3.45 -13.94 7.97
CA SER A 102 3.83 -13.98 9.37
C SER A 102 2.74 -13.34 10.22
N GLY A 103 2.33 -12.13 9.84
CA GLY A 103 1.26 -11.45 10.53
C GLY A 103 1.63 -10.05 10.95
N ASP A 104 0.67 -9.36 11.60
CA ASP A 104 0.89 -8.04 12.19
C ASP A 104 1.28 -7.01 11.13
N SER A 105 0.74 -7.22 9.95
CA SER A 105 1.04 -6.38 8.79
C SER A 105 0.28 -6.88 7.56
N TYR A 106 0.05 -5.98 6.61
CA TYR A 106 -0.64 -6.30 5.38
C TYR A 106 0.10 -5.67 4.19
N TRP A 107 0.28 -6.43 3.12
CA TRP A 107 1.04 -5.96 1.99
C TRP A 107 0.19 -5.18 1.02
N VAL A 108 0.88 -4.45 0.16
CA VAL A 108 0.26 -3.72 -0.93
C VAL A 108 1.02 -4.01 -2.23
N PHE A 109 0.52 -4.94 -3.01
CA PHE A 109 1.09 -5.25 -4.30
C PHE A 109 0.31 -4.55 -5.40
N VAL A 110 0.87 -3.50 -5.95
CA VAL A 110 0.22 -2.77 -7.03
C VAL A 110 0.94 -2.97 -8.35
N LYS A 111 0.17 -3.21 -9.40
CA LYS A 111 0.70 -3.40 -10.75
C LYS A 111 -0.33 -2.95 -11.77
N ARG A 112 0.11 -2.26 -12.80
CA ARG A 112 -0.82 -1.81 -13.83
C ARG A 112 -0.96 -2.87 -14.92
N VAL A 113 -1.96 -3.73 -14.75
CA VAL A 113 -2.18 -4.86 -15.64
C VAL A 113 -3.57 -5.44 -15.37
C1 HC4 B . -7.61 14.25 8.09
O1 HC4 B . -7.91 14.32 9.27
C2 HC4 B . -8.56 14.52 6.89
C3 HC4 B . -9.86 14.87 6.94
C1' HC4 B . -10.75 15.16 8.07
C2' HC4 B . -12.06 15.53 7.81
C3' HC4 B . -12.96 15.81 8.82
C4' HC4 B . -12.55 15.71 10.13
C5' HC4 B . -11.26 15.35 10.42
C6' HC4 B . -10.38 15.08 9.40
O4' HC4 B . -13.44 15.99 11.14
H2 HC4 B . -8.15 14.37 5.91
H3 HC4 B . -10.22 14.97 5.93
H2' HC4 B . -12.37 15.67 6.78
H3' HC4 B . -13.97 16.09 8.59
H5' HC4 B . -10.94 15.28 11.46
H6' HC4 B . -9.36 14.79 9.64
HO4' HC4 B . -13.02 16.56 11.79
N LEU A 14 8.19 6.95 -6.28
CA LEU A 14 6.89 6.45 -5.82
C LEU A 14 6.99 4.95 -5.55
N ALA A 15 6.52 4.53 -4.37
CA ALA A 15 6.51 3.12 -4.02
C ALA A 15 5.62 2.34 -4.98
N PHE A 16 6.21 1.39 -5.69
CA PHE A 16 5.48 0.64 -6.70
C PHE A 16 5.88 -0.83 -6.66
N GLY A 17 4.95 -1.70 -7.05
CA GLY A 17 5.23 -3.12 -7.07
C GLY A 17 4.85 -3.79 -5.77
N ALA A 18 5.85 -4.21 -5.01
CA ALA A 18 5.61 -4.94 -3.78
C ALA A 18 6.07 -4.15 -2.57
N ILE A 19 5.11 -3.67 -1.79
CA ILE A 19 5.41 -3.01 -0.53
C ILE A 19 4.43 -3.46 0.53
N GLN A 20 4.93 -3.66 1.73
CA GLN A 20 4.07 -4.04 2.83
C GLN A 20 4.02 -2.95 3.88
N LEU A 21 2.85 -2.79 4.46
CA LEU A 21 2.66 -1.84 5.53
C LEU A 21 2.10 -2.55 6.74
N ASP A 22 2.29 -1.98 7.91
CA ASP A 22 1.78 -2.59 9.12
C ASP A 22 0.30 -2.31 9.28
N GLY A 23 -0.35 -3.14 10.07
CA GLY A 23 -1.77 -2.97 10.31
C GLY A 23 -2.05 -1.87 11.31
N ASP A 24 -1.08 -0.97 11.44
CA ASP A 24 -1.17 0.14 12.36
C ASP A 24 -1.39 1.42 11.57
N GLY A 25 -0.85 1.46 10.36
CA GLY A 25 -1.05 2.59 9.48
C GLY A 25 0.24 3.14 8.93
N ASN A 26 1.33 2.42 9.14
CA ASN A 26 2.65 2.89 8.73
C ASN A 26 3.23 1.92 7.72
N ILE A 27 4.15 2.41 6.90
CA ILE A 27 4.86 1.54 5.98
C ILE A 27 5.81 0.66 6.78
N LEU A 28 5.86 -0.61 6.44
CA LEU A 28 6.62 -1.57 7.20
C LEU A 28 7.91 -1.87 6.47
N GLN A 29 7.78 -2.47 5.31
CA GLN A 29 8.94 -2.89 4.53
C GLN A 29 8.68 -2.75 3.03
N TYR A 30 9.65 -2.19 2.34
CA TYR A 30 9.53 -1.98 0.90
C TYR A 30 10.53 -2.87 0.16
N ASN A 31 10.04 -3.76 -0.69
CA ASN A 31 10.90 -4.66 -1.43
C ASN A 31 10.80 -4.39 -2.93
N ALA A 32 11.81 -3.70 -3.44
CA ALA A 32 11.85 -3.36 -4.85
C ALA A 32 12.27 -4.55 -5.68
N ALA A 33 11.32 -5.15 -6.39
CA ALA A 33 11.60 -6.25 -7.28
C ALA A 33 12.62 -5.84 -8.33
N GLU A 34 13.66 -6.65 -8.49
CA GLU A 34 14.76 -6.34 -9.41
C GLU A 34 14.30 -6.27 -10.85
N GLY A 35 13.88 -5.09 -11.27
CA GLY A 35 13.62 -4.81 -12.67
C GLY A 35 14.54 -3.73 -13.15
N ASP A 36 15.60 -3.50 -12.37
CA ASP A 36 16.55 -2.44 -12.62
C ASP A 36 17.94 -3.02 -12.77
N ILE A 37 18.79 -2.32 -13.50
CA ILE A 37 20.17 -2.74 -13.69
C ILE A 37 21.03 -2.19 -12.55
N THR A 38 20.84 -2.76 -11.36
CA THR A 38 21.56 -2.35 -10.18
C THR A 38 21.65 -3.53 -9.20
N GLY A 39 22.41 -3.35 -8.11
CA GLY A 39 22.53 -4.40 -7.12
C GLY A 39 21.25 -4.56 -6.32
N ARG A 40 21.06 -3.71 -5.33
CA ARG A 40 19.81 -3.65 -4.59
C ARG A 40 19.27 -2.24 -4.60
N ASP A 41 18.02 -2.08 -4.20
CA ASP A 41 17.41 -0.76 -4.09
C ASP A 41 16.84 -0.58 -2.68
N PRO A 42 17.66 -0.07 -1.76
CA PRO A 42 17.30 0.08 -0.36
C PRO A 42 16.81 1.47 -0.01
N LYS A 43 16.32 2.20 -0.99
CA LYS A 43 15.85 3.56 -0.76
C LYS A 43 14.33 3.62 -0.94
N GLN A 44 13.73 4.71 -0.49
CA GLN A 44 12.28 4.92 -0.61
C GLN A 44 11.52 3.93 0.29
N VAL A 45 12.20 3.47 1.34
CA VAL A 45 11.61 2.55 2.29
C VAL A 45 10.91 3.34 3.41
N ILE A 46 9.91 2.71 4.06
CA ILE A 46 9.15 3.30 5.18
C ILE A 46 8.88 4.79 5.00
N GLY A 47 8.11 5.08 3.98
CA GLY A 47 7.77 6.45 3.66
C GLY A 47 6.71 7.01 4.58
N LYS A 48 5.84 6.16 5.07
CA LYS A 48 4.75 6.59 5.94
C LYS A 48 5.01 6.17 7.38
N ASN A 49 4.79 7.09 8.31
CA ASN A 49 4.89 6.79 9.72
C ASN A 49 4.11 7.81 10.53
N PHE A 50 2.92 7.45 10.97
CA PHE A 50 2.12 8.30 11.83
C PHE A 50 2.85 8.59 13.14
N PHE A 51 3.28 9.83 13.30
CA PHE A 51 3.99 10.23 14.50
C PHE A 51 3.26 11.37 15.22
N LYS A 52 3.05 12.46 14.50
CA LYS A 52 2.41 13.63 15.07
C LYS A 52 0.94 13.69 14.67
N ASP A 53 0.06 13.67 15.66
CA ASP A 53 -1.38 13.64 15.42
C ASP A 53 -1.95 15.05 15.32
N VAL A 54 -1.12 15.98 14.86
CA VAL A 54 -1.51 17.37 14.69
C VAL A 54 -2.74 17.48 13.78
N ALA A 55 -2.85 16.53 12.84
CA ALA A 55 -3.92 16.49 11.85
C ALA A 55 -3.76 17.63 10.84
N PRO A 56 -3.14 17.34 9.70
CA PRO A 56 -2.93 18.32 8.63
C PRO A 56 -4.26 18.78 8.05
N CYS A 57 -4.30 20.03 7.59
CA CYS A 57 -5.52 20.57 7.02
C CYS A 57 -5.79 19.92 5.66
N THR A 58 -4.73 19.38 5.06
CA THR A 58 -4.84 18.65 3.82
C THR A 58 -4.02 17.37 3.88
N ASP A 59 -4.62 16.26 3.48
CA ASP A 59 -3.93 14.98 3.41
C ASP A 59 -4.71 14.04 2.50
N SER A 60 -4.04 13.07 1.91
CA SER A 60 -4.69 12.19 0.94
C SER A 60 -4.19 10.75 1.05
N PRO A 61 -4.85 9.95 1.90
CA PRO A 61 -4.58 8.52 2.01
C PRO A 61 -5.30 7.74 0.91
N GLU A 62 -4.54 7.33 -0.10
CA GLU A 62 -5.11 6.66 -1.26
C GLU A 62 -4.73 5.18 -1.26
N PHE A 63 -5.35 4.41 -2.15
CA PHE A 63 -5.07 2.97 -2.32
C PHE A 63 -5.69 2.14 -1.21
N TYR A 64 -6.73 2.69 -0.58
CA TYR A 64 -7.54 1.94 0.37
C TYR A 64 -8.40 0.92 -0.37
N GLY A 65 -8.32 -0.35 0.03
CA GLY A 65 -9.18 -1.34 -0.59
C GLY A 65 -10.21 -1.82 0.40
N LYS A 66 -9.78 -2.71 1.26
CA LYS A 66 -10.57 -3.11 2.41
C LYS A 66 -9.69 -3.04 3.63
N PHE A 67 -9.19 -1.85 3.93
CA PHE A 67 -8.18 -1.71 4.97
C PHE A 67 -8.84 -1.54 6.34
N LYS A 68 -9.96 -0.82 6.38
CA LYS A 68 -10.66 -0.59 7.64
C LYS A 68 -11.23 -1.92 8.11
N GLU A 69 -11.59 -2.71 7.13
CA GLU A 69 -12.11 -4.03 7.35
C GLU A 69 -10.97 -4.99 7.57
N GLY A 70 -9.90 -4.78 6.80
CA GLY A 70 -8.77 -5.67 6.79
C GLY A 70 -8.19 -5.88 8.16
N VAL A 71 -8.19 -4.80 8.93
CA VAL A 71 -7.68 -4.83 10.29
C VAL A 71 -8.59 -5.64 11.20
N ALA A 72 -9.89 -5.34 11.16
CA ALA A 72 -10.81 -5.89 12.13
C ALA A 72 -11.37 -7.23 11.70
N SER A 73 -11.36 -7.49 10.41
CA SER A 73 -11.73 -8.80 9.92
C SER A 73 -10.57 -9.74 10.22
N GLY A 74 -9.36 -9.18 10.17
CA GLY A 74 -8.18 -9.95 10.50
C GLY A 74 -7.73 -10.78 9.33
N ASN A 75 -8.18 -10.40 8.15
CA ASN A 75 -7.87 -11.16 6.95
C ASN A 75 -7.91 -10.30 5.69
N LEU A 76 -7.19 -9.20 5.74
CA LEU A 76 -7.03 -8.33 4.59
C LEU A 76 -6.23 -9.02 3.50
N ASN A 77 -6.89 -9.78 2.66
CA ASN A 77 -6.23 -10.37 1.51
C ASN A 77 -7.18 -10.40 0.32
N THR A 78 -7.04 -9.44 -0.59
CA THR A 78 -7.90 -9.36 -1.76
C THR A 78 -7.14 -8.79 -2.95
N MET A 79 -7.48 -9.24 -4.15
CA MET A 79 -7.01 -8.58 -5.35
C MET A 79 -8.11 -7.67 -5.86
N PHE A 80 -7.84 -6.39 -5.83
CA PHE A 80 -8.83 -5.38 -6.18
C PHE A 80 -8.32 -4.55 -7.33
N GLU A 81 -9.11 -4.39 -8.36
CA GLU A 81 -8.72 -3.53 -9.46
C GLU A 81 -9.22 -2.12 -9.17
N TYR A 82 -8.29 -1.19 -9.07
CA TYR A 82 -8.61 0.16 -8.63
C TYR A 82 -8.52 1.11 -9.82
N THR A 83 -9.69 1.40 -10.38
CA THR A 83 -9.75 2.27 -11.53
C THR A 83 -9.71 3.73 -11.10
N PHE A 84 -9.04 4.55 -11.89
CA PHE A 84 -9.03 5.98 -11.68
C PHE A 84 -9.86 6.64 -12.76
N ASP A 85 -9.78 6.09 -13.97
CA ASP A 85 -10.51 6.61 -15.11
C ASP A 85 -10.47 5.60 -16.24
N TYR A 86 -11.36 5.75 -17.21
CA TYR A 86 -11.40 4.89 -18.37
C TYR A 86 -11.50 5.71 -19.65
N GLN A 87 -11.73 7.00 -19.51
CA GLN A 87 -11.94 7.86 -20.66
C GLN A 87 -10.64 8.52 -21.10
N MET A 88 -10.12 9.40 -20.24
CA MET A 88 -8.91 10.13 -20.54
C MET A 88 -7.69 9.29 -20.18
N THR A 89 -7.64 8.83 -18.94
CA THR A 89 -6.54 8.03 -18.47
C THR A 89 -7.08 6.68 -17.97
N PRO A 90 -7.08 5.66 -18.83
CA PRO A 90 -7.61 4.33 -18.50
C PRO A 90 -6.61 3.48 -17.74
N THR A 91 -5.68 4.14 -17.06
CA THR A 91 -4.66 3.44 -16.29
C THR A 91 -5.25 2.90 -15.00
N LYS A 92 -5.60 1.62 -15.03
CA LYS A 92 -6.14 0.95 -13.86
C LYS A 92 -5.06 0.12 -13.19
N VAL A 93 -4.97 0.23 -11.87
CA VAL A 93 -4.01 -0.54 -11.12
C VAL A 93 -4.69 -1.72 -10.43
N LYS A 94 -3.88 -2.68 -10.04
CA LYS A 94 -4.37 -3.83 -9.31
C LYS A 94 -3.75 -3.85 -7.92
N VAL A 95 -4.60 -3.95 -6.92
CA VAL A 95 -4.15 -3.96 -5.54
C VAL A 95 -4.19 -5.36 -5.02
N HIS A 96 -3.04 -5.99 -4.91
CA HIS A 96 -2.99 -7.22 -4.17
C HIS A 96 -2.68 -6.84 -2.75
N MET A 97 -3.69 -6.84 -1.92
CA MET A 97 -3.54 -6.46 -0.53
C MET A 97 -3.54 -7.73 0.27
N LYS A 98 -2.46 -7.98 1.00
CA LYS A 98 -2.25 -9.30 1.52
C LYS A 98 -1.80 -9.25 2.97
N LYS A 99 -2.59 -9.83 3.85
CA LYS A 99 -2.21 -9.97 5.23
C LYS A 99 -0.87 -10.67 5.34
N ALA A 100 0.10 -9.94 5.86
CA ALA A 100 1.48 -10.40 5.92
C ALA A 100 1.61 -11.68 6.73
N LEU A 101 2.53 -12.53 6.32
CA LEU A 101 2.73 -13.80 6.98
C LEU A 101 3.50 -13.60 8.29
N SER A 102 3.98 -12.38 8.49
CA SER A 102 4.66 -12.03 9.73
C SER A 102 3.64 -11.75 10.83
N GLY A 103 2.62 -10.97 10.49
CA GLY A 103 1.56 -10.66 11.43
C GLY A 103 1.43 -9.17 11.69
N ASP A 104 0.20 -8.74 12.00
CA ASP A 104 -0.11 -7.34 12.33
C ASP A 104 0.41 -6.39 11.26
N SER A 105 0.30 -6.84 10.02
CA SER A 105 0.75 -6.09 8.88
C SER A 105 0.07 -6.60 7.61
N TYR A 106 -0.06 -5.75 6.62
CA TYR A 106 -0.75 -6.09 5.38
C TYR A 106 -0.02 -5.49 4.18
N TRP A 107 0.12 -6.26 3.11
CA TRP A 107 0.87 -5.83 1.95
C TRP A 107 0.01 -5.07 0.97
N VAL A 108 0.69 -4.39 0.07
CA VAL A 108 0.09 -3.70 -1.05
C VAL A 108 0.92 -3.98 -2.29
N PHE A 109 0.53 -4.98 -3.07
CA PHE A 109 1.20 -5.26 -4.33
C PHE A 109 0.45 -4.53 -5.44
N VAL A 110 0.98 -3.42 -5.90
CA VAL A 110 0.29 -2.63 -6.92
C VAL A 110 0.85 -2.95 -8.32
N LYS A 111 -0.06 -3.13 -9.27
CA LYS A 111 0.32 -3.49 -10.63
C LYS A 111 -0.48 -2.65 -11.61
N ARG A 112 0.21 -1.99 -12.53
CA ARG A 112 -0.48 -1.14 -13.50
C ARG A 112 -0.69 -1.88 -14.81
N VAL A 113 -1.74 -1.50 -15.52
CA VAL A 113 -1.96 -2.01 -16.87
C VAL A 113 -0.97 -1.38 -17.84
C1 HC4 B . -5.89 22.23 9.63
O1 HC4 B . -5.42 21.48 10.46
C2 HC4 B . -7.39 22.64 9.51
C3 HC4 B . -8.40 22.24 10.31
C1' HC4 B . -8.43 21.33 11.47
C2' HC4 B . -9.65 21.10 12.10
C3' HC4 B . -9.74 20.27 13.20
C4' HC4 B . -8.62 19.64 13.69
C5' HC4 B . -7.41 19.84 13.09
C6' HC4 B . -7.32 20.68 11.99
O4' HC4 B . -8.72 18.82 14.78
H2 HC4 B . -7.64 23.33 8.72
H3 HC4 B . -9.32 22.71 9.97
H2' HC4 B . -10.54 21.51 11.66
H3' HC4 B . -10.71 20.12 13.67
H5' HC4 B . -6.52 19.35 13.46
H6' HC4 B . -6.36 20.83 11.51
HO4' HC4 B . -8.00 18.99 15.39
N LEU A 14 4.04 2.82 -10.33
CA LEU A 14 4.10 2.18 -11.67
C LEU A 14 4.97 0.94 -11.64
N ALA A 15 4.49 -0.12 -12.29
CA ALA A 15 5.23 -1.38 -12.45
C ALA A 15 5.38 -2.14 -11.13
N PHE A 16 6.30 -1.68 -10.29
CA PHE A 16 6.58 -2.37 -9.04
C PHE A 16 5.98 -1.62 -7.86
N GLY A 17 4.81 -2.07 -7.44
CA GLY A 17 4.15 -1.50 -6.28
C GLY A 17 4.10 -2.47 -5.13
N ALA A 18 5.21 -3.13 -4.85
CA ALA A 18 5.25 -4.13 -3.79
C ALA A 18 5.75 -3.55 -2.48
N ILE A 19 4.85 -3.29 -1.57
CA ILE A 19 5.23 -2.72 -0.29
C ILE A 19 4.52 -3.43 0.86
N GLN A 20 5.25 -3.63 1.95
CA GLN A 20 4.69 -4.25 3.14
C GLN A 20 4.56 -3.23 4.25
N LEU A 21 3.35 -3.04 4.72
CA LEU A 21 3.11 -2.09 5.79
C LEU A 21 2.44 -2.77 6.98
N ASP A 22 2.67 -2.22 8.15
CA ASP A 22 2.10 -2.76 9.38
C ASP A 22 0.60 -2.49 9.42
N GLY A 23 -0.13 -3.33 10.15
CA GLY A 23 -1.58 -3.27 10.16
C GLY A 23 -2.12 -2.14 11.01
N ASP A 24 -1.37 -1.07 11.06
CA ASP A 24 -1.73 0.10 11.84
C ASP A 24 -1.48 1.38 11.02
N GLY A 25 -0.45 1.33 10.19
CA GLY A 25 -0.18 2.45 9.28
C GLY A 25 1.28 2.80 9.18
N ASN A 26 2.14 1.87 9.57
CA ASN A 26 3.58 2.09 9.52
C ASN A 26 4.23 1.28 8.41
N ILE A 27 5.01 1.94 7.57
CA ILE A 27 5.65 1.28 6.43
C ILE A 27 6.88 0.50 6.90
N LEU A 28 6.82 -0.83 6.75
CA LEU A 28 7.88 -1.67 7.28
C LEU A 28 9.01 -1.81 6.27
N GLN A 29 8.64 -2.09 5.03
CA GLN A 29 9.64 -2.30 3.99
C GLN A 29 9.05 -2.10 2.60
N TYR A 30 9.84 -1.52 1.72
CA TYR A 30 9.41 -1.21 0.36
C TYR A 30 10.21 -2.04 -0.64
N ASN A 31 9.51 -2.89 -1.39
CA ASN A 31 10.17 -3.76 -2.36
C ASN A 31 10.00 -3.17 -3.75
N ALA A 32 10.97 -2.36 -4.16
CA ALA A 32 10.96 -1.73 -5.47
C ALA A 32 12.26 -0.98 -5.72
N ALA A 33 13.17 -1.60 -6.44
CA ALA A 33 14.42 -0.96 -6.77
C ALA A 33 14.21 -0.02 -7.95
N GLU A 34 13.88 1.24 -7.65
CA GLU A 34 13.68 2.25 -8.67
C GLU A 34 14.74 3.33 -8.58
N GLY A 35 15.70 3.09 -7.71
CA GLY A 35 16.80 4.01 -7.54
C GLY A 35 18.06 3.29 -7.08
N ASP A 36 18.07 2.90 -5.81
CA ASP A 36 19.19 2.16 -5.25
C ASP A 36 18.71 1.28 -4.09
N ILE A 37 19.50 0.27 -3.77
CA ILE A 37 19.25 -0.59 -2.61
C ILE A 37 19.07 0.26 -1.35
N THR A 38 20.02 1.16 -1.11
CA THR A 38 20.00 2.02 0.05
C THR A 38 19.10 3.23 -0.21
N GLY A 39 17.82 2.96 -0.43
CA GLY A 39 16.87 4.00 -0.72
C GLY A 39 16.36 4.70 0.52
N ARG A 40 17.19 5.58 1.07
CA ARG A 40 16.79 6.39 2.22
C ARG A 40 15.95 7.59 1.74
N ASP A 41 14.93 7.30 0.96
CA ASP A 41 14.10 8.34 0.36
C ASP A 41 12.89 8.63 1.24
N PRO A 42 12.79 9.87 1.74
CA PRO A 42 11.71 10.27 2.64
C PRO A 42 10.43 10.68 1.89
N LYS A 43 10.42 10.47 0.58
CA LYS A 43 9.26 10.83 -0.23
C LYS A 43 8.64 9.62 -0.89
N GLN A 44 9.05 8.46 -0.41
CA GLN A 44 8.47 7.20 -0.86
C GLN A 44 7.55 6.65 0.21
N VAL A 45 7.46 7.41 1.32
CA VAL A 45 6.69 7.00 2.49
C VAL A 45 7.11 5.60 2.93
N ILE A 46 8.39 5.47 3.26
CA ILE A 46 8.96 4.19 3.64
C ILE A 46 9.85 4.34 4.87
N GLY A 47 10.19 3.20 5.46
CA GLY A 47 11.10 3.17 6.59
C GLY A 47 10.49 3.73 7.86
N LYS A 48 9.19 3.53 8.02
CA LYS A 48 8.48 3.99 9.20
C LYS A 48 8.04 2.82 10.06
N ASN A 49 8.84 2.50 11.06
CA ASN A 49 8.46 1.47 12.02
C ASN A 49 8.29 2.07 13.40
N PHE A 50 7.06 2.39 13.74
CA PHE A 50 6.74 2.91 15.06
C PHE A 50 5.60 2.10 15.64
N PHE A 51 5.51 2.01 16.95
CA PHE A 51 4.52 1.15 17.59
C PHE A 51 3.12 1.80 17.59
N LYS A 52 3.05 3.05 17.15
CA LYS A 52 1.78 3.75 17.00
C LYS A 52 1.96 5.10 16.31
N ASP A 53 1.30 5.27 15.18
CA ASP A 53 1.35 6.53 14.45
C ASP A 53 0.28 7.48 14.99
N VAL A 54 -0.77 6.88 15.55
CA VAL A 54 -1.89 7.60 16.16
C VAL A 54 -2.54 8.52 15.14
N ALA A 55 -2.98 7.93 14.04
CA ALA A 55 -3.72 8.63 13.01
C ALA A 55 -4.78 7.72 12.41
N PRO A 56 -5.95 7.62 13.06
CA PRO A 56 -7.03 6.75 12.61
C PRO A 56 -7.72 7.29 11.36
N CYS A 57 -7.91 8.59 11.31
CA CYS A 57 -8.59 9.23 10.19
C CYS A 57 -8.08 10.64 9.98
N THR A 58 -7.12 10.80 9.07
CA THR A 58 -6.61 12.12 8.72
C THR A 58 -6.49 12.26 7.21
N ASP A 59 -5.65 11.42 6.61
CA ASP A 59 -5.40 11.47 5.18
C ASP A 59 -4.84 10.12 4.72
N SER A 60 -5.11 9.76 3.47
CA SER A 60 -4.58 8.54 2.91
C SER A 60 -3.72 8.84 1.68
N PRO A 61 -2.38 8.85 1.84
CA PRO A 61 -1.46 9.06 0.73
C PRO A 61 -1.40 7.85 -0.20
N GLU A 62 -1.87 6.73 0.32
CA GLU A 62 -1.93 5.49 -0.43
C GLU A 62 -3.37 5.02 -0.51
N PHE A 63 -3.71 4.32 -1.57
CA PHE A 63 -5.07 3.88 -1.79
C PHE A 63 -5.33 2.54 -1.13
N TYR A 64 -5.88 2.59 0.08
CA TYR A 64 -6.25 1.39 0.80
C TYR A 64 -7.61 0.91 0.32
N GLY A 65 -7.75 -0.40 0.12
CA GLY A 65 -8.94 -0.90 -0.51
C GLY A 65 -9.94 -1.45 0.49
N LYS A 66 -9.63 -2.62 1.01
CA LYS A 66 -10.49 -3.25 2.00
C LYS A 66 -10.02 -2.91 3.41
N PHE A 67 -9.06 -1.99 3.50
CA PHE A 67 -8.34 -1.74 4.75
C PHE A 67 -9.26 -1.57 5.96
N LYS A 68 -10.43 -0.93 5.74
CA LYS A 68 -11.37 -0.66 6.83
C LYS A 68 -11.95 -1.95 7.38
N GLU A 69 -12.06 -2.94 6.51
CA GLU A 69 -12.49 -4.26 6.91
C GLU A 69 -11.27 -5.07 7.30
N GLY A 70 -10.21 -4.91 6.51
CA GLY A 70 -9.00 -5.69 6.62
C GLY A 70 -8.46 -5.72 8.03
N VAL A 71 -8.51 -4.55 8.65
CA VAL A 71 -8.04 -4.37 10.01
C VAL A 71 -8.87 -5.18 10.99
N ALA A 72 -10.19 -5.00 10.93
CA ALA A 72 -11.06 -5.53 11.95
C ALA A 72 -11.48 -6.96 11.68
N SER A 73 -11.55 -7.32 10.42
CA SER A 73 -11.84 -8.69 10.06
C SER A 73 -10.60 -9.53 10.35
N GLY A 74 -9.44 -8.90 10.25
CA GLY A 74 -8.19 -9.58 10.51
C GLY A 74 -7.83 -10.47 9.35
N ASN A 75 -8.32 -10.12 8.18
CA ASN A 75 -8.07 -10.93 6.98
C ASN A 75 -8.01 -10.07 5.73
N LEU A 76 -7.21 -9.02 5.81
CA LEU A 76 -6.98 -8.14 4.68
C LEU A 76 -6.13 -8.80 3.62
N ASN A 77 -6.72 -9.67 2.84
CA ASN A 77 -6.02 -10.27 1.73
C ASN A 77 -6.97 -10.46 0.55
N THR A 78 -6.93 -9.53 -0.41
CA THR A 78 -7.84 -9.56 -1.55
C THR A 78 -7.16 -8.95 -2.77
N MET A 79 -7.63 -9.30 -3.94
CA MET A 79 -7.18 -8.69 -5.18
C MET A 79 -8.34 -7.98 -5.87
N PHE A 80 -8.07 -6.80 -6.39
CA PHE A 80 -9.09 -5.96 -7.01
C PHE A 80 -8.42 -4.91 -7.89
N GLU A 81 -9.08 -4.50 -8.95
CA GLU A 81 -8.54 -3.45 -9.82
C GLU A 81 -9.05 -2.10 -9.36
N TYR A 82 -8.13 -1.20 -9.01
CA TYR A 82 -8.50 0.11 -8.49
C TYR A 82 -8.08 1.20 -9.47
N THR A 83 -8.96 2.17 -9.67
CA THR A 83 -8.64 3.29 -10.53
C THR A 83 -8.85 4.60 -9.79
N PHE A 84 -8.09 5.62 -10.17
CA PHE A 84 -8.24 6.95 -9.59
C PHE A 84 -8.34 8.00 -10.69
N ASP A 85 -8.43 7.52 -11.92
CA ASP A 85 -8.67 8.37 -13.07
C ASP A 85 -9.22 7.52 -14.20
N TYR A 86 -10.23 8.02 -14.88
CA TYR A 86 -10.98 7.21 -15.84
C TYR A 86 -11.30 7.98 -17.11
N GLN A 87 -11.57 7.23 -18.18
CA GLN A 87 -11.94 7.78 -19.49
C GLN A 87 -10.77 8.49 -20.16
N MET A 88 -10.25 9.53 -19.51
CA MET A 88 -9.10 10.27 -20.02
C MET A 88 -7.90 9.34 -20.16
N THR A 89 -7.63 8.62 -19.09
CA THR A 89 -6.59 7.61 -19.10
C THR A 89 -7.12 6.29 -18.55
N PRO A 90 -6.56 5.17 -19.03
CA PRO A 90 -6.96 3.84 -18.58
C PRO A 90 -6.12 3.36 -17.41
N THR A 91 -5.91 4.23 -16.42
CA THR A 91 -5.12 3.88 -15.26
C THR A 91 -5.89 2.90 -14.38
N LYS A 92 -5.59 1.63 -14.54
CA LYS A 92 -6.20 0.59 -13.75
C LYS A 92 -5.12 -0.26 -13.12
N VAL A 93 -4.98 -0.19 -11.80
CA VAL A 93 -3.99 -0.99 -11.12
C VAL A 93 -4.63 -2.16 -10.40
N LYS A 94 -3.82 -3.15 -10.11
CA LYS A 94 -4.25 -4.32 -9.39
C LYS A 94 -3.79 -4.20 -7.96
N VAL A 95 -4.73 -4.22 -7.03
CA VAL A 95 -4.37 -4.16 -5.63
C VAL A 95 -4.35 -5.55 -5.06
N HIS A 96 -3.18 -6.10 -4.90
CA HIS A 96 -3.08 -7.34 -4.17
C HIS A 96 -2.60 -7.02 -2.78
N MET A 97 -3.52 -7.05 -1.85
CA MET A 97 -3.19 -6.83 -0.45
C MET A 97 -3.26 -8.15 0.26
N LYS A 98 -2.39 -8.36 1.22
CA LYS A 98 -2.40 -9.60 1.94
C LYS A 98 -1.95 -9.36 3.36
N LYS A 99 -2.71 -9.87 4.30
CA LYS A 99 -2.28 -9.93 5.64
C LYS A 99 -0.98 -10.71 5.72
N ALA A 100 0.08 -9.98 6.04
CA ALA A 100 1.42 -10.54 6.06
C ALA A 100 1.45 -11.78 6.92
N LEU A 101 2.25 -12.76 6.53
CA LEU A 101 2.36 -14.00 7.29
C LEU A 101 2.92 -13.71 8.68
N SER A 102 3.54 -12.55 8.81
CA SER A 102 4.02 -12.06 10.09
C SER A 102 2.86 -11.86 11.06
N GLY A 103 1.75 -11.33 10.55
CA GLY A 103 0.57 -11.15 11.37
C GLY A 103 0.17 -9.69 11.55
N ASP A 104 1.05 -8.90 12.14
CA ASP A 104 0.76 -7.52 12.52
C ASP A 104 1.06 -6.55 11.38
N SER A 105 0.70 -6.94 10.18
CA SER A 105 1.00 -6.16 9.00
C SER A 105 0.20 -6.67 7.80
N TYR A 106 0.05 -5.81 6.81
CA TYR A 106 -0.67 -6.15 5.58
C TYR A 106 0.07 -5.57 4.38
N TRP A 107 0.22 -6.36 3.32
CA TRP A 107 0.96 -5.94 2.15
C TRP A 107 0.09 -5.20 1.17
N VAL A 108 0.75 -4.50 0.27
CA VAL A 108 0.13 -3.79 -0.83
C VAL A 108 0.96 -4.01 -2.09
N PHE A 109 0.44 -4.75 -3.05
CA PHE A 109 1.09 -4.92 -4.34
C PHE A 109 0.27 -4.22 -5.43
N VAL A 110 0.79 -3.13 -5.96
CA VAL A 110 0.11 -2.40 -7.02
C VAL A 110 0.82 -2.61 -8.36
N LYS A 111 0.07 -3.06 -9.36
CA LYS A 111 0.59 -3.26 -10.71
C LYS A 111 -0.50 -2.92 -11.71
N ARG A 112 -0.15 -2.23 -12.78
CA ARG A 112 -1.15 -1.78 -13.74
C ARG A 112 -1.51 -2.90 -14.71
N VAL A 113 -2.71 -2.78 -15.26
CA VAL A 113 -3.16 -3.69 -16.29
C VAL A 113 -2.46 -3.36 -17.61
C1 HC4 B . -12.71 10.00 9.82
O1 HC4 B . -13.56 9.22 9.42
C2 HC4 B . -12.91 11.01 10.98
C3 HC4 B . -14.01 11.23 11.72
C1' HC4 B . -15.35 10.60 11.67
C2' HC4 B . -16.32 11.03 12.57
C3' HC4 B . -17.58 10.48 12.58
C4' HC4 B . -17.90 9.48 11.68
C5' HC4 B . -16.97 9.04 10.78
C6' HC4 B . -15.70 9.59 10.79
O4' HC4 B . -19.16 8.95 11.69
H2 HC4 B . -12.05 11.63 11.23
H3 HC4 B . -13.81 12.00 12.44
H2' HC4 B . -16.04 11.76 13.32
H3' HC4 B . -18.32 10.84 13.29
H5' HC4 B . -17.22 8.26 10.08
H6' HC4 B . -14.97 9.24 10.07
HO4' HC4 B . -19.11 8.00 11.65
N LEU A 14 9.60 -8.68 -9.83
CA LEU A 14 9.80 -7.23 -9.61
C LEU A 14 9.41 -6.85 -8.19
N ALA A 15 10.34 -6.22 -7.49
CA ALA A 15 10.08 -5.71 -6.16
C ALA A 15 9.22 -4.46 -6.20
N PHE A 16 9.41 -3.64 -7.24
CA PHE A 16 8.61 -2.45 -7.42
C PHE A 16 7.15 -2.82 -7.65
N GLY A 17 6.27 -2.21 -6.88
CA GLY A 17 4.87 -2.58 -6.90
C GLY A 17 4.51 -3.30 -5.62
N ALA A 18 5.51 -3.85 -4.95
CA ALA A 18 5.30 -4.62 -3.74
C ALA A 18 5.82 -3.88 -2.52
N ILE A 19 4.92 -3.35 -1.71
CA ILE A 19 5.29 -2.70 -0.47
C ILE A 19 4.56 -3.35 0.69
N GLN A 20 5.27 -3.53 1.79
CA GLN A 20 4.70 -4.15 2.96
C GLN A 20 4.54 -3.13 4.08
N LEU A 21 3.33 -3.04 4.60
CA LEU A 21 3.03 -2.13 5.69
C LEU A 21 2.46 -2.89 6.86
N ASP A 22 2.46 -2.27 8.01
CA ASP A 22 1.92 -2.91 9.21
C ASP A 22 0.43 -2.67 9.32
N GLY A 23 -0.21 -3.44 10.18
CA GLY A 23 -1.63 -3.30 10.42
C GLY A 23 -1.94 -2.10 11.29
N ASP A 24 -1.08 -1.10 11.23
CA ASP A 24 -1.23 0.07 12.07
C ASP A 24 -1.20 1.35 11.22
N GLY A 25 -0.87 1.17 9.94
CA GLY A 25 -0.85 2.29 9.02
C GLY A 25 0.55 2.82 8.79
N ASN A 26 1.53 2.07 9.25
CA ASN A 26 2.94 2.45 9.12
C ASN A 26 3.61 1.58 8.06
N ILE A 27 4.59 2.16 7.38
CA ILE A 27 5.30 1.44 6.35
C ILE A 27 6.42 0.61 6.98
N LEU A 28 6.47 -0.66 6.64
CA LEU A 28 7.46 -1.55 7.23
C LEU A 28 8.66 -1.67 6.30
N GLN A 29 8.39 -1.93 5.02
CA GLN A 29 9.46 -2.05 4.04
C GLN A 29 8.90 -1.95 2.62
N TYR A 30 9.43 -0.98 1.88
CA TYR A 30 9.14 -0.88 0.47
C TYR A 30 10.19 -1.69 -0.28
N ASN A 31 9.75 -2.63 -1.10
CA ASN A 31 10.68 -3.49 -1.82
C ASN A 31 11.17 -2.79 -3.07
N ALA A 32 12.45 -2.47 -3.09
CA ALA A 32 13.08 -1.89 -4.25
C ALA A 32 13.96 -2.93 -4.93
N ALA A 33 13.96 -2.94 -6.25
CA ALA A 33 14.72 -3.92 -7.01
C ALA A 33 16.21 -3.83 -6.67
N GLU A 34 16.79 -4.97 -6.33
CA GLU A 34 18.18 -5.02 -5.94
C GLU A 34 19.10 -4.74 -7.13
N GLY A 35 19.57 -3.51 -7.20
CA GLY A 35 20.42 -3.12 -8.30
C GLY A 35 20.79 -1.66 -8.22
N ASP A 36 19.97 -0.80 -8.82
CA ASP A 36 20.25 0.62 -8.85
C ASP A 36 18.97 1.43 -8.79
N ILE A 37 18.83 2.21 -7.72
CA ILE A 37 17.77 3.20 -7.63
C ILE A 37 18.10 4.34 -8.59
N THR A 38 19.41 4.65 -8.66
CA THR A 38 19.98 5.66 -9.56
C THR A 38 19.15 6.95 -9.62
N GLY A 39 19.17 7.68 -8.52
CA GLY A 39 18.47 8.93 -8.45
C GLY A 39 17.98 9.24 -7.05
N ARG A 40 17.72 10.51 -6.79
CA ARG A 40 17.16 10.93 -5.51
C ARG A 40 15.64 10.86 -5.54
N ASP A 41 15.11 9.69 -5.21
CA ASP A 41 13.68 9.43 -5.29
C ASP A 41 12.96 10.10 -4.11
N PRO A 42 11.91 10.88 -4.39
CA PRO A 42 11.13 11.56 -3.35
C PRO A 42 10.20 10.62 -2.58
N LYS A 43 10.68 9.42 -2.29
CA LYS A 43 9.89 8.43 -1.56
C LYS A 43 9.95 8.67 -0.06
N GLN A 44 8.91 9.30 0.46
CA GLN A 44 8.75 9.44 1.90
C GLN A 44 7.69 8.46 2.41
N VAL A 45 7.22 7.61 1.50
CA VAL A 45 6.27 6.57 1.84
C VAL A 45 7.02 5.31 2.34
N ILE A 46 8.10 5.56 3.05
CA ILE A 46 8.95 4.52 3.59
C ILE A 46 9.69 5.04 4.82
N GLY A 47 9.98 4.15 5.74
CA GLY A 47 10.62 4.54 6.98
C GLY A 47 9.64 5.17 7.93
N LYS A 48 8.36 4.96 7.68
CA LYS A 48 7.32 5.50 8.54
C LYS A 48 7.00 4.51 9.64
N ASN A 49 7.64 4.69 10.78
CA ASN A 49 7.31 3.92 11.96
C ASN A 49 7.20 4.87 13.14
N PHE A 50 5.98 5.25 13.43
CA PHE A 50 5.70 6.30 14.38
C PHE A 50 4.23 6.24 14.73
N PHE A 51 3.90 6.37 16.00
CA PHE A 51 2.52 6.21 16.46
C PHE A 51 1.72 7.49 16.26
N LYS A 52 2.00 8.17 15.16
CA LYS A 52 1.31 9.38 14.80
C LYS A 52 1.65 9.74 13.35
N ASP A 53 0.92 10.69 12.80
CA ASP A 53 1.11 11.13 11.41
C ASP A 53 0.85 9.98 10.43
N VAL A 54 -0.42 9.64 10.31
CA VAL A 54 -0.86 8.61 9.36
C VAL A 54 -1.72 9.25 8.28
N ALA A 55 -2.56 10.19 8.69
CA ALA A 55 -3.37 10.96 7.76
C ALA A 55 -2.90 12.41 7.74
N PRO A 56 -2.38 12.87 6.59
CA PRO A 56 -1.83 14.23 6.46
C PRO A 56 -2.81 15.31 6.90
N CYS A 57 -4.03 15.23 6.39
CA CYS A 57 -5.09 16.17 6.75
C CYS A 57 -6.46 15.50 6.63
N THR A 58 -7.51 16.30 6.53
CA THR A 58 -8.88 15.80 6.49
C THR A 58 -9.14 14.95 5.26
N ASP A 59 -9.53 13.69 5.50
CA ASP A 59 -9.97 12.77 4.44
C ASP A 59 -8.84 12.39 3.48
N SER A 60 -8.38 11.16 3.59
CA SER A 60 -7.35 10.66 2.70
C SER A 60 -7.63 9.20 2.35
N PRO A 61 -8.18 8.95 1.16
CA PRO A 61 -8.46 7.59 0.66
C PRO A 61 -7.18 6.87 0.24
N GLU A 62 -6.21 6.80 1.14
CA GLU A 62 -4.95 6.12 0.86
C GLU A 62 -5.08 4.63 1.18
N PHE A 63 -6.21 4.27 1.75
CA PHE A 63 -6.49 2.88 2.10
C PHE A 63 -6.98 2.13 0.87
N TYR A 64 -6.09 1.36 0.27
CA TYR A 64 -6.38 0.69 -1.01
C TYR A 64 -7.53 -0.31 -0.87
N GLY A 65 -7.30 -1.41 -0.16
CA GLY A 65 -8.33 -2.42 -0.01
C GLY A 65 -9.20 -2.18 1.20
N LYS A 66 -9.52 -0.91 1.44
CA LYS A 66 -10.30 -0.51 2.61
C LYS A 66 -9.64 -1.05 3.88
N PHE A 67 -8.49 -0.48 4.21
CA PHE A 67 -7.56 -1.02 5.20
C PHE A 67 -8.25 -1.35 6.52
N LYS A 68 -9.24 -0.54 6.92
CA LYS A 68 -9.85 -0.70 8.24
C LYS A 68 -10.73 -1.94 8.27
N GLU A 69 -11.21 -2.35 7.12
CA GLU A 69 -12.04 -3.53 7.01
C GLU A 69 -11.15 -4.76 6.97
N GLY A 70 -9.97 -4.59 6.40
CA GLY A 70 -9.01 -5.65 6.34
C GLY A 70 -8.53 -6.07 7.71
N VAL A 71 -8.32 -5.08 8.55
CA VAL A 71 -7.88 -5.29 9.92
C VAL A 71 -9.00 -5.96 10.73
N ALA A 72 -10.20 -5.41 10.60
CA ALA A 72 -11.31 -5.84 11.43
C ALA A 72 -11.82 -7.20 11.01
N SER A 73 -11.72 -7.47 9.72
CA SER A 73 -12.06 -8.80 9.23
C SER A 73 -11.06 -9.82 9.76
N GLY A 74 -9.82 -9.36 9.92
CA GLY A 74 -8.80 -10.16 10.56
C GLY A 74 -7.86 -10.81 9.57
N ASN A 75 -7.92 -10.34 8.33
CA ASN A 75 -7.13 -10.94 7.26
C ASN A 75 -7.32 -10.14 5.97
N LEU A 76 -6.75 -8.94 5.99
CA LEU A 76 -6.72 -8.09 4.81
C LEU A 76 -6.01 -8.78 3.66
N ASN A 77 -6.76 -9.53 2.88
CA ASN A 77 -6.21 -10.22 1.74
C ASN A 77 -7.22 -10.22 0.60
N THR A 78 -7.02 -9.34 -0.36
CA THR A 78 -7.92 -9.24 -1.49
C THR A 78 -7.17 -8.75 -2.72
N MET A 79 -7.70 -9.08 -3.87
CA MET A 79 -7.15 -8.60 -5.12
C MET A 79 -8.28 -8.11 -6.02
N PHE A 80 -8.24 -6.83 -6.32
CA PHE A 80 -9.22 -6.24 -7.21
C PHE A 80 -8.53 -5.18 -8.06
N GLU A 81 -8.85 -5.16 -9.33
CA GLU A 81 -8.29 -4.15 -10.21
C GLU A 81 -9.29 -3.04 -10.44
N TYR A 82 -8.91 -1.84 -10.03
CA TYR A 82 -9.76 -0.68 -10.21
C TYR A 82 -9.15 0.21 -11.28
N THR A 83 -9.71 0.14 -12.47
CA THR A 83 -9.17 0.88 -13.58
C THR A 83 -9.68 2.31 -13.57
N PHE A 84 -8.82 3.23 -13.94
CA PHE A 84 -9.20 4.61 -14.08
C PHE A 84 -9.48 4.89 -15.55
N ASP A 85 -10.76 5.05 -15.89
CA ASP A 85 -11.15 5.29 -17.27
C ASP A 85 -10.48 6.56 -17.79
N TYR A 86 -10.15 7.46 -16.85
CA TYR A 86 -9.30 8.61 -17.12
C TYR A 86 -9.95 9.57 -18.10
N GLN A 87 -9.70 9.35 -19.39
CA GLN A 87 -10.21 10.21 -20.45
C GLN A 87 -10.15 9.47 -21.78
N MET A 88 -8.97 8.98 -22.12
CA MET A 88 -8.76 8.26 -23.37
C MET A 88 -8.61 6.77 -23.11
N THR A 89 -7.49 6.39 -22.50
CA THR A 89 -7.20 5.00 -22.22
C THR A 89 -7.36 4.73 -20.72
N PRO A 90 -7.90 3.55 -20.35
CA PRO A 90 -8.06 3.16 -18.95
C PRO A 90 -6.73 2.83 -18.29
N THR A 91 -6.37 3.58 -17.26
CA THR A 91 -5.19 3.29 -16.47
C THR A 91 -5.58 2.33 -15.34
N LYS A 92 -5.32 1.05 -15.55
CA LYS A 92 -5.80 0.03 -14.64
C LYS A 92 -4.76 -0.30 -13.59
N VAL A 93 -5.16 -0.23 -12.32
CA VAL A 93 -4.34 -0.71 -11.24
C VAL A 93 -4.96 -1.96 -10.64
N LYS A 94 -4.15 -2.73 -9.97
CA LYS A 94 -4.61 -3.96 -9.34
C LYS A 94 -4.09 -4.02 -7.92
N VAL A 95 -5.01 -4.05 -6.97
CA VAL A 95 -4.64 -4.03 -5.56
C VAL A 95 -4.59 -5.43 -5.01
N HIS A 96 -3.41 -5.95 -4.81
CA HIS A 96 -3.29 -7.20 -4.10
C HIS A 96 -2.73 -6.89 -2.72
N MET A 97 -3.60 -6.88 -1.75
CA MET A 97 -3.19 -6.66 -0.38
C MET A 97 -3.36 -7.95 0.36
N LYS A 98 -2.42 -8.30 1.20
CA LYS A 98 -2.47 -9.57 1.85
C LYS A 98 -1.94 -9.46 3.25
N LYS A 99 -2.65 -10.06 4.18
CA LYS A 99 -2.19 -10.16 5.53
C LYS A 99 -0.82 -10.84 5.57
N ALA A 100 0.15 -10.06 6.03
CA ALA A 100 1.53 -10.49 6.12
C ALA A 100 1.66 -11.72 6.99
N LEU A 101 2.65 -12.55 6.70
CA LEU A 101 2.86 -13.79 7.45
C LEU A 101 3.16 -13.51 8.92
N SER A 102 3.48 -12.26 9.24
CA SER A 102 3.65 -11.84 10.62
C SER A 102 2.29 -11.68 11.31
N GLY A 103 1.25 -11.44 10.51
CA GLY A 103 -0.08 -11.25 11.05
C GLY A 103 -0.37 -9.80 11.41
N ASP A 104 0.60 -9.17 12.06
CA ASP A 104 0.46 -7.79 12.55
C ASP A 104 0.85 -6.78 11.47
N SER A 105 0.56 -7.14 10.23
CA SER A 105 0.94 -6.34 9.07
C SER A 105 0.26 -6.87 7.82
N TYR A 106 0.17 -6.03 6.80
CA TYR A 106 -0.46 -6.41 5.53
C TYR A 106 0.32 -5.82 4.35
N TRP A 107 0.38 -6.54 3.24
CA TRP A 107 1.13 -6.09 2.09
C TRP A 107 0.25 -5.33 1.11
N VAL A 108 0.91 -4.65 0.19
CA VAL A 108 0.27 -3.95 -0.91
C VAL A 108 1.04 -4.21 -2.19
N PHE A 109 0.50 -5.06 -3.06
CA PHE A 109 1.10 -5.29 -4.36
C PHE A 109 0.23 -4.61 -5.41
N VAL A 110 0.70 -3.49 -5.93
CA VAL A 110 -0.07 -2.78 -6.92
C VAL A 110 0.52 -2.96 -8.32
N LYS A 111 -0.35 -3.22 -9.29
CA LYS A 111 0.06 -3.35 -10.66
C LYS A 111 -0.68 -2.35 -11.52
N ARG A 112 0.03 -1.35 -12.01
CA ARG A 112 -0.58 -0.34 -12.85
C ARG A 112 -0.19 -0.58 -14.30
N VAL A 113 -1.10 -0.26 -15.20
CA VAL A 113 -0.82 -0.30 -16.62
C VAL A 113 -1.40 0.94 -17.31
C1 HC4 B . -4.44 19.07 8.06
O1 HC4 B . -5.61 18.83 8.35
C2 HC4 B . -3.38 19.73 8.98
C3 HC4 B . -3.55 20.14 10.25
C1' HC4 B . -4.72 20.11 11.14
C2' HC4 B . -4.59 20.62 12.42
C3' HC4 B . -5.65 20.62 13.32
C4' HC4 B . -6.86 20.12 12.93
C5' HC4 B . -7.03 19.61 11.66
C6' HC4 B . -5.96 19.61 10.78
O4' HC4 B . -7.92 20.11 13.81
H2 HC4 B . -2.40 19.86 8.56
H3 HC4 B . -2.62 20.55 10.60
H2' HC4 B . -3.61 20.92 12.77
H3' HC4 B . -5.51 21.02 14.31
H5' HC4 B . -7.98 19.21 11.35
H6' HC4 B . -6.09 19.21 9.79
HO4' HC4 B . -7.99 20.96 14.24
N LEU A 14 13.93 0.88 -11.05
CA LEU A 14 13.16 0.70 -9.80
C LEU A 14 11.68 0.81 -10.11
N ALA A 15 10.83 0.40 -9.18
CA ALA A 15 9.39 0.45 -9.37
C ALA A 15 8.64 0.30 -8.06
N PHE A 16 7.49 0.94 -7.97
CA PHE A 16 6.55 0.67 -6.90
C PHE A 16 5.82 -0.64 -7.16
N GLY A 17 6.51 -1.74 -6.89
CA GLY A 17 5.91 -3.03 -7.11
C GLY A 17 5.16 -3.52 -5.89
N ALA A 18 5.91 -3.89 -4.86
CA ALA A 18 5.31 -4.42 -3.65
C ALA A 18 5.83 -3.69 -2.42
N ILE A 19 4.96 -2.97 -1.76
CA ILE A 19 5.30 -2.32 -0.50
C ILE A 19 4.42 -2.88 0.61
N GLN A 20 5.00 -3.08 1.77
CA GLN A 20 4.26 -3.69 2.85
C GLN A 20 4.22 -2.77 4.06
N LEU A 21 3.10 -2.80 4.73
CA LEU A 21 2.90 -1.98 5.92
C LEU A 21 2.34 -2.82 7.06
N ASP A 22 2.47 -2.33 8.27
CA ASP A 22 2.00 -3.06 9.42
C ASP A 22 0.52 -2.79 9.66
N GLY A 23 -0.09 -3.69 10.40
CA GLY A 23 -1.50 -3.58 10.71
C GLY A 23 -1.74 -2.58 11.82
N ASP A 24 -0.78 -1.69 12.02
CA ASP A 24 -0.90 -0.63 13.00
C ASP A 24 -1.28 0.65 12.29
N GLY A 25 -0.68 0.86 11.11
CA GLY A 25 -1.06 2.01 10.30
C GLY A 25 0.10 2.69 9.59
N ASN A 26 1.29 2.12 9.64
CA ASN A 26 2.44 2.74 8.98
C ASN A 26 3.26 1.75 8.17
N ILE A 27 4.04 2.29 7.24
CA ILE A 27 4.81 1.50 6.31
C ILE A 27 6.03 0.90 7.00
N LEU A 28 6.39 -0.32 6.63
CA LEU A 28 7.52 -1.00 7.24
C LEU A 28 8.58 -1.33 6.20
N GLN A 29 8.22 -2.08 5.17
CA GLN A 29 9.19 -2.55 4.19
C GLN A 29 8.77 -2.18 2.77
N TYR A 30 9.76 -1.89 1.93
CA TYR A 30 9.49 -1.52 0.55
C TYR A 30 10.40 -2.29 -0.40
N ASN A 31 9.83 -2.77 -1.48
CA ASN A 31 10.59 -3.48 -2.51
C ASN A 31 10.77 -2.57 -3.72
N ALA A 32 11.98 -2.06 -3.90
CA ALA A 32 12.25 -1.09 -4.94
C ALA A 32 12.57 -1.77 -6.27
N ALA A 33 13.21 -2.93 -6.20
CA ALA A 33 13.59 -3.65 -7.39
C ALA A 33 12.95 -5.03 -7.41
N GLU A 34 11.77 -5.12 -8.02
CA GLU A 34 11.09 -6.40 -8.18
C GLU A 34 11.26 -6.90 -9.61
N GLY A 35 12.11 -6.21 -10.35
CA GLY A 35 12.36 -6.56 -11.74
C GLY A 35 11.58 -5.67 -12.69
N ASP A 36 10.48 -5.14 -12.22
CA ASP A 36 9.63 -4.27 -13.03
C ASP A 36 10.17 -2.85 -13.05
N ILE A 37 9.93 -2.15 -14.15
CA ILE A 37 10.41 -0.78 -14.31
C ILE A 37 9.26 0.18 -14.61
N THR A 38 8.75 0.82 -13.58
CA THR A 38 7.74 1.86 -13.76
C THR A 38 8.41 3.19 -14.10
N GLY A 39 7.61 4.24 -14.30
CA GLY A 39 8.17 5.52 -14.73
C GLY A 39 7.87 6.65 -13.76
N ARG A 40 6.60 6.85 -13.44
CA ARG A 40 6.20 7.99 -12.62
C ARG A 40 6.07 7.61 -11.15
N ASP A 41 7.21 7.34 -10.52
CA ASP A 41 7.23 6.94 -9.12
C ASP A 41 7.54 8.12 -8.22
N PRO A 42 6.53 8.61 -7.48
CA PRO A 42 6.68 9.76 -6.59
C PRO A 42 7.51 9.45 -5.35
N LYS A 43 7.50 8.18 -4.92
CA LYS A 43 8.28 7.74 -3.76
C LYS A 43 7.85 8.48 -2.50
N GLN A 44 6.56 8.77 -2.41
CA GLN A 44 6.03 9.56 -1.29
C GLN A 44 5.49 8.67 -0.18
N VAL A 45 5.26 7.40 -0.48
CA VAL A 45 4.63 6.49 0.48
C VAL A 45 5.60 5.42 0.97
N ILE A 46 6.52 5.84 1.84
CA ILE A 46 7.43 4.93 2.53
C ILE A 46 8.27 5.76 3.50
N GLY A 47 8.69 5.14 4.59
CA GLY A 47 9.38 5.86 5.63
C GLY A 47 8.38 6.49 6.58
N LYS A 48 7.24 5.83 6.70
CA LYS A 48 6.15 6.32 7.52
C LYS A 48 6.09 5.54 8.82
N ASN A 49 6.14 6.24 9.94
CA ASN A 49 6.10 5.60 11.25
C ASN A 49 5.41 6.51 12.27
N PHE A 50 4.25 6.07 12.73
CA PHE A 50 3.54 6.74 13.80
C PHE A 50 2.69 5.73 14.58
N PHE A 51 2.85 4.46 14.23
CA PHE A 51 2.06 3.36 14.77
C PHE A 51 0.58 3.52 14.42
N LYS A 52 -0.21 4.10 15.30
CA LYS A 52 -1.64 4.24 15.07
C LYS A 52 -2.13 5.59 15.53
N ASP A 53 -3.22 6.06 14.92
CA ASP A 53 -3.81 7.33 15.31
C ASP A 53 -4.34 7.25 16.74
N VAL A 54 -4.12 8.31 17.50
CA VAL A 54 -4.62 8.38 18.86
C VAL A 54 -5.43 9.68 19.03
N ALA A 55 -6.18 10.00 17.99
CA ALA A 55 -6.97 11.22 17.92
C ALA A 55 -7.90 11.16 16.71
N PRO A 56 -9.06 11.83 16.78
CA PRO A 56 -10.04 11.85 15.69
C PRO A 56 -9.53 12.58 14.45
N CYS A 57 -8.33 13.14 14.58
CA CYS A 57 -7.66 13.84 13.49
C CYS A 57 -7.34 12.89 12.34
N THR A 58 -6.79 11.73 12.67
CA THR A 58 -6.32 10.79 11.66
C THR A 58 -7.25 9.58 11.54
N ASP A 59 -7.23 8.92 10.38
CA ASP A 59 -7.99 7.70 10.16
C ASP A 59 -7.44 6.98 8.94
N SER A 60 -7.87 5.74 8.73
CA SER A 60 -7.35 4.89 7.66
C SER A 60 -7.92 5.31 6.30
N PRO A 61 -7.05 5.72 5.36
CA PRO A 61 -7.43 6.09 4.01
C PRO A 61 -7.24 4.95 3.00
N GLU A 62 -7.41 5.27 1.72
CA GLU A 62 -7.16 4.35 0.62
C GLU A 62 -7.99 3.07 0.76
N PHE A 63 -9.31 3.23 0.72
CA PHE A 63 -10.21 2.10 0.82
C PHE A 63 -10.31 1.36 -0.51
N TYR A 64 -9.44 0.38 -0.71
CA TYR A 64 -9.47 -0.42 -1.93
C TYR A 64 -9.85 -1.87 -1.61
N GLY A 65 -9.18 -2.46 -0.63
CA GLY A 65 -9.54 -3.79 -0.19
C GLY A 65 -10.29 -3.72 1.12
N LYS A 66 -11.11 -2.68 1.26
CA LYS A 66 -11.85 -2.41 2.48
C LYS A 66 -10.88 -2.27 3.65
N PHE A 67 -9.81 -1.50 3.42
CA PHE A 67 -8.64 -1.49 4.30
C PHE A 67 -8.98 -1.43 5.79
N LYS A 68 -9.98 -0.60 6.15
CA LYS A 68 -10.31 -0.40 7.56
C LYS A 68 -10.90 -1.67 8.15
N GLU A 69 -11.69 -2.36 7.35
CA GLU A 69 -12.31 -3.59 7.76
C GLU A 69 -11.33 -4.74 7.61
N GLY A 70 -10.44 -4.59 6.62
CA GLY A 70 -9.45 -5.58 6.36
C GLY A 70 -8.57 -5.84 7.56
N VAL A 71 -8.20 -4.74 8.20
CA VAL A 71 -7.35 -4.79 9.38
C VAL A 71 -8.05 -5.52 10.52
N ALA A 72 -9.26 -5.09 10.84
CA ALA A 72 -9.94 -5.56 12.02
C ALA A 72 -10.61 -6.90 11.81
N SER A 73 -10.94 -7.18 10.56
CA SER A 73 -11.49 -8.49 10.22
C SER A 73 -10.42 -9.56 10.41
N GLY A 74 -9.16 -9.14 10.30
CA GLY A 74 -8.06 -10.04 10.57
C GLY A 74 -7.69 -10.87 9.36
N ASN A 75 -8.22 -10.52 8.20
CA ASN A 75 -7.95 -11.27 6.98
C ASN A 75 -7.98 -10.38 5.76
N LEU A 76 -7.25 -9.28 5.85
CA LEU A 76 -7.09 -8.39 4.73
C LEU A 76 -6.22 -9.02 3.65
N ASN A 77 -6.82 -9.73 2.74
CA ASN A 77 -6.12 -10.17 1.55
C ASN A 77 -7.08 -10.12 0.36
N THR A 78 -6.97 -9.08 -0.45
CA THR A 78 -7.90 -8.88 -1.54
C THR A 78 -7.20 -8.34 -2.76
N MET A 79 -7.76 -8.63 -3.92
CA MET A 79 -7.27 -8.06 -5.15
C MET A 79 -8.36 -7.26 -5.83
N PHE A 80 -8.13 -5.98 -5.94
CA PHE A 80 -9.09 -5.06 -6.53
C PHE A 80 -8.47 -4.40 -7.74
N GLU A 81 -9.11 -4.55 -8.87
CA GLU A 81 -8.61 -3.97 -10.09
C GLU A 81 -9.24 -2.60 -10.29
N TYR A 82 -8.39 -1.61 -10.56
CA TYR A 82 -8.84 -0.23 -10.60
C TYR A 82 -8.86 0.28 -12.04
N THR A 83 -10.01 0.76 -12.46
CA THR A 83 -10.18 1.25 -13.81
C THR A 83 -9.65 2.68 -13.94
N PHE A 84 -9.22 3.01 -15.15
CA PHE A 84 -8.65 4.32 -15.45
C PHE A 84 -9.71 5.40 -15.52
N ASP A 85 -9.65 6.35 -14.60
CA ASP A 85 -10.56 7.49 -14.62
C ASP A 85 -10.21 8.42 -15.78
N TYR A 86 -8.91 8.62 -15.95
CA TYR A 86 -8.40 9.52 -16.99
C TYR A 86 -8.09 8.76 -18.26
N GLN A 87 -8.28 9.42 -19.40
CA GLN A 87 -8.03 8.82 -20.70
C GLN A 87 -6.65 9.23 -21.22
N MET A 88 -5.74 9.54 -20.29
CA MET A 88 -4.36 9.82 -20.62
C MET A 88 -3.72 8.61 -21.30
N THR A 89 -3.67 7.52 -20.57
CA THR A 89 -3.11 6.28 -21.06
C THR A 89 -3.89 5.11 -20.44
N PRO A 90 -4.01 3.97 -21.17
CA PRO A 90 -4.68 2.77 -20.64
C PRO A 90 -4.01 2.26 -19.36
N THR A 91 -4.46 2.78 -18.23
CA THR A 91 -3.90 2.41 -16.94
C THR A 91 -4.86 1.48 -16.21
N LYS A 92 -4.62 0.20 -16.33
CA LYS A 92 -5.41 -0.80 -15.63
C LYS A 92 -4.55 -1.46 -14.57
N VAL A 93 -4.73 -1.05 -13.32
CA VAL A 93 -3.95 -1.59 -12.24
C VAL A 93 -4.77 -2.54 -11.39
N LYS A 94 -4.07 -3.36 -10.63
CA LYS A 94 -4.72 -4.27 -9.70
C LYS A 94 -3.94 -4.30 -8.41
N VAL A 95 -4.64 -4.07 -7.31
CA VAL A 95 -3.99 -4.18 -6.00
C VAL A 95 -4.17 -5.56 -5.45
N HIS A 96 -3.17 -6.02 -4.74
CA HIS A 96 -3.35 -7.16 -3.89
C HIS A 96 -2.75 -6.81 -2.56
N MET A 97 -3.62 -6.51 -1.63
CA MET A 97 -3.21 -6.19 -0.28
C MET A 97 -3.46 -7.40 0.57
N LYS A 98 -2.43 -7.89 1.23
CA LYS A 98 -2.49 -9.20 1.82
C LYS A 98 -1.88 -9.20 3.20
N LYS A 99 -2.58 -9.82 4.12
CA LYS A 99 -2.10 -9.99 5.46
C LYS A 99 -0.76 -10.74 5.46
N ALA A 100 0.26 -10.02 5.92
CA ALA A 100 1.61 -10.54 5.97
C ALA A 100 1.68 -11.78 6.85
N LEU A 101 2.56 -12.71 6.50
CA LEU A 101 2.68 -13.96 7.23
C LEU A 101 3.27 -13.75 8.62
N SER A 102 3.65 -12.51 8.92
CA SER A 102 4.22 -12.17 10.21
C SER A 102 3.12 -11.89 11.25
N GLY A 103 1.90 -11.64 10.78
CA GLY A 103 0.79 -11.44 11.69
C GLY A 103 0.03 -10.16 11.44
N ASP A 104 0.18 -9.18 12.33
CA ASP A 104 -0.56 -7.94 12.23
C ASP A 104 0.15 -6.95 11.31
N SER A 105 0.16 -7.30 10.04
CA SER A 105 0.70 -6.46 9.00
C SER A 105 0.10 -6.87 7.68
N TYR A 106 0.05 -5.95 6.74
CA TYR A 106 -0.60 -6.22 5.46
C TYR A 106 0.20 -5.59 4.32
N TRP A 107 0.38 -6.33 3.24
CA TRP A 107 1.13 -5.84 2.11
C TRP A 107 0.23 -5.07 1.17
N VAL A 108 0.84 -4.28 0.33
CA VAL A 108 0.15 -3.54 -0.71
C VAL A 108 0.99 -3.57 -1.98
N PHE A 109 0.71 -4.49 -2.88
CA PHE A 109 1.41 -4.51 -4.14
C PHE A 109 0.44 -4.33 -5.29
N VAL A 110 0.86 -3.58 -6.29
CA VAL A 110 0.01 -3.24 -7.42
C VAL A 110 0.65 -3.67 -8.72
N LYS A 111 -0.16 -3.97 -9.73
CA LYS A 111 0.34 -4.41 -11.01
C LYS A 111 -0.52 -3.85 -12.13
N ARG A 112 0.11 -3.45 -13.22
CA ARG A 112 -0.63 -2.86 -14.34
C ARG A 112 -0.73 -3.85 -15.50
N VAL A 113 -1.91 -3.90 -16.10
CA VAL A 113 -2.16 -4.76 -17.24
C VAL A 113 -2.09 -3.96 -18.53
C1 HC4 B . -3.75 15.30 13.77
O1 HC4 B . -3.33 16.38 14.13
C2 HC4 B . -3.13 13.92 14.09
C3 HC4 B . -2.02 13.67 14.82
C1' HC4 B . -1.19 14.56 15.63
C2' HC4 B . -0.11 14.00 16.31
C3' HC4 B . 0.74 14.78 17.07
C4' HC4 B . 0.54 16.14 17.16
C5' HC4 B . -0.51 16.72 16.48
C6' HC4 B . -1.36 15.93 15.71
O4' HC4 B . 1.38 16.91 17.91
H2 HC4 B . -3.56 13.07 13.58
H3 HC4 B . -1.84 12.61 14.83
H2' HC4 B . 0.07 12.94 16.23
H3' HC4 B . 1.57 14.32 17.60
H5' HC4 B . -0.68 17.79 16.54
H6' HC4 B . -2.17 16.40 15.19
HO4' HC4 B . 0.86 17.50 18.48
N LEU A 14 3.73 -3.36 -16.77
CA LEU A 14 3.74 -3.89 -15.39
C LEU A 14 4.72 -3.11 -14.52
N ALA A 15 4.21 -2.52 -13.45
CA ALA A 15 5.06 -1.81 -12.50
C ALA A 15 5.15 -2.60 -11.20
N PHE A 16 6.32 -2.59 -10.58
CA PHE A 16 6.54 -3.31 -9.33
C PHE A 16 6.07 -2.49 -8.13
N GLY A 17 4.76 -2.52 -7.89
CA GLY A 17 4.20 -1.83 -6.75
C GLY A 17 4.16 -2.71 -5.52
N ALA A 18 5.30 -3.25 -5.13
CA ALA A 18 5.34 -4.17 -4.02
C ALA A 18 5.87 -3.50 -2.76
N ILE A 19 4.96 -3.17 -1.86
CA ILE A 19 5.31 -2.57 -0.59
C ILE A 19 4.49 -3.19 0.53
N GLN A 20 5.11 -3.39 1.67
CA GLN A 20 4.40 -4.01 2.78
C GLN A 20 4.36 -3.08 3.99
N LEU A 21 3.23 -3.08 4.66
CA LEU A 21 3.04 -2.22 5.82
C LEU A 21 2.40 -2.98 6.97
N ASP A 22 2.51 -2.41 8.15
CA ASP A 22 1.92 -3.03 9.33
C ASP A 22 0.45 -2.70 9.45
N GLY A 23 -0.26 -3.54 10.19
CA GLY A 23 -1.68 -3.33 10.40
C GLY A 23 -1.95 -2.16 11.34
N ASP A 24 -0.89 -1.51 11.78
CA ASP A 24 -0.98 -0.37 12.66
C ASP A 24 -1.25 0.88 11.83
N GLY A 25 -0.55 0.98 10.71
CA GLY A 25 -0.71 2.11 9.82
C GLY A 25 0.63 2.72 9.42
N ASN A 26 1.68 1.90 9.41
CA ASN A 26 3.01 2.37 9.05
C ASN A 26 3.66 1.41 8.08
N ILE A 27 4.52 1.94 7.22
CA ILE A 27 5.23 1.12 6.27
C ILE A 27 6.35 0.33 6.96
N LEU A 28 6.58 -0.89 6.52
CA LEU A 28 7.62 -1.73 7.10
C LEU A 28 8.73 -1.99 6.10
N GLN A 29 8.35 -2.44 4.91
CA GLN A 29 9.32 -2.82 3.89
C GLN A 29 8.83 -2.40 2.51
N TYR A 30 9.73 -1.84 1.72
CA TYR A 30 9.38 -1.38 0.38
C TYR A 30 10.39 -1.91 -0.63
N ASN A 31 9.90 -2.40 -1.76
CA ASN A 31 10.76 -2.97 -2.78
C ASN A 31 10.90 -2.02 -3.95
N ALA A 32 12.09 -1.96 -4.52
CA ALA A 32 12.37 -1.08 -5.65
C ALA A 32 12.13 -1.82 -6.96
N ALA A 33 11.76 -1.07 -7.99
CA ALA A 33 11.49 -1.66 -9.31
C ALA A 33 12.74 -1.61 -10.18
N GLU A 34 13.37 -2.76 -10.37
CA GLU A 34 14.55 -2.86 -11.23
C GLU A 34 14.13 -3.19 -12.66
N GLY A 35 15.09 -3.29 -13.55
CA GLY A 35 14.81 -3.63 -14.93
C GLY A 35 15.42 -2.65 -15.90
N ASP A 36 15.02 -1.40 -15.79
CA ASP A 36 15.52 -0.35 -16.66
C ASP A 36 16.81 0.22 -16.08
N ILE A 37 17.84 0.36 -16.91
CA ILE A 37 19.15 0.79 -16.44
C ILE A 37 19.30 2.30 -16.56
N THR A 38 18.26 3.02 -16.16
CA THR A 38 18.31 4.48 -16.04
C THR A 38 17.62 4.92 -14.76
N GLY A 39 17.86 4.20 -13.67
CA GLY A 39 17.17 4.48 -12.44
C GLY A 39 18.00 4.17 -11.21
N ARG A 40 18.26 5.20 -10.43
CA ARG A 40 18.89 5.03 -9.13
C ARG A 40 17.88 5.32 -8.04
N ASP A 41 17.39 4.26 -7.42
CA ASP A 41 16.33 4.37 -6.42
C ASP A 41 16.84 5.07 -5.17
N PRO A 42 16.08 6.07 -4.68
CA PRO A 42 16.41 6.80 -3.47
C PRO A 42 16.02 6.01 -2.22
N LYS A 43 15.28 4.92 -2.44
CA LYS A 43 14.83 4.03 -1.38
C LYS A 43 13.89 4.72 -0.41
N GLN A 44 12.59 4.59 -0.66
CA GLN A 44 11.58 5.05 0.26
C GLN A 44 11.58 4.17 1.51
N VAL A 45 11.44 2.85 1.27
CA VAL A 45 11.50 1.82 2.31
C VAL A 45 10.37 1.96 3.35
N ILE A 46 10.46 3.00 4.17
CA ILE A 46 9.50 3.22 5.24
C ILE A 46 9.02 4.66 5.24
N GLY A 47 8.23 4.97 4.23
CA GLY A 47 7.74 6.33 4.04
C GLY A 47 6.80 6.77 5.14
N LYS A 48 6.03 5.83 5.69
CA LYS A 48 5.07 6.15 6.72
C LYS A 48 5.56 5.68 8.08
N ASN A 49 5.84 6.64 8.94
CA ASN A 49 6.24 6.35 10.31
C ASN A 49 5.54 7.32 11.23
N PHE A 50 4.64 6.81 12.05
CA PHE A 50 3.84 7.64 12.93
C PHE A 50 4.71 8.40 13.91
N PHE A 51 4.98 9.65 13.60
CA PHE A 51 5.78 10.52 14.43
C PHE A 51 4.87 11.55 15.09
N LYS A 52 3.56 11.28 15.02
CA LYS A 52 2.55 12.25 15.38
C LYS A 52 2.67 13.44 14.44
N ASP A 53 2.74 13.09 13.16
CA ASP A 53 3.03 14.02 12.07
C ASP A 53 1.99 15.12 11.94
N VAL A 54 0.89 14.99 12.69
CA VAL A 54 -0.26 15.91 12.67
C VAL A 54 -0.59 16.43 11.26
N ALA A 55 -0.56 15.53 10.30
CA ALA A 55 -0.97 15.85 8.94
C ALA A 55 -2.27 15.11 8.63
N PRO A 56 -3.40 15.84 8.66
CA PRO A 56 -4.76 15.27 8.55
C PRO A 56 -4.88 14.15 7.50
N CYS A 57 -5.13 12.95 7.99
CA CYS A 57 -5.31 11.79 7.13
C CYS A 57 -6.80 11.51 6.97
N THR A 58 -7.27 11.48 5.73
CA THR A 58 -8.64 11.10 5.45
C THR A 58 -8.94 9.74 6.10
N ASP A 59 -8.07 8.78 5.81
CA ASP A 59 -8.11 7.47 6.44
C ASP A 59 -6.83 6.72 6.13
N SER A 60 -6.70 6.34 4.88
CA SER A 60 -5.49 5.70 4.39
C SER A 60 -4.97 6.49 3.18
N PRO A 61 -3.65 6.44 2.91
CA PRO A 61 -3.02 7.21 1.83
C PRO A 61 -3.31 6.65 0.43
N GLU A 62 -4.56 6.23 0.21
CA GLU A 62 -4.99 5.64 -1.05
C GLU A 62 -4.29 4.30 -1.32
N PHE A 63 -4.62 3.69 -2.46
CA PHE A 63 -4.01 2.44 -2.91
C PHE A 63 -4.36 1.29 -1.96
N TYR A 64 -5.47 1.44 -1.27
CA TYR A 64 -5.92 0.43 -0.33
C TYR A 64 -7.21 -0.21 -0.81
N GLY A 65 -7.34 -1.50 -0.56
CA GLY A 65 -8.54 -2.21 -0.94
C GLY A 65 -9.38 -2.58 0.26
N LYS A 66 -10.31 -1.67 0.63
CA LYS A 66 -11.19 -1.87 1.78
C LYS A 66 -10.37 -2.01 3.06
N PHE A 67 -9.27 -1.26 3.12
CA PHE A 67 -8.28 -1.39 4.20
C PHE A 67 -8.92 -1.38 5.59
N LYS A 68 -9.97 -0.56 5.77
CA LYS A 68 -10.53 -0.35 7.09
C LYS A 68 -11.27 -1.60 7.56
N GLU A 69 -11.91 -2.28 6.62
CA GLU A 69 -12.58 -3.52 6.91
C GLU A 69 -11.56 -4.65 6.91
N GLY A 70 -10.53 -4.49 6.11
CA GLY A 70 -9.50 -5.48 5.99
C GLY A 70 -8.82 -5.74 7.32
N VAL A 71 -8.50 -4.65 7.99
CA VAL A 71 -7.83 -4.70 9.29
C VAL A 71 -8.76 -5.25 10.36
N ALA A 72 -9.99 -4.74 10.37
CA ALA A 72 -10.94 -5.09 11.41
C ALA A 72 -11.45 -6.50 11.22
N SER A 73 -11.46 -6.93 9.97
CA SER A 73 -11.81 -8.31 9.65
C SER A 73 -10.69 -9.24 10.13
N GLY A 74 -9.50 -8.68 10.26
CA GLY A 74 -8.38 -9.42 10.80
C GLY A 74 -7.74 -10.32 9.76
N ASN A 75 -8.00 -10.02 8.50
CA ASN A 75 -7.55 -10.87 7.41
C ASN A 75 -7.60 -10.14 6.08
N LEU A 76 -6.95 -9.00 6.02
CA LEU A 76 -6.87 -8.23 4.80
C LEU A 76 -6.03 -8.94 3.76
N ASN A 77 -6.66 -9.77 2.97
CA ASN A 77 -6.00 -10.44 1.87
C ASN A 77 -6.95 -10.54 0.69
N THR A 78 -6.79 -9.65 -0.29
CA THR A 78 -7.72 -9.58 -1.40
C THR A 78 -7.05 -8.94 -2.61
N MET A 79 -7.60 -9.23 -3.78
CA MET A 79 -7.13 -8.63 -5.02
C MET A 79 -8.28 -7.96 -5.76
N PHE A 80 -8.10 -6.70 -6.08
CA PHE A 80 -9.12 -5.92 -6.74
C PHE A 80 -8.47 -4.92 -7.69
N GLU A 81 -8.95 -4.89 -8.92
CA GLU A 81 -8.44 -3.96 -9.89
C GLU A 81 -9.43 -2.83 -10.10
N TYR A 82 -8.96 -1.60 -9.95
CA TYR A 82 -9.79 -0.44 -10.16
C TYR A 82 -9.18 0.44 -11.23
N THR A 83 -9.64 0.22 -12.45
CA THR A 83 -9.10 0.92 -13.58
C THR A 83 -9.88 2.21 -13.85
N PHE A 84 -9.14 3.29 -14.11
CA PHE A 84 -9.72 4.58 -14.44
C PHE A 84 -10.68 5.05 -13.34
N ASP A 85 -10.11 5.33 -12.17
CA ASP A 85 -10.89 5.68 -11.00
C ASP A 85 -11.16 7.18 -10.93
N TYR A 86 -11.31 7.70 -9.71
CA TYR A 86 -11.63 9.09 -9.49
C TYR A 86 -10.39 9.97 -9.69
N GLN A 87 -9.23 9.34 -9.75
CA GLN A 87 -7.99 10.04 -10.05
C GLN A 87 -8.00 10.49 -11.50
N MET A 88 -7.73 11.78 -11.72
CA MET A 88 -7.79 12.37 -13.05
C MET A 88 -6.77 11.71 -13.98
N THR A 89 -5.71 11.16 -13.41
CA THR A 89 -4.76 10.36 -14.16
C THR A 89 -5.13 8.88 -14.03
N PRO A 90 -5.89 8.35 -15.01
CA PRO A 90 -6.44 7.01 -14.94
C PRO A 90 -5.40 5.94 -15.29
N THR A 91 -4.91 5.26 -14.27
CA THR A 91 -3.99 4.17 -14.46
C THR A 91 -4.70 2.85 -14.12
N LYS A 92 -4.45 1.81 -14.90
CA LYS A 92 -5.06 0.54 -14.61
C LYS A 92 -4.23 -0.20 -13.58
N VAL A 93 -4.68 -0.12 -12.33
CA VAL A 93 -3.99 -0.76 -11.23
C VAL A 93 -4.76 -1.95 -10.70
N LYS A 94 -4.06 -2.81 -10.00
CA LYS A 94 -4.66 -4.00 -9.43
C LYS A 94 -3.98 -4.33 -8.11
N VAL A 95 -4.73 -4.25 -7.02
CA VAL A 95 -4.14 -4.46 -5.72
C VAL A 95 -4.19 -5.92 -5.33
N HIS A 96 -3.16 -6.33 -4.64
CA HIS A 96 -3.22 -7.53 -3.86
C HIS A 96 -2.66 -7.20 -2.51
N MET A 97 -3.53 -7.03 -1.56
CA MET A 97 -3.15 -6.75 -0.21
C MET A 97 -3.31 -8.01 0.58
N LYS A 98 -2.30 -8.37 1.35
CA LYS A 98 -2.36 -9.64 2.03
C LYS A 98 -1.85 -9.49 3.44
N LYS A 99 -2.59 -10.01 4.38
CA LYS A 99 -2.15 -10.08 5.74
C LYS A 99 -0.84 -10.84 5.82
N ALA A 100 0.20 -10.10 6.18
CA ALA A 100 1.56 -10.60 6.19
C ALA A 100 1.69 -11.82 7.08
N LEU A 101 2.52 -12.76 6.68
CA LEU A 101 2.69 -14.01 7.41
C LEU A 101 3.44 -13.77 8.72
N SER A 102 3.96 -12.56 8.88
CA SER A 102 4.63 -12.17 10.11
C SER A 102 3.61 -11.94 11.24
N GLY A 103 2.41 -11.51 10.87
CA GLY A 103 1.37 -11.29 11.86
C GLY A 103 0.51 -10.08 11.54
N ASP A 104 0.40 -9.17 12.51
CA ASP A 104 -0.46 -8.00 12.38
C ASP A 104 0.17 -6.97 11.44
N SER A 105 0.03 -7.24 10.16
CA SER A 105 0.59 -6.42 9.10
C SER A 105 -0.02 -6.86 7.77
N TYR A 106 -0.04 -5.98 6.80
CA TYR A 106 -0.64 -6.30 5.51
C TYR A 106 0.19 -5.74 4.36
N TRP A 107 0.36 -6.52 3.31
CA TRP A 107 1.11 -6.09 2.15
C TRP A 107 0.24 -5.29 1.22
N VAL A 108 0.91 -4.56 0.34
CA VAL A 108 0.24 -3.74 -0.67
C VAL A 108 0.97 -3.91 -2.01
N PHE A 109 0.45 -4.78 -2.86
CA PHE A 109 0.99 -4.89 -4.22
C PHE A 109 0.08 -4.13 -5.18
N VAL A 110 0.49 -2.94 -5.58
CA VAL A 110 -0.25 -2.17 -6.57
C VAL A 110 0.36 -2.37 -7.95
N LYS A 111 -0.32 -3.12 -8.80
CA LYS A 111 0.24 -3.49 -10.08
C LYS A 111 -0.47 -2.78 -11.21
N ARG A 112 0.23 -1.84 -11.82
CA ARG A 112 -0.31 -1.14 -12.98
C ARG A 112 0.30 -1.71 -14.25
N VAL A 113 -0.49 -1.80 -15.29
CA VAL A 113 -0.01 -2.28 -16.57
C VAL A 113 0.82 -1.20 -17.26
C1 HC4 B . -3.31 11.54 9.98
O1 HC4 B . -4.47 11.78 10.30
C2 HC4 B . -2.07 11.83 10.85
C3 HC4 B . -2.04 12.40 12.08
C1' HC4 B . -3.09 13.10 12.82
C2' HC4 B . -2.78 13.65 14.07
C3' HC4 B . -3.74 14.29 14.83
C4' HC4 B . -5.03 14.40 14.37
C5' HC4 B . -5.37 13.87 13.16
C6' HC4 B . -4.42 13.23 12.39
O4' HC4 B . -5.98 15.03 15.13
H2 HC4 B . -1.14 11.34 10.54
H3 HC4 B . -1.03 12.40 12.44
H2' HC4 B . -1.82 13.44 14.49
H3' HC4 B . -3.47 14.69 15.80
H5' HC4 B . -6.37 13.95 12.78
H6' HC4 B . -4.68 12.81 11.44
HO4' HC4 B . -5.61 15.84 15.51
N LEU A 14 7.01 6.72 -10.95
CA LEU A 14 7.12 6.22 -9.56
C LEU A 14 7.84 4.88 -9.56
N ALA A 15 8.08 4.34 -8.36
CA ALA A 15 8.74 3.06 -8.22
C ALA A 15 7.72 1.95 -7.97
N PHE A 16 7.42 1.17 -8.98
CA PHE A 16 6.42 0.11 -8.88
C PHE A 16 7.00 -1.14 -8.24
N GLY A 17 6.26 -1.67 -7.28
CA GLY A 17 6.70 -2.87 -6.59
C GLY A 17 5.69 -3.31 -5.54
N ALA A 18 6.18 -3.95 -4.49
CA ALA A 18 5.33 -4.46 -3.42
C ALA A 18 5.77 -3.88 -2.08
N ILE A 19 4.89 -3.16 -1.42
CA ILE A 19 5.21 -2.61 -0.12
C ILE A 19 4.39 -3.29 0.97
N GLN A 20 5.03 -3.58 2.09
CA GLN A 20 4.35 -4.15 3.23
C GLN A 20 4.26 -3.14 4.35
N LEU A 21 3.05 -2.95 4.83
CA LEU A 21 2.82 -2.04 5.94
C LEU A 21 2.22 -2.81 7.09
N ASP A 22 2.34 -2.26 8.28
CA ASP A 22 1.74 -2.90 9.43
C ASP A 22 0.28 -2.50 9.55
N GLY A 23 -0.52 -3.38 10.13
CA GLY A 23 -1.95 -3.16 10.22
C GLY A 23 -2.31 -2.10 11.24
N ASP A 24 -1.30 -1.47 11.80
CA ASP A 24 -1.51 -0.44 12.79
C ASP A 24 -1.65 0.91 12.10
N GLY A 25 -0.83 1.11 11.07
CA GLY A 25 -0.91 2.32 10.29
C GLY A 25 0.46 2.89 9.99
N ASN A 26 1.42 2.01 9.75
CA ASN A 26 2.79 2.40 9.51
C ASN A 26 3.39 1.60 8.36
N ILE A 27 4.36 2.20 7.69
CA ILE A 27 5.03 1.57 6.57
C ILE A 27 6.32 0.88 7.04
N LEU A 28 6.42 -0.41 6.78
CA LEU A 28 7.55 -1.18 7.31
C LEU A 28 8.61 -1.45 6.22
N GLN A 29 8.18 -1.98 5.09
CA GLN A 29 9.13 -2.35 4.04
C GLN A 29 8.57 -2.05 2.65
N TYR A 30 9.30 -1.25 1.89
CA TYR A 30 8.88 -0.87 0.55
C TYR A 30 9.86 -1.45 -0.47
N ASN A 31 9.42 -2.48 -1.19
CA ASN A 31 10.28 -3.12 -2.18
C ASN A 31 10.27 -2.34 -3.49
N ALA A 32 11.24 -1.44 -3.62
CA ALA A 32 11.42 -0.69 -4.85
C ALA A 32 12.53 -1.32 -5.67
N ALA A 33 13.67 -1.49 -5.03
CA ALA A 33 14.81 -2.16 -5.62
C ALA A 33 15.64 -2.80 -4.52
N GLU A 34 15.68 -4.12 -4.49
CA GLU A 34 16.45 -4.85 -3.48
C GLU A 34 17.93 -4.51 -3.59
N GLY A 35 18.50 -4.03 -2.50
CA GLY A 35 19.91 -3.69 -2.49
C GLY A 35 20.14 -2.23 -2.81
N ASP A 36 19.09 -1.43 -2.67
CA ASP A 36 19.18 0.00 -2.94
C ASP A 36 19.52 0.74 -1.65
N ILE A 37 20.65 1.41 -1.65
CA ILE A 37 21.17 1.99 -0.43
C ILE A 37 21.13 3.52 -0.46
N THR A 38 20.06 4.06 -1.02
CA THR A 38 19.86 5.50 -0.98
C THR A 38 18.94 5.86 0.19
N GLY A 39 18.95 7.10 0.61
CA GLY A 39 18.16 7.51 1.75
C GLY A 39 16.90 8.24 1.36
N ARG A 40 15.78 7.52 1.37
CA ARG A 40 14.48 8.15 1.16
C ARG A 40 13.93 8.59 2.51
N ASP A 41 13.80 9.90 2.70
CA ASP A 41 13.47 10.44 4.01
C ASP A 41 12.07 10.04 4.46
N PRO A 42 11.96 9.57 5.70
CA PRO A 42 10.70 9.07 6.28
C PRO A 42 9.75 10.18 6.72
N LYS A 43 9.95 11.39 6.21
CA LYS A 43 9.08 12.51 6.58
C LYS A 43 7.92 12.62 5.60
N GLN A 44 7.63 11.51 4.96
CA GLN A 44 6.57 11.47 3.95
C GLN A 44 5.59 10.35 4.27
N VAL A 45 5.91 9.15 3.78
CA VAL A 45 5.07 7.97 3.97
C VAL A 45 5.92 6.75 4.35
N ILE A 46 7.03 6.57 3.65
CA ILE A 46 7.93 5.46 3.92
C ILE A 46 8.73 5.73 5.19
N GLY A 47 9.12 4.67 5.88
CA GLY A 47 9.88 4.83 7.11
C GLY A 47 9.00 5.17 8.29
N LYS A 48 7.70 5.11 8.06
CA LYS A 48 6.71 5.40 9.09
C LYS A 48 6.55 4.20 10.02
N ASN A 49 7.06 4.31 11.24
CA ASN A 49 6.90 3.24 12.23
C ASN A 49 6.72 3.83 13.62
N PHE A 50 5.47 3.96 14.04
CA PHE A 50 5.14 4.47 15.36
C PHE A 50 3.81 3.88 15.80
N PHE A 51 3.88 2.88 16.68
CA PHE A 51 2.71 2.08 17.04
C PHE A 51 1.97 2.65 18.25
N LYS A 52 2.26 3.89 18.59
CA LYS A 52 1.60 4.54 19.71
C LYS A 52 0.90 5.81 19.25
N ASP A 53 -0.08 6.27 20.04
CA ASP A 53 -0.75 7.55 19.80
C ASP A 53 -1.72 7.46 18.62
N VAL A 54 -1.21 7.02 17.48
CA VAL A 54 -2.01 6.83 16.26
C VAL A 54 -2.79 8.11 15.90
N ALA A 55 -2.07 9.23 15.88
CA ALA A 55 -2.62 10.47 15.37
C ALA A 55 -2.02 10.79 13.99
N PRO A 56 -0.68 10.74 13.82
CA PRO A 56 -0.07 10.83 12.49
C PRO A 56 -0.43 9.63 11.63
N CYS A 57 -1.36 9.82 10.72
CA CYS A 57 -1.86 8.74 9.88
C CYS A 57 -1.95 9.18 8.43
N THR A 58 -1.22 8.51 7.57
CA THR A 58 -1.22 8.80 6.16
C THR A 58 -2.37 8.07 5.46
N ASP A 59 -3.56 8.26 5.99
CA ASP A 59 -4.74 7.57 5.48
C ASP A 59 -5.24 8.25 4.21
N SER A 60 -4.85 7.69 3.08
CA SER A 60 -5.28 8.21 1.80
C SER A 60 -5.77 7.07 0.92
N PRO A 61 -6.98 7.21 0.35
CA PRO A 61 -7.57 6.21 -0.52
C PRO A 61 -6.86 6.10 -1.87
N GLU A 62 -5.56 5.83 -1.82
CA GLU A 62 -4.76 5.67 -3.02
C GLU A 62 -5.18 4.39 -3.75
N PHE A 63 -4.97 3.26 -3.10
CA PHE A 63 -5.36 1.96 -3.64
C PHE A 63 -5.97 1.10 -2.55
N TYR A 64 -6.50 1.75 -1.51
CA TYR A 64 -7.06 1.07 -0.36
C TYR A 64 -8.29 0.24 -0.75
N GLY A 65 -8.34 -1.00 -0.29
CA GLY A 65 -9.46 -1.86 -0.58
C GLY A 65 -9.95 -2.57 0.65
N LYS A 66 -10.98 -2.01 1.29
CA LYS A 66 -11.50 -2.53 2.55
C LYS A 66 -10.46 -2.38 3.65
N PHE A 67 -9.55 -1.43 3.50
CA PHE A 67 -8.36 -1.35 4.33
C PHE A 67 -8.69 -1.30 5.83
N LYS A 68 -9.86 -0.72 6.17
CA LYS A 68 -10.22 -0.56 7.57
C LYS A 68 -10.79 -1.85 8.12
N GLU A 69 -11.55 -2.54 7.29
CA GLU A 69 -12.14 -3.80 7.69
C GLU A 69 -11.09 -4.89 7.61
N GLY A 70 -10.17 -4.70 6.68
CA GLY A 70 -9.09 -5.64 6.47
C GLY A 70 -8.29 -5.86 7.73
N VAL A 71 -8.01 -4.76 8.40
CA VAL A 71 -7.21 -4.77 9.62
C VAL A 71 -7.97 -5.45 10.76
N ALA A 72 -9.18 -4.99 11.00
CA ALA A 72 -9.91 -5.39 12.19
C ALA A 72 -10.55 -6.75 12.02
N SER A 73 -10.88 -7.10 10.79
CA SER A 73 -11.36 -8.44 10.50
C SER A 73 -10.20 -9.41 10.60
N GLY A 74 -9.00 -8.89 10.37
CA GLY A 74 -7.80 -9.68 10.51
C GLY A 74 -7.54 -10.54 9.31
N ASN A 75 -8.16 -10.20 8.20
CA ASN A 75 -8.05 -11.01 6.99
C ASN A 75 -7.94 -10.16 5.75
N LEU A 76 -7.14 -9.12 5.84
CA LEU A 76 -6.93 -8.23 4.73
C LEU A 76 -6.13 -8.90 3.62
N ASN A 77 -6.83 -9.53 2.71
CA ASN A 77 -6.21 -10.01 1.49
C ASN A 77 -7.22 -9.86 0.35
N THR A 78 -7.06 -8.80 -0.46
CA THR A 78 -8.03 -8.49 -1.47
C THR A 78 -7.35 -8.23 -2.80
N MET A 79 -8.08 -8.52 -3.87
CA MET A 79 -7.64 -8.16 -5.20
C MET A 79 -8.66 -7.21 -5.80
N PHE A 80 -8.18 -6.10 -6.31
CA PHE A 80 -9.06 -5.07 -6.82
C PHE A 80 -8.48 -4.50 -8.10
N GLU A 81 -9.27 -4.48 -9.14
CA GLU A 81 -8.82 -3.91 -10.39
C GLU A 81 -9.19 -2.43 -10.38
N TYR A 82 -8.20 -1.57 -10.23
CA TYR A 82 -8.46 -0.15 -10.05
C TYR A 82 -8.03 0.62 -11.29
N THR A 83 -9.02 1.00 -12.09
CA THR A 83 -8.78 1.82 -13.26
C THR A 83 -9.03 3.28 -12.92
N PHE A 84 -8.10 4.15 -13.31
CA PHE A 84 -8.27 5.58 -13.09
C PHE A 84 -9.18 6.18 -14.15
N ASP A 85 -9.22 5.55 -15.32
CA ASP A 85 -10.05 6.00 -16.45
C ASP A 85 -9.50 7.31 -17.02
N TYR A 86 -10.05 7.76 -18.16
CA TYR A 86 -9.65 9.01 -18.79
C TYR A 86 -8.20 8.88 -19.31
N GLN A 87 -7.63 10.00 -19.77
CA GLN A 87 -6.23 10.04 -20.22
C GLN A 87 -6.06 9.30 -21.54
N MET A 88 -4.82 9.25 -22.04
CA MET A 88 -4.52 8.54 -23.27
C MET A 88 -4.89 7.07 -23.13
N THR A 89 -4.61 6.54 -21.96
CA THR A 89 -5.02 5.19 -21.62
C THR A 89 -5.53 5.15 -20.19
N PRO A 90 -6.62 4.43 -19.92
CA PRO A 90 -7.16 4.29 -18.59
C PRO A 90 -6.23 3.49 -17.70
N THR A 91 -5.48 4.20 -16.86
CA THR A 91 -4.51 3.57 -15.98
C THR A 91 -5.17 2.51 -15.09
N LYS A 92 -5.05 1.26 -15.51
CA LYS A 92 -5.63 0.15 -14.78
C LYS A 92 -4.56 -0.65 -14.07
N VAL A 93 -4.63 -0.68 -12.75
CA VAL A 93 -3.76 -1.53 -11.96
C VAL A 93 -4.57 -2.58 -11.24
N LYS A 94 -3.88 -3.62 -10.81
CA LYS A 94 -4.49 -4.68 -10.06
C LYS A 94 -3.91 -4.67 -8.66
N VAL A 95 -4.72 -4.40 -7.67
CA VAL A 95 -4.23 -4.34 -6.31
C VAL A 95 -4.32 -5.70 -5.69
N HIS A 96 -3.33 -6.05 -4.89
CA HIS A 96 -3.46 -7.20 -4.04
C HIS A 96 -2.85 -6.88 -2.70
N MET A 97 -3.70 -6.62 -1.75
CA MET A 97 -3.29 -6.44 -0.38
C MET A 97 -3.36 -7.77 0.29
N LYS A 98 -2.40 -8.08 1.14
CA LYS A 98 -2.40 -9.39 1.75
C LYS A 98 -1.79 -9.36 3.12
N LYS A 99 -2.51 -9.94 4.04
CA LYS A 99 -2.06 -10.10 5.40
C LYS A 99 -0.72 -10.82 5.43
N ALA A 100 0.28 -10.11 5.94
CA ALA A 100 1.65 -10.60 5.97
C ALA A 100 1.75 -11.97 6.60
N LEU A 101 2.70 -12.79 6.13
CA LEU A 101 2.84 -14.16 6.60
C LEU A 101 3.15 -14.21 8.09
N SER A 102 3.75 -13.14 8.61
CA SER A 102 4.05 -13.04 10.02
C SER A 102 2.79 -12.63 10.80
N GLY A 103 2.20 -11.52 10.40
CA GLY A 103 0.98 -11.06 11.03
C GLY A 103 1.08 -9.63 11.53
N ASP A 104 -0.06 -9.07 11.92
CA ASP A 104 -0.13 -7.70 12.46
C ASP A 104 0.37 -6.69 11.43
N SER A 105 0.20 -7.05 10.19
CA SER A 105 0.69 -6.27 9.06
C SER A 105 0.08 -6.79 7.77
N TYR A 106 -0.03 -5.92 6.78
CA TYR A 106 -0.67 -6.26 5.52
C TYR A 106 0.09 -5.61 4.36
N TRP A 107 0.24 -6.33 3.27
CA TRP A 107 0.96 -5.83 2.12
C TRP A 107 0.06 -5.06 1.18
N VAL A 108 0.69 -4.26 0.34
CA VAL A 108 0.02 -3.50 -0.70
C VAL A 108 0.89 -3.53 -1.95
N PHE A 109 0.61 -4.43 -2.88
CA PHE A 109 1.36 -4.48 -4.11
C PHE A 109 0.42 -4.38 -5.30
N VAL A 110 0.85 -3.63 -6.31
CA VAL A 110 0.04 -3.41 -7.50
C VAL A 110 0.66 -4.07 -8.73
N LYS A 111 -0.16 -4.24 -9.75
CA LYS A 111 0.28 -4.86 -10.99
C LYS A 111 -0.53 -4.32 -12.15
N ARG A 112 0.12 -3.70 -13.12
CA ARG A 112 -0.60 -3.08 -14.23
C ARG A 112 -1.07 -4.13 -15.25
N VAL A 113 -2.30 -4.61 -15.04
CA VAL A 113 -2.91 -5.58 -15.92
C VAL A 113 -4.40 -5.73 -15.59
C1 HC4 B . -5.91 8.62 11.09
O1 HC4 B . -6.94 8.61 10.42
C2 HC4 B . -5.68 7.86 12.41
C3 HC4 B . -6.55 7.06 13.07
C1' HC4 B . -7.94 6.68 12.76
C2' HC4 B . -8.61 5.83 13.64
C3' HC4 B . -9.91 5.43 13.41
C4' HC4 B . -10.58 5.89 12.31
C5' HC4 B . -9.95 6.73 11.41
C6' HC4 B . -8.64 7.13 11.65
O4' HC4 B . -11.88 5.49 12.07
H2 HC4 B . -4.70 7.96 12.86
H3 HC4 B . -6.08 6.68 13.96
H2' HC4 B . -8.06 5.43 14.48
H3' HC4 B . -10.40 4.77 14.12
H5' HC4 B . -10.47 7.08 10.54
H6' HC4 B . -8.16 7.78 10.95
HO4' HC4 B . -12.36 5.47 12.90
N LEU A 14 9.91 -0.79 -12.50
CA LEU A 14 9.04 -0.96 -11.31
C LEU A 14 9.41 0.01 -10.19
N ALA A 15 8.61 1.07 -10.05
CA ALA A 15 8.74 1.97 -8.91
C ALA A 15 7.81 1.48 -7.81
N PHE A 16 6.56 1.23 -8.19
CA PHE A 16 5.60 0.61 -7.30
C PHE A 16 5.38 -0.83 -7.72
N GLY A 17 5.04 -1.68 -6.77
CA GLY A 17 4.82 -3.08 -7.07
C GLY A 17 4.49 -3.91 -5.84
N ALA A 18 5.38 -3.89 -4.86
CA ALA A 18 5.19 -4.68 -3.66
C ALA A 18 5.72 -3.98 -2.43
N ILE A 19 4.83 -3.55 -1.56
CA ILE A 19 5.21 -2.96 -0.29
C ILE A 19 4.42 -3.59 0.84
N GLN A 20 5.07 -3.83 1.96
CA GLN A 20 4.37 -4.28 3.14
C GLN A 20 4.31 -3.18 4.17
N LEU A 21 3.12 -2.95 4.68
CA LEU A 21 2.93 -1.99 5.75
C LEU A 21 2.34 -2.71 6.96
N ASP A 22 2.53 -2.11 8.11
CA ASP A 22 2.00 -2.67 9.34
C ASP A 22 0.49 -2.45 9.41
N GLY A 23 -0.20 -3.33 10.10
CA GLY A 23 -1.65 -3.34 10.12
C GLY A 23 -2.21 -2.30 11.04
N ASP A 24 -1.56 -1.16 11.06
CA ASP A 24 -1.95 -0.06 11.91
C ASP A 24 -1.79 1.28 11.18
N GLY A 25 -0.79 1.36 10.31
CA GLY A 25 -0.63 2.54 9.48
C GLY A 25 0.83 2.95 9.29
N ASN A 26 1.73 2.06 9.68
CA ASN A 26 3.17 2.33 9.59
C ASN A 26 3.78 1.54 8.44
N ILE A 27 4.76 2.12 7.78
CA ILE A 27 5.46 1.43 6.72
C ILE A 27 6.42 0.39 7.31
N LEU A 28 6.41 -0.80 6.75
CA LEU A 28 7.17 -1.91 7.29
C LEU A 28 8.38 -2.16 6.40
N GLN A 29 8.10 -2.53 5.17
CA GLN A 29 9.13 -2.74 4.16
C GLN A 29 8.64 -2.29 2.79
N TYR A 30 9.21 -1.21 2.30
CA TYR A 30 8.85 -0.67 0.99
C TYR A 30 9.88 -1.10 -0.04
N ASN A 31 9.48 -1.98 -0.96
CA ASN A 31 10.41 -2.50 -1.95
C ASN A 31 10.35 -1.67 -3.22
N ALA A 32 11.22 -0.68 -3.32
CA ALA A 32 11.30 0.18 -4.48
C ALA A 32 12.74 0.43 -4.87
N ALA A 33 13.04 0.30 -6.15
CA ALA A 33 14.40 0.47 -6.63
C ALA A 33 14.73 1.95 -6.82
N GLU A 34 15.30 2.54 -5.78
CA GLU A 34 15.69 3.95 -5.82
C GLU A 34 17.18 4.06 -5.56
N GLY A 35 17.89 4.75 -6.44
CA GLY A 35 19.30 4.99 -6.26
C GLY A 35 19.55 6.17 -5.36
N ASP A 36 19.08 6.05 -4.12
CA ASP A 36 19.14 7.15 -3.18
C ASP A 36 20.43 7.12 -2.37
N ILE A 37 21.39 7.94 -2.79
CA ILE A 37 22.63 8.10 -2.07
C ILE A 37 22.50 9.22 -1.05
N THR A 38 22.07 10.37 -1.53
CA THR A 38 21.74 11.49 -0.68
C THR A 38 20.72 12.38 -1.39
N GLY A 39 19.98 13.17 -0.64
CA GLY A 39 18.97 14.01 -1.24
C GLY A 39 17.81 14.28 -0.32
N ARG A 40 17.44 15.54 -0.22
CA ARG A 40 16.33 15.95 0.63
C ARG A 40 15.01 15.84 -0.14
N ASP A 41 14.68 14.64 -0.57
CA ASP A 41 13.44 14.39 -1.30
C ASP A 41 12.47 13.62 -0.41
N PRO A 42 11.46 14.33 0.14
CA PRO A 42 10.40 13.76 0.98
C PRO A 42 9.95 12.37 0.55
N LYS A 43 10.51 11.38 1.22
CA LYS A 43 10.09 10.00 1.00
C LYS A 43 8.89 9.68 1.89
N GLN A 44 7.73 9.59 1.26
CA GLN A 44 6.47 9.46 1.99
C GLN A 44 6.15 8.01 2.35
N VAL A 45 6.65 7.07 1.55
CA VAL A 45 6.24 5.68 1.68
C VAL A 45 7.28 4.86 2.45
N ILE A 46 8.03 5.54 3.32
CA ILE A 46 9.00 4.89 4.21
C ILE A 46 9.20 5.73 5.46
N GLY A 47 9.62 5.07 6.53
CA GLY A 47 9.82 5.75 7.80
C GLY A 47 8.54 6.38 8.31
N LYS A 48 7.42 5.79 7.92
CA LYS A 48 6.13 6.34 8.22
C LYS A 48 5.61 5.79 9.52
N ASN A 49 5.48 6.66 10.50
CA ASN A 49 4.92 6.30 11.79
C ASN A 49 3.61 7.04 12.02
N PHE A 50 2.57 6.27 12.28
CA PHE A 50 1.24 6.80 12.45
C PHE A 50 0.61 6.19 13.69
N PHE A 51 0.09 7.03 14.58
CA PHE A 51 -0.48 6.55 15.83
C PHE A 51 -1.96 6.92 15.92
N LYS A 52 -2.21 8.21 16.06
CA LYS A 52 -3.56 8.74 16.22
C LYS A 52 -3.64 10.14 15.63
N ASP A 53 -2.81 10.34 14.62
CA ASP A 53 -2.67 11.63 13.97
C ASP A 53 -3.93 11.98 13.20
N VAL A 54 -4.18 13.28 13.04
CA VAL A 54 -5.45 13.75 12.47
C VAL A 54 -5.38 13.90 10.95
N ALA A 55 -4.92 12.85 10.29
CA ALA A 55 -4.84 12.83 8.84
C ALA A 55 -6.17 12.43 8.19
N PRO A 56 -6.79 11.30 8.60
CA PRO A 56 -8.05 10.84 8.00
C PRO A 56 -9.20 11.81 8.27
N CYS A 57 -9.77 12.32 7.19
CA CYS A 57 -10.88 13.25 7.27
C CYS A 57 -11.96 12.90 6.25
N THR A 58 -13.12 12.46 6.76
CA THR A 58 -14.27 12.09 5.93
C THR A 58 -13.97 10.83 5.08
N ASP A 59 -15.02 10.14 4.67
CA ASP A 59 -14.88 8.95 3.83
C ASP A 59 -14.24 9.30 2.50
N SER A 60 -13.10 8.68 2.23
CA SER A 60 -12.37 8.92 0.99
C SER A 60 -12.05 7.60 0.30
N PRO A 61 -12.99 7.09 -0.53
CA PRO A 61 -12.89 5.78 -1.17
C PRO A 61 -12.03 5.81 -2.44
N GLU A 62 -10.96 6.59 -2.40
CA GLU A 62 -10.05 6.71 -3.53
C GLU A 62 -9.01 5.61 -3.51
N PHE A 63 -8.58 5.25 -2.31
CA PHE A 63 -7.57 4.21 -2.12
C PHE A 63 -8.04 3.25 -1.03
N TYR A 64 -7.22 2.22 -0.76
CA TYR A 64 -7.49 1.16 0.24
C TYR A 64 -8.88 0.53 0.11
N GLY A 65 -8.91 -0.79 -0.07
CA GLY A 65 -10.17 -1.44 -0.38
C GLY A 65 -11.08 -1.54 0.83
N LYS A 66 -10.57 -2.18 1.86
CA LYS A 66 -11.32 -2.39 3.10
C LYS A 66 -10.39 -2.15 4.28
N PHE A 67 -9.45 -1.23 4.14
CA PHE A 67 -8.26 -1.19 5.00
C PHE A 67 -8.57 -1.39 6.48
N LYS A 68 -9.56 -0.68 7.02
CA LYS A 68 -9.81 -0.72 8.47
C LYS A 68 -10.56 -1.99 8.82
N GLU A 69 -11.37 -2.43 7.87
CA GLU A 69 -12.11 -3.68 8.01
C GLU A 69 -11.14 -4.84 7.86
N GLY A 70 -10.11 -4.60 7.05
CA GLY A 70 -9.07 -5.55 6.82
C GLY A 70 -8.34 -5.86 8.10
N VAL A 71 -8.06 -4.80 8.85
CA VAL A 71 -7.37 -4.89 10.12
C VAL A 71 -8.23 -5.64 11.14
N ALA A 72 -9.50 -5.25 11.22
CA ALA A 72 -10.39 -5.78 12.24
C ALA A 72 -10.86 -7.17 11.90
N SER A 73 -10.96 -7.45 10.61
CA SER A 73 -11.25 -8.80 10.16
C SER A 73 -10.06 -9.67 10.50
N GLY A 74 -8.87 -9.08 10.43
CA GLY A 74 -7.67 -9.76 10.84
C GLY A 74 -7.00 -10.46 9.69
N ASN A 75 -7.45 -10.13 8.49
CA ASN A 75 -6.93 -10.78 7.29
C ASN A 75 -7.26 -9.98 6.04
N LEU A 76 -6.79 -8.74 6.02
CA LEU A 76 -6.89 -7.89 4.84
C LEU A 76 -6.15 -8.51 3.68
N ASN A 77 -6.86 -9.27 2.87
CA ASN A 77 -6.27 -9.89 1.70
C ASN A 77 -7.26 -9.83 0.54
N THR A 78 -7.04 -8.89 -0.38
CA THR A 78 -7.95 -8.67 -1.49
C THR A 78 -7.17 -8.46 -2.78
N MET A 79 -7.76 -8.87 -3.89
CA MET A 79 -7.18 -8.65 -5.20
C MET A 79 -8.25 -8.12 -6.16
N PHE A 80 -7.94 -7.03 -6.83
CA PHE A 80 -8.91 -6.35 -7.67
C PHE A 80 -8.19 -5.43 -8.65
N GLU A 81 -8.81 -5.16 -9.78
CA GLU A 81 -8.26 -4.22 -10.75
C GLU A 81 -9.12 -2.97 -10.79
N TYR A 82 -8.58 -1.84 -10.34
CA TYR A 82 -9.36 -0.61 -10.29
C TYR A 82 -8.58 0.55 -10.90
N THR A 83 -9.31 1.59 -11.25
CA THR A 83 -8.72 2.81 -11.79
C THR A 83 -8.60 3.88 -10.72
N PHE A 84 -7.39 4.09 -10.22
CA PHE A 84 -7.18 5.06 -9.14
C PHE A 84 -6.96 6.46 -9.70
N ASP A 85 -6.62 6.54 -10.98
CA ASP A 85 -6.34 7.81 -11.61
C ASP A 85 -6.98 7.86 -12.99
N TYR A 86 -7.70 8.93 -13.27
CA TYR A 86 -8.44 9.04 -14.51
C TYR A 86 -7.87 10.13 -15.41
N GLN A 87 -7.01 9.74 -16.34
CA GLN A 87 -6.43 10.68 -17.29
C GLN A 87 -6.94 10.36 -18.68
N MET A 88 -6.12 10.62 -19.70
CA MET A 88 -6.44 10.25 -21.07
C MET A 88 -6.74 8.77 -21.13
N THR A 89 -5.87 7.98 -20.50
CA THR A 89 -6.11 6.58 -20.32
C THR A 89 -6.60 6.30 -18.91
N PRO A 90 -7.51 5.32 -18.74
CA PRO A 90 -7.94 4.89 -17.42
C PRO A 90 -6.83 4.09 -16.75
N THR A 91 -6.10 4.73 -15.84
CA THR A 91 -4.98 4.08 -15.18
C THR A 91 -5.48 2.97 -14.27
N LYS A 92 -5.42 1.76 -14.80
CA LYS A 92 -5.96 0.60 -14.11
C LYS A 92 -4.85 -0.24 -13.53
N VAL A 93 -4.87 -0.40 -12.21
CA VAL A 93 -3.88 -1.21 -11.54
C VAL A 93 -4.50 -2.49 -11.01
N LYS A 94 -3.65 -3.46 -10.76
CA LYS A 94 -4.08 -4.72 -10.18
C LYS A 94 -3.53 -4.76 -8.76
N VAL A 95 -4.41 -4.72 -7.78
CA VAL A 95 -3.96 -4.71 -6.40
C VAL A 95 -4.06 -6.07 -5.76
N HIS A 96 -3.10 -6.34 -4.91
CA HIS A 96 -3.21 -7.43 -3.98
C HIS A 96 -2.71 -6.92 -2.64
N MET A 97 -3.66 -6.63 -1.78
CA MET A 97 -3.35 -6.21 -0.44
C MET A 97 -3.54 -7.39 0.45
N LYS A 98 -2.50 -7.88 1.08
CA LYS A 98 -2.58 -9.15 1.73
C LYS A 98 -2.04 -9.09 3.13
N LYS A 99 -2.76 -9.70 4.03
CA LYS A 99 -2.28 -9.90 5.35
C LYS A 99 -0.94 -10.63 5.32
N ALA A 100 0.07 -9.97 5.87
CA ALA A 100 1.42 -10.50 5.92
C ALA A 100 1.40 -11.88 6.59
N LEU A 101 2.30 -12.75 6.14
CA LEU A 101 2.31 -14.13 6.62
C LEU A 101 2.57 -14.18 8.12
N SER A 102 3.23 -13.15 8.64
CA SER A 102 3.50 -13.05 10.06
C SER A 102 2.23 -12.62 10.82
N GLY A 103 1.79 -11.39 10.60
CA GLY A 103 0.59 -10.90 11.25
C GLY A 103 0.69 -9.44 11.62
N ASP A 104 -0.47 -8.83 11.87
CA ASP A 104 -0.57 -7.42 12.29
C ASP A 104 0.15 -6.50 11.32
N SER A 105 0.03 -6.86 10.05
CA SER A 105 0.63 -6.11 8.96
C SER A 105 0.05 -6.63 7.65
N TYR A 106 -0.02 -5.75 6.67
CA TYR A 106 -0.66 -6.08 5.40
C TYR A 106 0.11 -5.47 4.23
N TRP A 107 0.21 -6.21 3.13
CA TRP A 107 0.95 -5.77 1.99
C TRP A 107 0.07 -5.00 1.02
N VAL A 108 0.73 -4.32 0.11
CA VAL A 108 0.09 -3.62 -0.98
C VAL A 108 0.86 -3.91 -2.28
N PHE A 109 0.40 -4.88 -3.03
CA PHE A 109 0.94 -5.15 -4.35
C PHE A 109 0.12 -4.39 -5.38
N VAL A 110 0.79 -3.69 -6.28
CA VAL A 110 0.09 -2.91 -7.29
C VAL A 110 0.86 -2.93 -8.62
N LYS A 111 0.14 -3.10 -9.72
CA LYS A 111 0.75 -3.17 -11.04
C LYS A 111 -0.16 -2.52 -12.06
N ARG A 112 0.38 -1.67 -12.91
CA ARG A 112 -0.42 -1.00 -13.93
C ARG A 112 -0.14 -1.59 -15.30
N VAL A 113 -1.09 -1.42 -16.20
CA VAL A 113 -0.92 -1.83 -17.58
C VAL A 113 -0.85 -0.62 -18.49
C1 HC4 B . -11.39 15.64 9.51
O1 HC4 B . -12.30 14.86 9.31
C2 HC4 B . -11.42 16.83 10.50
C3 HC4 B . -12.46 17.21 11.29
C1' HC4 B . -13.81 16.68 11.42
C2' HC4 B . -14.68 17.29 12.33
C3' HC4 B . -15.98 16.84 12.51
C4' HC4 B . -16.43 15.76 11.79
C5' HC4 B . -15.60 15.13 10.89
C6' HC4 B . -14.31 15.58 10.72
O4' HC4 B . -17.72 15.30 11.97
H2 HC4 B . -10.51 17.40 10.61
H3 HC4 B . -12.15 18.07 11.87
H2' HC4 B . -14.30 18.05 12.98
H3' HC4 B . -16.63 17.34 13.21
H5' HC4 B . -15.95 14.28 10.33
H6' HC4 B . -13.67 15.09 10.02
HO4' HC4 B . -18.34 16.04 11.89
N LEU A 14 10.11 -11.92 -11.07
CA LEU A 14 9.65 -10.72 -11.80
C LEU A 14 9.04 -9.72 -10.80
N ALA A 15 9.25 -8.45 -11.03
CA ALA A 15 8.73 -7.42 -10.14
C ALA A 15 7.32 -7.01 -10.56
N PHE A 16 6.48 -6.73 -9.57
CA PHE A 16 5.12 -6.28 -9.82
C PHE A 16 4.88 -4.95 -9.13
N GLY A 17 5.09 -4.95 -7.82
CA GLY A 17 4.81 -3.79 -7.01
C GLY A 17 4.57 -4.19 -5.57
N ALA A 18 5.48 -4.99 -5.03
CA ALA A 18 5.30 -5.57 -3.70
C ALA A 18 5.86 -4.66 -2.61
N ILE A 19 4.98 -3.97 -1.93
CA ILE A 19 5.34 -3.19 -0.75
C ILE A 19 4.48 -3.63 0.42
N GLN A 20 5.08 -3.73 1.58
CA GLN A 20 4.35 -4.20 2.74
C GLN A 20 4.25 -3.15 3.82
N LEU A 21 3.07 -3.05 4.39
CA LEU A 21 2.81 -2.11 5.47
C LEU A 21 2.22 -2.81 6.67
N ASP A 22 2.21 -2.15 7.79
CA ASP A 22 1.58 -2.70 8.97
C ASP A 22 0.17 -2.13 9.12
N GLY A 23 -0.65 -2.85 9.86
CA GLY A 23 -2.00 -2.41 10.12
C GLY A 23 -2.05 -1.35 11.20
N ASP A 24 -0.95 -0.64 11.35
CA ASP A 24 -0.84 0.40 12.37
C ASP A 24 -0.94 1.77 11.71
N GLY A 25 -0.72 1.81 10.39
CA GLY A 25 -0.96 3.03 9.64
C GLY A 25 0.20 3.48 8.78
N ASN A 26 1.28 2.69 8.73
CA ASN A 26 2.46 3.11 7.97
C ASN A 26 3.16 1.93 7.32
N ILE A 27 3.95 2.24 6.31
CA ILE A 27 4.71 1.24 5.60
C ILE A 27 5.82 0.71 6.49
N LEU A 28 6.14 -0.56 6.32
CA LEU A 28 7.19 -1.17 7.12
C LEU A 28 8.39 -1.53 6.24
N GLN A 29 8.12 -2.13 5.08
CA GLN A 29 9.19 -2.52 4.17
C GLN A 29 8.75 -2.44 2.71
N TYR A 30 9.44 -1.60 1.94
CA TYR A 30 9.23 -1.52 0.50
C TYR A 30 10.30 -2.35 -0.21
N ASN A 31 9.88 -3.15 -1.19
CA ASN A 31 10.80 -4.02 -1.88
C ASN A 31 11.08 -3.50 -3.28
N ALA A 32 12.22 -2.85 -3.45
CA ALA A 32 12.62 -2.34 -4.76
C ALA A 32 13.43 -3.39 -5.49
N ALA A 33 12.84 -3.96 -6.54
CA ALA A 33 13.53 -4.94 -7.35
C ALA A 33 14.55 -4.26 -8.26
N GLU A 34 15.80 -4.71 -8.16
CA GLU A 34 16.91 -4.10 -8.88
C GLU A 34 17.12 -2.67 -8.37
N GLY A 35 17.61 -2.58 -7.14
CA GLY A 35 17.89 -1.30 -6.53
C GLY A 35 19.00 -1.43 -5.50
N ASP A 36 18.68 -1.22 -4.24
CA ASP A 36 19.64 -1.46 -3.17
C ASP A 36 18.91 -1.80 -1.87
N ILE A 37 19.23 -2.98 -1.35
CA ILE A 37 18.69 -3.47 -0.10
C ILE A 37 19.83 -3.99 0.77
N THR A 38 20.51 -3.07 1.44
CA THR A 38 21.72 -3.39 2.19
C THR A 38 21.43 -4.29 3.38
N GLY A 39 22.43 -5.06 3.81
CA GLY A 39 22.28 -5.90 4.98
C GLY A 39 22.02 -5.07 6.21
N ARG A 40 22.82 -4.05 6.40
CA ARG A 40 22.57 -3.05 7.42
C ARG A 40 22.18 -1.75 6.73
N ASP A 41 20.90 -1.63 6.41
CA ASP A 41 20.43 -0.50 5.64
C ASP A 41 19.93 0.60 6.55
N PRO A 42 20.46 1.83 6.37
CA PRO A 42 20.10 2.98 7.21
C PRO A 42 18.74 3.58 6.85
N LYS A 43 18.14 3.08 5.77
CA LYS A 43 16.85 3.56 5.35
C LYS A 43 15.75 2.71 5.96
N GLN A 44 14.60 3.30 6.17
CA GLN A 44 13.45 2.56 6.67
C GLN A 44 12.70 1.95 5.49
N VAL A 45 12.90 2.57 4.32
CA VAL A 45 12.32 2.10 3.05
C VAL A 45 10.81 1.99 3.17
N ILE A 46 10.16 3.14 3.29
CA ILE A 46 8.72 3.20 3.43
C ILE A 46 8.12 4.17 2.42
N GLY A 47 6.85 3.98 2.12
CA GLY A 47 6.13 4.95 1.34
C GLY A 47 5.38 5.91 2.24
N LYS A 48 5.06 5.42 3.43
CA LYS A 48 4.37 6.20 4.43
C LYS A 48 5.24 6.35 5.67
N ASN A 49 5.55 7.58 6.03
CA ASN A 49 6.28 7.84 7.25
C ASN A 49 5.57 8.91 8.07
N PHE A 50 5.28 8.57 9.32
CA PHE A 50 4.65 9.50 10.23
C PHE A 50 5.60 10.61 10.64
N PHE A 51 5.50 11.73 9.95
CA PHE A 51 6.27 12.92 10.32
C PHE A 51 5.39 13.79 11.21
N LYS A 52 4.25 14.19 10.66
CA LYS A 52 3.20 14.90 11.41
C LYS A 52 2.05 15.25 10.48
N ASP A 53 1.18 14.29 10.25
CA ASP A 53 0.03 14.48 9.37
C ASP A 53 -1.22 14.78 10.18
N VAL A 54 -1.70 13.76 10.91
CA VAL A 54 -2.85 13.86 11.82
C VAL A 54 -3.96 14.81 11.29
N ALA A 55 -4.54 14.42 10.17
CA ALA A 55 -5.63 15.16 9.57
C ALA A 55 -6.93 14.94 10.35
N PRO A 56 -7.74 16.01 10.51
CA PRO A 56 -9.01 15.93 11.26
C PRO A 56 -10.13 15.30 10.44
N CYS A 57 -9.78 14.65 9.34
CA CYS A 57 -10.74 14.00 8.48
C CYS A 57 -10.10 12.76 7.87
N THR A 58 -10.93 11.85 7.34
CA THR A 58 -10.48 10.58 6.75
C THR A 58 -9.41 9.90 7.60
N ASP A 59 -9.81 9.50 8.81
CA ASP A 59 -8.91 8.86 9.77
C ASP A 59 -8.21 7.66 9.15
N SER A 60 -8.98 6.82 8.47
CA SER A 60 -8.42 5.66 7.79
C SER A 60 -7.65 6.08 6.54
N PRO A 61 -6.33 5.85 6.54
CA PRO A 61 -5.45 6.22 5.42
C PRO A 61 -5.51 5.19 4.29
N GLU A 62 -6.71 4.70 4.01
CA GLU A 62 -6.89 3.61 3.06
C GLU A 62 -7.51 4.08 1.76
N PHE A 63 -7.18 3.39 0.69
CA PHE A 63 -7.76 3.62 -0.62
C PHE A 63 -7.56 2.35 -1.46
N TYR A 64 -7.76 1.20 -0.82
CA TYR A 64 -7.50 -0.08 -1.44
C TYR A 64 -8.78 -0.92 -1.54
N GLY A 65 -8.96 -1.83 -0.58
CA GLY A 65 -10.14 -2.67 -0.57
C GLY A 65 -10.69 -2.83 0.82
N LYS A 66 -10.98 -1.70 1.45
CA LYS A 66 -11.42 -1.65 2.85
C LYS A 66 -10.33 -2.17 3.77
N PHE A 67 -9.44 -1.27 4.15
CA PHE A 67 -8.26 -1.62 4.93
C PHE A 67 -8.62 -1.91 6.37
N LYS A 68 -9.35 -0.97 7.00
CA LYS A 68 -9.75 -1.13 8.39
C LYS A 68 -10.64 -2.36 8.56
N GLU A 69 -11.39 -2.69 7.52
CA GLU A 69 -12.23 -3.87 7.51
C GLU A 69 -11.35 -5.08 7.32
N GLY A 70 -10.32 -4.92 6.49
CA GLY A 70 -9.37 -5.95 6.26
C GLY A 70 -8.67 -6.36 7.54
N VAL A 71 -8.34 -5.35 8.33
CA VAL A 71 -7.70 -5.53 9.61
C VAL A 71 -8.61 -6.28 10.57
N ALA A 72 -9.85 -5.82 10.67
CA ALA A 72 -10.78 -6.35 11.66
C ALA A 72 -11.33 -7.70 11.23
N SER A 73 -11.38 -7.91 9.93
CA SER A 73 -11.72 -9.23 9.40
C SER A 73 -10.63 -10.22 9.79
N GLY A 74 -9.42 -9.71 10.00
CA GLY A 74 -8.33 -10.53 10.46
C GLY A 74 -7.73 -11.37 9.34
N ASN A 75 -7.93 -10.93 8.11
CA ASN A 75 -7.38 -11.67 6.96
C ASN A 75 -7.42 -10.83 5.69
N LEU A 76 -6.93 -9.61 5.80
CA LEU A 76 -6.88 -8.68 4.69
C LEU A 76 -6.09 -9.24 3.51
N ASN A 77 -6.77 -9.87 2.58
CA ASN A 77 -6.13 -10.30 1.36
C ASN A 77 -7.14 -10.19 0.21
N THR A 78 -7.04 -9.12 -0.60
CA THR A 78 -8.00 -8.88 -1.65
C THR A 78 -7.34 -8.15 -2.82
N MET A 79 -7.89 -8.32 -4.01
CA MET A 79 -7.44 -7.56 -5.17
C MET A 79 -8.50 -6.54 -5.57
N PHE A 80 -8.10 -5.30 -5.63
CA PHE A 80 -8.98 -4.23 -6.11
C PHE A 80 -8.32 -3.53 -7.28
N GLU A 81 -8.88 -3.69 -8.46
CA GLU A 81 -8.30 -3.12 -9.66
C GLU A 81 -9.08 -1.91 -10.12
N TYR A 82 -8.52 -0.72 -9.92
CA TYR A 82 -9.22 0.49 -10.28
C TYR A 82 -8.37 1.38 -11.16
N THR A 83 -8.96 1.86 -12.23
CA THR A 83 -8.32 2.78 -13.12
C THR A 83 -8.48 4.21 -12.59
N PHE A 84 -7.48 5.05 -12.81
CA PHE A 84 -7.55 6.44 -12.37
C PHE A 84 -8.62 7.20 -13.12
N ASP A 85 -9.43 7.94 -12.39
CA ASP A 85 -10.51 8.72 -12.98
C ASP A 85 -9.93 9.89 -13.76
N TYR A 86 -10.09 9.84 -15.08
CA TYR A 86 -9.53 10.85 -15.94
C TYR A 86 -10.33 10.92 -17.24
N GLN A 87 -10.36 9.81 -17.97
CA GLN A 87 -11.08 9.75 -19.23
C GLN A 87 -11.42 8.30 -19.58
N MET A 88 -10.45 7.56 -20.09
CA MET A 88 -10.69 6.16 -20.46
C MET A 88 -9.79 5.24 -19.64
N THR A 89 -8.58 5.01 -20.12
CA THR A 89 -7.60 4.22 -19.39
C THR A 89 -6.23 4.85 -19.48
N PRO A 90 -5.90 5.71 -18.50
CA PRO A 90 -4.57 6.29 -18.38
C PRO A 90 -3.62 5.33 -17.70
N THR A 91 -3.96 4.96 -16.47
CA THR A 91 -3.23 3.95 -15.74
C THR A 91 -4.20 3.14 -14.89
N LYS A 92 -4.15 1.83 -15.02
CA LYS A 92 -4.98 0.96 -14.18
C LYS A 92 -4.09 0.27 -13.17
N VAL A 93 -4.37 0.50 -11.89
CA VAL A 93 -3.65 -0.20 -10.85
C VAL A 93 -4.48 -1.33 -10.29
N LYS A 94 -3.81 -2.29 -9.70
CA LYS A 94 -4.46 -3.40 -9.06
C LYS A 94 -3.82 -3.64 -7.71
N VAL A 95 -4.62 -3.49 -6.66
CA VAL A 95 -4.13 -3.65 -5.31
C VAL A 95 -4.39 -5.05 -4.83
N HIS A 96 -3.36 -5.87 -4.76
CA HIS A 96 -3.53 -7.13 -4.10
C HIS A 96 -2.90 -6.99 -2.73
N MET A 97 -3.73 -6.83 -1.73
CA MET A 97 -3.27 -6.75 -0.37
C MET A 97 -3.26 -8.13 0.20
N LYS A 98 -2.30 -8.41 1.06
CA LYS A 98 -2.21 -9.74 1.60
C LYS A 98 -1.65 -9.67 3.00
N LYS A 99 -2.43 -10.14 3.95
CA LYS A 99 -2.03 -10.13 5.32
C LYS A 99 -0.69 -10.85 5.50
N ALA A 100 0.26 -10.12 6.07
CA ALA A 100 1.61 -10.62 6.23
C ALA A 100 1.64 -11.73 7.27
N LEU A 101 2.52 -12.70 7.07
CA LEU A 101 2.67 -13.80 8.01
C LEU A 101 3.45 -13.37 9.25
N SER A 102 3.79 -12.08 9.31
CA SER A 102 4.47 -11.52 10.45
C SER A 102 3.47 -11.26 11.57
N GLY A 103 2.41 -10.50 11.27
CA GLY A 103 1.36 -10.26 12.24
C GLY A 103 0.97 -8.81 12.32
N ASP A 104 -0.33 -8.54 12.17
CA ASP A 104 -0.89 -7.19 12.19
C ASP A 104 -0.21 -6.31 11.16
N SER A 105 0.12 -6.92 10.05
CA SER A 105 0.71 -6.26 8.92
C SER A 105 0.12 -6.83 7.65
N TYR A 106 0.09 -6.02 6.61
CA TYR A 106 -0.58 -6.41 5.36
C TYR A 106 0.20 -5.88 4.18
N TRP A 107 0.36 -6.70 3.15
CA TRP A 107 1.10 -6.30 1.99
C TRP A 107 0.21 -5.58 1.00
N VAL A 108 0.87 -4.92 0.08
CA VAL A 108 0.22 -4.22 -1.02
C VAL A 108 0.96 -4.54 -2.31
N PHE A 109 0.46 -5.51 -3.05
CA PHE A 109 1.08 -5.87 -4.31
C PHE A 109 0.34 -5.14 -5.43
N VAL A 110 0.93 -4.08 -5.92
CA VAL A 110 0.29 -3.29 -6.96
C VAL A 110 0.86 -3.62 -8.33
N LYS A 111 0.12 -3.23 -9.34
CA LYS A 111 0.56 -3.30 -10.71
C LYS A 111 -0.15 -2.22 -11.52
N ARG A 112 0.61 -1.32 -12.12
CA ARG A 112 0.02 -0.22 -12.86
C ARG A 112 0.20 -0.41 -14.37
N VAL A 113 -0.91 -0.43 -15.08
CA VAL A 113 -0.90 -0.50 -16.53
C VAL A 113 -1.28 0.84 -17.11
C1 HC4 B . -12.27 17.31 6.41
O1 HC4 B . -12.32 16.72 5.34
C2 HC4 B . -12.29 18.84 6.59
C3 HC4 B . -12.38 19.79 5.63
C1' HC4 B . -12.37 19.68 4.17
C2' HC4 B . -12.44 20.85 3.41
C3' HC4 B . -12.47 20.81 2.03
C4' HC4 B . -12.41 19.61 1.37
C5' HC4 B . -12.33 18.45 2.09
C6' HC4 B . -12.31 18.48 3.47
O4' HC4 B . -12.43 19.56 0.00
H2 HC4 B . -12.33 19.21 7.60
H3 HC4 B . -12.40 20.76 6.11
H2' HC4 B . -12.57 21.79 3.92
H3' HC4 B . -12.54 21.74 1.47
H5' HC4 B . -12.28 17.49 1.57
H6' HC4 B . -12.25 17.56 4.03
HO4' HC4 B . -11.82 20.22 -0.36
N LEU A 14 10.63 0.94 -14.59
CA LEU A 14 10.17 -0.23 -13.81
C LEU A 14 9.39 0.22 -12.59
N ALA A 15 8.20 -0.33 -12.41
CA ALA A 15 7.36 0.03 -11.29
C ALA A 15 7.52 -0.97 -10.15
N PHE A 16 7.98 -0.48 -9.00
CA PHE A 16 8.10 -1.32 -7.82
C PHE A 16 6.75 -1.42 -7.13
N GLY A 17 6.04 -2.51 -7.41
CA GLY A 17 4.67 -2.64 -6.94
C GLY A 17 4.54 -3.47 -5.70
N ALA A 18 5.64 -3.98 -5.18
CA ALA A 18 5.58 -4.84 -4.02
C ALA A 18 6.05 -4.12 -2.75
N ILE A 19 5.10 -3.70 -1.94
CA ILE A 19 5.41 -3.02 -0.69
C ILE A 19 4.59 -3.59 0.46
N GLN A 20 5.21 -3.71 1.61
CA GLN A 20 4.52 -4.25 2.78
C GLN A 20 4.37 -3.19 3.86
N LEU A 21 3.17 -3.13 4.43
CA LEU A 21 2.90 -2.23 5.54
C LEU A 21 2.29 -3.00 6.70
N ASP A 22 2.25 -2.37 7.84
CA ASP A 22 1.68 -2.99 9.04
C ASP A 22 0.20 -2.64 9.15
N GLY A 23 -0.51 -3.47 9.89
CA GLY A 23 -1.92 -3.24 10.12
C GLY A 23 -2.17 -2.23 11.21
N ASP A 24 -1.10 -1.54 11.60
CA ASP A 24 -1.17 -0.52 12.62
C ASP A 24 -1.44 0.83 11.96
N GLY A 25 -1.04 0.93 10.70
CA GLY A 25 -1.30 2.13 9.93
C GLY A 25 -0.03 2.79 9.43
N ASN A 26 1.03 2.00 9.32
CA ASN A 26 2.33 2.52 8.91
C ASN A 26 2.93 1.64 7.83
N ILE A 27 3.81 2.20 7.02
CA ILE A 27 4.57 1.41 6.07
C ILE A 27 5.64 0.64 6.84
N LEU A 28 5.85 -0.62 6.49
CA LEU A 28 6.77 -1.46 7.24
C LEU A 28 8.07 -1.66 6.47
N GLN A 29 7.96 -2.04 5.21
CA GLN A 29 9.13 -2.27 4.37
C GLN A 29 8.81 -2.08 2.90
N TYR A 30 9.60 -1.26 2.23
CA TYR A 30 9.46 -1.04 0.80
C TYR A 30 10.48 -1.92 0.08
N ASN A 31 9.99 -2.81 -0.77
CA ASN A 31 10.84 -3.84 -1.35
C ASN A 31 11.32 -3.45 -2.75
N ALA A 32 12.63 -3.38 -2.89
CA ALA A 32 13.25 -3.19 -4.19
C ALA A 32 14.12 -4.39 -4.51
N ALA A 33 13.49 -5.45 -4.98
CA ALA A 33 14.18 -6.69 -5.25
C ALA A 33 13.50 -7.46 -6.37
N GLU A 34 13.94 -7.21 -7.58
CA GLU A 34 13.39 -7.87 -8.76
C GLU A 34 14.40 -8.88 -9.31
N GLY A 35 15.35 -9.26 -8.48
CA GLY A 35 16.44 -10.12 -8.92
C GLY A 35 17.78 -9.46 -8.65
N ASP A 36 17.73 -8.24 -8.16
CA ASP A 36 18.92 -7.46 -7.87
C ASP A 36 18.80 -6.88 -6.48
N ILE A 37 19.93 -6.81 -5.79
CA ILE A 37 19.97 -6.29 -4.43
C ILE A 37 19.43 -4.86 -4.38
N THR A 38 19.84 -4.07 -5.38
CA THR A 38 19.44 -2.66 -5.49
C THR A 38 20.06 -1.82 -4.35
N GLY A 39 20.31 -0.55 -4.63
CA GLY A 39 20.87 0.33 -3.62
C GLY A 39 19.93 0.55 -2.45
N ARG A 40 20.39 0.18 -1.26
CA ARG A 40 19.60 0.35 -0.05
C ARG A 40 19.49 1.83 0.31
N ASP A 41 18.29 2.26 0.69
CA ASP A 41 18.06 3.64 1.08
C ASP A 41 16.96 3.73 2.13
N PRO A 42 17.28 4.25 3.32
CA PRO A 42 16.35 4.31 4.45
C PRO A 42 15.22 5.32 4.24
N LYS A 43 15.38 6.21 3.27
CA LYS A 43 14.37 7.23 3.03
C LYS A 43 13.51 6.88 1.83
N GLN A 44 13.75 5.70 1.32
CA GLN A 44 12.99 5.16 0.20
C GLN A 44 11.88 4.28 0.75
N VAL A 45 12.11 3.76 1.95
CA VAL A 45 11.16 2.90 2.62
C VAL A 45 10.32 3.71 3.61
N ILE A 46 9.38 3.04 4.28
CA ILE A 46 8.51 3.63 5.32
C ILE A 46 8.10 5.06 5.03
N GLY A 47 7.32 5.20 3.96
CA GLY A 47 6.82 6.50 3.57
C GLY A 47 5.73 7.00 4.50
N LYS A 48 4.90 6.07 4.97
CA LYS A 48 3.84 6.42 5.90
C LYS A 48 4.35 6.34 7.33
N ASN A 49 4.82 7.48 7.83
CA ASN A 49 5.27 7.58 9.20
C ASN A 49 4.83 8.90 9.80
N PHE A 50 3.68 8.85 10.47
CA PHE A 50 3.10 9.99 11.18
C PHE A 50 1.74 9.59 11.70
N PHE A 51 1.48 9.90 12.96
CA PHE A 51 0.26 9.45 13.62
C PHE A 51 -0.79 10.56 13.66
N LYS A 52 -0.33 11.79 13.78
CA LYS A 52 -1.25 12.92 13.81
C LYS A 52 -1.23 13.70 12.51
N ASP A 53 -2.18 13.42 11.65
CA ASP A 53 -2.34 14.19 10.42
C ASP A 53 -3.28 15.36 10.66
N VAL A 54 -2.74 16.56 10.60
CA VAL A 54 -3.54 17.77 10.75
C VAL A 54 -3.34 18.69 9.56
N ALA A 55 -2.91 18.12 8.45
CA ALA A 55 -2.61 18.88 7.26
C ALA A 55 -3.74 18.76 6.25
N PRO A 56 -4.09 19.87 5.58
CA PRO A 56 -5.08 19.88 4.50
C PRO A 56 -4.61 19.06 3.30
N CYS A 57 -4.77 17.75 3.39
CA CYS A 57 -4.39 16.84 2.33
C CYS A 57 -5.52 15.87 2.06
N THR A 58 -5.79 15.61 0.79
CA THR A 58 -6.84 14.69 0.43
C THR A 58 -6.41 13.25 0.73
N ASP A 59 -7.21 12.55 1.52
CA ASP A 59 -6.90 11.17 1.89
C ASP A 59 -7.05 10.27 0.66
N SER A 60 -5.96 9.61 0.31
CA SER A 60 -5.89 8.80 -0.90
C SER A 60 -4.63 7.93 -0.93
N PRO A 61 -3.43 8.47 -0.61
CA PRO A 61 -2.19 7.67 -0.57
C PRO A 61 -2.30 6.48 0.38
N GLU A 62 -2.87 6.72 1.55
CA GLU A 62 -3.05 5.68 2.56
C GLU A 62 -4.41 5.03 2.38
N PHE A 63 -4.74 4.12 3.30
CA PHE A 63 -6.05 3.42 3.31
C PHE A 63 -6.16 2.37 2.20
N TYR A 64 -5.44 2.60 1.10
CA TYR A 64 -5.34 1.63 0.00
C TYR A 64 -6.69 1.07 -0.44
N GLY A 65 -7.06 -0.11 0.05
CA GLY A 65 -8.30 -0.71 -0.37
C GLY A 65 -8.99 -1.42 0.77
N LYS A 66 -9.99 -0.75 1.35
CA LYS A 66 -10.77 -1.33 2.45
C LYS A 66 -9.92 -1.56 3.69
N PHE A 67 -8.76 -0.89 3.78
CA PHE A 67 -7.81 -1.12 4.88
C PHE A 67 -8.50 -1.05 6.24
N LYS A 68 -9.51 -0.17 6.32
CA LYS A 68 -10.25 0.02 7.57
C LYS A 68 -10.95 -1.27 7.96
N GLU A 69 -11.52 -1.92 6.97
CA GLU A 69 -12.27 -3.14 7.16
C GLU A 69 -11.34 -4.35 7.06
N GLY A 70 -10.21 -4.15 6.38
CA GLY A 70 -9.22 -5.18 6.22
C GLY A 70 -8.64 -5.59 7.54
N VAL A 71 -8.33 -4.59 8.36
CA VAL A 71 -7.78 -4.82 9.69
C VAL A 71 -8.80 -5.50 10.59
N ALA A 72 -10.02 -4.97 10.56
CA ALA A 72 -11.07 -5.43 11.46
C ALA A 72 -11.62 -6.76 11.01
N SER A 73 -11.51 -7.02 9.72
CA SER A 73 -11.85 -8.33 9.19
C SER A 73 -10.90 -9.36 9.76
N GLY A 74 -9.66 -8.93 10.00
CA GLY A 74 -8.69 -9.76 10.69
C GLY A 74 -7.73 -10.43 9.74
N ASN A 75 -7.89 -10.12 8.45
CA ASN A 75 -7.07 -10.74 7.42
C ASN A 75 -7.28 -10.06 6.07
N LEU A 76 -6.86 -8.81 6.00
CA LEU A 76 -6.82 -8.08 4.75
C LEU A 76 -5.98 -8.81 3.71
N ASN A 77 -6.60 -9.70 2.97
CA ASN A 77 -5.92 -10.39 1.89
C ASN A 77 -6.88 -10.60 0.72
N THR A 78 -6.77 -9.75 -0.29
CA THR A 78 -7.66 -9.81 -1.43
C THR A 78 -7.08 -9.06 -2.62
N MET A 79 -7.57 -9.41 -3.80
CA MET A 79 -7.28 -8.65 -5.00
C MET A 79 -8.39 -7.62 -5.20
N PHE A 80 -8.00 -6.41 -5.57
CA PHE A 80 -8.96 -5.34 -5.75
C PHE A 80 -8.49 -4.39 -6.84
N GLU A 81 -9.16 -4.42 -7.97
CA GLU A 81 -8.79 -3.57 -9.08
C GLU A 81 -9.73 -2.38 -9.15
N TYR A 82 -9.25 -1.22 -8.72
CA TYR A 82 -10.09 -0.03 -8.69
C TYR A 82 -9.50 1.08 -9.55
N THR A 83 -10.37 1.92 -10.09
CA THR A 83 -9.96 2.97 -10.99
C THR A 83 -10.32 4.33 -10.42
N PHE A 84 -9.53 5.34 -10.76
CA PHE A 84 -9.87 6.71 -10.43
C PHE A 84 -10.76 7.29 -11.51
N ASP A 85 -11.90 7.84 -11.11
CA ASP A 85 -12.86 8.39 -12.07
C ASP A 85 -12.21 9.47 -12.92
N TYR A 86 -11.50 10.38 -12.26
CA TYR A 86 -10.75 11.40 -12.97
C TYR A 86 -9.32 11.46 -12.46
N GLN A 87 -9.14 12.18 -11.33
CA GLN A 87 -7.80 12.42 -10.75
C GLN A 87 -6.97 13.31 -11.68
N MET A 88 -6.63 12.77 -12.83
CA MET A 88 -5.94 13.49 -13.88
C MET A 88 -5.89 12.65 -15.14
N THR A 89 -5.28 11.49 -15.00
CA THR A 89 -5.25 10.49 -16.05
C THR A 89 -5.78 9.18 -15.49
N PRO A 90 -7.09 8.88 -15.70
CA PRO A 90 -7.78 7.74 -15.08
C PRO A 90 -6.98 6.44 -15.13
N THR A 91 -6.35 6.09 -14.02
CA THR A 91 -5.55 4.89 -13.93
C THR A 91 -6.28 3.82 -13.14
N LYS A 92 -6.26 2.59 -13.63
CA LYS A 92 -6.76 1.46 -12.87
C LYS A 92 -5.58 0.75 -12.21
N VAL A 93 -5.64 0.62 -10.89
CA VAL A 93 -4.64 -0.16 -10.21
C VAL A 93 -5.16 -1.54 -9.87
N LYS A 94 -4.24 -2.46 -9.71
CA LYS A 94 -4.59 -3.84 -9.44
C LYS A 94 -3.81 -4.30 -8.23
N VAL A 95 -4.46 -4.44 -7.09
CA VAL A 95 -3.75 -4.83 -5.90
C VAL A 95 -4.01 -6.27 -5.52
N HIS A 96 -2.98 -6.90 -5.01
CA HIS A 96 -3.16 -8.03 -4.17
C HIS A 96 -2.58 -7.63 -2.82
N MET A 97 -3.46 -7.32 -1.91
CA MET A 97 -3.06 -6.89 -0.59
C MET A 97 -3.31 -8.01 0.37
N LYS A 98 -2.31 -8.36 1.15
CA LYS A 98 -2.37 -9.60 1.90
C LYS A 98 -1.80 -9.41 3.28
N LYS A 99 -2.52 -9.90 4.27
CA LYS A 99 -2.02 -9.95 5.62
C LYS A 99 -0.70 -10.71 5.67
N ALA A 100 0.37 -9.95 5.88
CA ALA A 100 1.71 -10.46 5.95
C ALA A 100 1.81 -11.59 6.97
N LEU A 101 2.52 -12.64 6.61
CA LEU A 101 2.63 -13.81 7.46
C LEU A 101 3.57 -13.53 8.64
N SER A 102 4.05 -12.29 8.71
CA SER A 102 4.93 -11.86 9.78
C SER A 102 4.15 -11.54 11.06
N GLY A 103 2.93 -11.03 10.90
CA GLY A 103 2.10 -10.72 12.05
C GLY A 103 1.33 -9.43 11.89
N ASP A 104 0.00 -9.57 11.79
CA ASP A 104 -0.95 -8.46 11.59
C ASP A 104 -0.33 -7.26 10.88
N SER A 105 -0.11 -7.45 9.61
CA SER A 105 0.43 -6.46 8.72
C SER A 105 -0.08 -6.82 7.35
N TYR A 106 -0.08 -5.90 6.43
CA TYR A 106 -0.67 -6.18 5.13
C TYR A 106 0.20 -5.65 3.99
N TRP A 107 0.39 -6.49 2.97
CA TRP A 107 1.14 -6.10 1.81
C TRP A 107 0.25 -5.41 0.80
N VAL A 108 0.90 -4.78 -0.16
CA VAL A 108 0.25 -4.18 -1.30
C VAL A 108 1.08 -4.46 -2.55
N PHE A 109 0.71 -5.49 -3.30
CA PHE A 109 1.30 -5.73 -4.60
C PHE A 109 0.43 -5.05 -5.66
N VAL A 110 0.87 -3.90 -6.14
CA VAL A 110 0.06 -3.10 -7.04
C VAL A 110 0.68 -2.97 -8.43
N LYS A 111 -0.17 -2.84 -9.43
CA LYS A 111 0.25 -2.56 -10.79
C LYS A 111 -0.82 -1.72 -11.45
N ARG A 112 -0.40 -0.82 -12.33
CA ARG A 112 -1.31 0.16 -12.88
C ARG A 112 -1.49 0.00 -14.38
N VAL A 113 -2.71 0.25 -14.84
CA VAL A 113 -3.03 0.22 -16.25
C VAL A 113 -3.09 1.65 -16.79
C1 HC4 B . -1.25 17.72 1.44
O1 HC4 B . -1.01 16.95 0.52
C2 HC4 B . -1.24 19.27 1.36
C3 HC4 B . -0.96 20.02 0.27
C1' HC4 B . -0.47 19.66 -1.06
C2' HC4 B . -0.23 20.68 -1.98
C3' HC4 B . 0.20 20.42 -3.26
C4' HC4 B . 0.42 19.12 -3.65
C5' HC4 B . 0.20 18.08 -2.77
C6' HC4 B . -0.24 18.35 -1.50
O4' HC4 B . 0.86 18.85 -4.93
H2 HC4 B . -1.61 19.80 2.21
H3 HC4 B . -1.07 21.06 0.54
H2' HC4 B . -0.45 21.70 -1.69
H3' HC4 B . 0.37 21.23 -3.95
H5' HC4 B . 0.38 17.06 -3.08
H6' HC4 B . -0.41 17.54 -0.81
HO4' HC4 B . 0.33 18.13 -5.31
N LEU A 14 6.99 -2.72 -16.40
CA LEU A 14 7.18 -1.55 -15.51
C LEU A 14 7.76 -2.02 -14.17
N ALA A 15 7.94 -1.08 -13.26
CA ALA A 15 8.47 -1.39 -11.94
C ALA A 15 7.39 -1.17 -10.88
N PHE A 16 7.80 -1.26 -9.61
CA PHE A 16 6.91 -1.01 -8.46
C PHE A 16 5.90 -2.14 -8.30
N GLY A 17 5.46 -2.36 -7.07
CA GLY A 17 4.48 -3.40 -6.84
C GLY A 17 4.30 -3.76 -5.38
N ALA A 18 5.22 -4.56 -4.84
CA ALA A 18 5.01 -5.20 -3.56
C ALA A 18 5.64 -4.42 -2.41
N ILE A 19 4.81 -3.71 -1.67
CA ILE A 19 5.24 -3.05 -0.46
C ILE A 19 4.34 -3.47 0.69
N GLN A 20 4.95 -3.69 1.85
CA GLN A 20 4.20 -4.20 2.99
C GLN A 20 4.16 -3.18 4.12
N LEU A 21 2.99 -3.04 4.70
CA LEU A 21 2.79 -2.13 5.81
C LEU A 21 1.90 -2.77 6.85
N ASP A 22 2.00 -2.32 8.09
CA ASP A 22 1.18 -2.88 9.14
C ASP A 22 -0.17 -2.18 9.21
N GLY A 23 -1.15 -2.90 9.74
CA GLY A 23 -2.49 -2.36 9.86
C GLY A 23 -2.63 -1.43 11.05
N ASP A 24 -1.49 -1.04 11.59
CA ASP A 24 -1.44 -0.17 12.74
C ASP A 24 -1.14 1.27 12.31
N GLY A 25 -0.47 1.39 11.16
CA GLY A 25 -0.26 2.69 10.57
C GLY A 25 1.21 2.97 10.26
N ASN A 26 1.98 1.92 9.98
CA ASN A 26 3.40 2.10 9.68
C ASN A 26 3.79 1.28 8.45
N ILE A 27 4.65 1.85 7.62
CA ILE A 27 5.24 1.12 6.52
C ILE A 27 6.50 0.38 7.01
N LEU A 28 6.60 -0.90 6.70
CA LEU A 28 7.65 -1.73 7.28
C LEU A 28 8.72 -2.10 6.24
N GLN A 29 8.29 -2.58 5.08
CA GLN A 29 9.23 -3.01 4.06
C GLN A 29 8.73 -2.65 2.67
N TYR A 30 9.60 -1.99 1.90
CA TYR A 30 9.28 -1.58 0.55
C TYR A 30 10.14 -2.34 -0.47
N ASN A 31 9.49 -2.98 -1.44
CA ASN A 31 10.21 -3.78 -2.42
C ASN A 31 9.80 -3.38 -3.84
N ALA A 32 10.66 -2.62 -4.49
CA ALA A 32 10.43 -2.24 -5.89
C ALA A 32 11.75 -1.96 -6.59
N ALA A 33 11.68 -1.93 -7.92
CA ALA A 33 12.86 -1.64 -8.72
C ALA A 33 13.21 -0.15 -8.67
N GLU A 34 14.23 0.16 -7.89
CA GLU A 34 14.73 1.52 -7.80
C GLU A 34 16.12 1.60 -8.40
N GLY A 35 16.17 1.75 -9.71
CA GLY A 35 17.44 1.78 -10.41
C GLY A 35 17.89 3.19 -10.73
N ASP A 36 16.94 4.10 -10.84
CA ASP A 36 17.26 5.50 -11.07
C ASP A 36 17.28 6.24 -9.74
N ILE A 37 18.46 6.67 -9.35
CA ILE A 37 18.67 7.28 -8.04
C ILE A 37 19.16 8.71 -8.15
N THR A 38 19.87 9.02 -9.24
CA THR A 38 20.45 10.34 -9.46
C THR A 38 19.37 11.43 -9.51
N GLY A 39 19.14 12.07 -8.37
CA GLY A 39 18.12 13.11 -8.28
C GLY A 39 16.77 12.57 -7.85
N ARG A 40 16.74 11.28 -7.53
CA ARG A 40 15.50 10.62 -7.16
C ARG A 40 15.51 10.28 -5.68
N ASP A 41 14.33 10.11 -5.11
CA ASP A 41 14.19 9.66 -3.73
C ASP A 41 13.23 8.48 -3.66
N PRO A 42 13.79 7.25 -3.60
CA PRO A 42 13.00 6.01 -3.55
C PRO A 42 12.10 5.94 -2.32
N LYS A 43 12.46 6.68 -1.28
CA LYS A 43 11.65 6.72 -0.06
C LYS A 43 10.43 7.62 -0.25
N GLN A 44 9.48 7.13 -1.04
CA GLN A 44 8.24 7.83 -1.29
C GLN A 44 7.07 7.09 -0.66
N VAL A 45 6.99 5.80 -0.92
CA VAL A 45 5.92 4.98 -0.34
C VAL A 45 6.44 4.19 0.87
N ILE A 46 7.12 4.91 1.74
CA ILE A 46 7.71 4.33 2.94
C ILE A 46 8.06 5.47 3.91
N GLY A 47 8.14 5.14 5.19
CA GLY A 47 8.45 6.15 6.18
C GLY A 47 7.22 6.60 6.93
N LYS A 48 6.13 5.84 6.79
CA LYS A 48 4.90 6.14 7.49
C LYS A 48 5.01 5.67 8.92
N ASN A 49 4.88 6.60 9.84
CA ASN A 49 4.97 6.31 11.26
C ASN A 49 3.80 6.94 12.01
N PHE A 50 2.78 6.13 12.27
CA PHE A 50 1.59 6.59 12.98
C PHE A 50 1.24 5.62 14.10
N PHE A 51 1.35 6.10 15.33
CA PHE A 51 1.02 5.27 16.48
C PHE A 51 -0.40 5.56 16.94
N LYS A 52 -0.65 6.82 17.28
CA LYS A 52 -1.96 7.28 17.68
C LYS A 52 -2.07 8.77 17.40
N ASP A 53 -3.28 9.30 17.45
CA ASP A 53 -3.50 10.71 17.17
C ASP A 53 -4.10 11.42 18.38
N VAL A 54 -4.24 12.72 18.28
CA VAL A 54 -4.86 13.53 19.32
C VAL A 54 -5.56 14.74 18.69
N ALA A 55 -6.17 14.51 17.53
CA ALA A 55 -6.81 15.57 16.77
C ALA A 55 -8.09 15.08 16.09
N PRO A 56 -9.11 15.94 15.98
CA PRO A 56 -10.38 15.59 15.34
C PRO A 56 -10.32 15.72 13.82
N CYS A 57 -9.12 15.59 13.26
CA CYS A 57 -8.92 15.68 11.83
C CYS A 57 -7.70 14.87 11.43
N THR A 58 -7.88 13.57 11.34
CA THR A 58 -6.77 12.68 10.99
C THR A 58 -7.10 11.84 9.77
N ASP A 59 -8.27 11.19 9.79
CA ASP A 59 -8.66 10.30 8.72
C ASP A 59 -9.25 11.04 7.54
N SER A 60 -8.58 10.92 6.41
CA SER A 60 -9.17 11.27 5.14
C SER A 60 -9.56 9.97 4.44
N PRO A 61 -10.85 9.61 4.49
CA PRO A 61 -11.34 8.29 4.08
C PRO A 61 -10.71 7.74 2.81
N GLU A 62 -9.80 6.78 2.99
CA GLU A 62 -9.16 6.10 1.87
C GLU A 62 -8.72 4.70 2.26
N PHE A 63 -9.51 3.71 1.89
CA PHE A 63 -9.13 2.32 2.09
C PHE A 63 -8.80 1.70 0.74
N TYR A 64 -7.56 1.26 0.59
CA TYR A 64 -7.06 0.77 -0.70
C TYR A 64 -7.74 -0.53 -1.11
N GLY A 65 -7.39 -1.63 -0.45
CA GLY A 65 -8.01 -2.89 -0.77
C GLY A 65 -8.80 -3.43 0.39
N LYS A 66 -9.94 -2.79 0.67
CA LYS A 66 -10.79 -3.17 1.80
C LYS A 66 -10.10 -2.83 3.13
N PHE A 67 -9.00 -2.09 3.02
CA PHE A 67 -8.02 -1.92 4.11
C PHE A 67 -8.67 -1.62 5.47
N LYS A 68 -9.70 -0.77 5.47
CA LYS A 68 -10.29 -0.31 6.74
C LYS A 68 -10.88 -1.48 7.51
N GLU A 69 -11.51 -2.39 6.77
CA GLU A 69 -12.07 -3.60 7.35
C GLU A 69 -11.01 -4.69 7.37
N GLY A 70 -10.08 -4.61 6.43
CA GLY A 70 -9.05 -5.59 6.27
C GLY A 70 -8.26 -5.78 7.54
N VAL A 71 -8.00 -4.66 8.20
CA VAL A 71 -7.23 -4.65 9.44
C VAL A 71 -7.99 -5.36 10.55
N ALA A 72 -9.24 -4.95 10.78
CA ALA A 72 -9.99 -5.42 11.93
C ALA A 72 -10.65 -6.76 11.66
N SER A 73 -10.85 -7.06 10.39
CA SER A 73 -11.33 -8.37 10.00
C SER A 73 -10.22 -9.40 10.22
N GLY A 74 -8.99 -8.90 10.24
CA GLY A 74 -7.84 -9.73 10.56
C GLY A 74 -7.53 -10.71 9.46
N ASN A 75 -7.89 -10.35 8.24
CA ASN A 75 -7.66 -11.23 7.10
C ASN A 75 -7.65 -10.46 5.80
N LEU A 76 -6.97 -9.34 5.81
CA LEU A 76 -6.87 -8.47 4.65
C LEU A 76 -6.10 -9.13 3.51
N ASN A 77 -6.79 -9.89 2.69
CA ASN A 77 -6.16 -10.50 1.54
C ASN A 77 -7.13 -10.55 0.37
N THR A 78 -6.98 -9.61 -0.57
CA THR A 78 -7.83 -9.56 -1.74
C THR A 78 -7.03 -9.06 -2.93
N MET A 79 -7.35 -9.57 -4.12
CA MET A 79 -6.79 -9.03 -5.35
C MET A 79 -7.91 -8.42 -6.18
N PHE A 80 -7.82 -7.12 -6.39
CA PHE A 80 -8.81 -6.39 -7.12
C PHE A 80 -8.13 -5.48 -8.13
N GLU A 81 -8.81 -5.14 -9.20
CA GLU A 81 -8.28 -4.18 -10.15
C GLU A 81 -9.34 -3.14 -10.46
N TYR A 82 -8.99 -1.87 -10.23
CA TYR A 82 -9.92 -0.78 -10.39
C TYR A 82 -9.36 0.24 -11.36
N THR A 83 -10.13 0.54 -12.39
CA THR A 83 -9.76 1.58 -13.32
C THR A 83 -10.48 2.87 -12.95
N PHE A 84 -9.81 3.99 -13.12
CA PHE A 84 -10.43 5.28 -12.82
C PHE A 84 -9.97 6.34 -13.80
N ASP A 85 -10.93 6.89 -14.53
CA ASP A 85 -10.66 7.99 -15.44
C ASP A 85 -10.64 9.29 -14.65
N TYR A 86 -9.46 9.76 -14.30
CA TYR A 86 -9.35 11.02 -13.58
C TYR A 86 -9.67 12.18 -14.52
N GLN A 87 -9.31 12.00 -15.79
CA GLN A 87 -9.62 12.97 -16.84
C GLN A 87 -9.08 12.47 -18.17
N MET A 88 -9.89 11.66 -18.85
CA MET A 88 -9.58 11.12 -20.19
C MET A 88 -8.59 9.96 -20.11
N THR A 89 -7.95 9.81 -18.95
CA THR A 89 -7.01 8.74 -18.73
C THR A 89 -7.52 7.77 -17.66
N PRO A 90 -8.15 6.67 -18.08
CA PRO A 90 -8.62 5.63 -17.16
C PRO A 90 -7.46 4.81 -16.60
N THR A 91 -7.02 5.15 -15.41
CA THR A 91 -5.87 4.50 -14.80
C THR A 91 -6.28 3.16 -14.19
N LYS A 92 -6.01 2.09 -14.91
CA LYS A 92 -6.30 0.75 -14.42
C LYS A 92 -5.21 0.29 -13.47
N VAL A 93 -5.51 0.33 -12.16
CA VAL A 93 -4.57 -0.10 -11.16
C VAL A 93 -4.95 -1.45 -10.57
N LYS A 94 -3.97 -2.09 -9.97
CA LYS A 94 -4.16 -3.39 -9.33
C LYS A 94 -3.89 -3.28 -7.84
N VAL A 95 -4.68 -3.96 -7.04
CA VAL A 95 -4.45 -4.03 -5.61
C VAL A 95 -4.50 -5.46 -5.15
N HIS A 96 -3.33 -6.04 -4.93
CA HIS A 96 -3.27 -7.33 -4.32
C HIS A 96 -2.73 -7.15 -2.91
N MET A 97 -3.62 -7.21 -1.96
CA MET A 97 -3.24 -7.01 -0.57
C MET A 97 -3.33 -8.32 0.14
N LYS A 98 -2.43 -8.57 1.07
CA LYS A 98 -2.43 -9.82 1.76
C LYS A 98 -1.94 -9.65 3.18
N LYS A 99 -2.67 -10.24 4.09
CA LYS A 99 -2.28 -10.29 5.46
C LYS A 99 -0.89 -10.91 5.59
N ALA A 100 0.05 -10.07 5.99
CA ALA A 100 1.45 -10.45 6.05
C ALA A 100 1.68 -11.54 7.07
N LEU A 101 2.63 -12.42 6.79
CA LEU A 101 2.94 -13.52 7.68
C LEU A 101 3.58 -13.00 8.97
N SER A 102 3.86 -11.70 9.00
CA SER A 102 4.38 -11.03 10.18
C SER A 102 3.32 -10.95 11.27
N GLY A 103 2.06 -10.89 10.86
CA GLY A 103 0.98 -10.90 11.82
C GLY A 103 0.17 -9.61 11.79
N ASP A 104 0.77 -8.51 12.24
CA ASP A 104 0.05 -7.25 12.43
C ASP A 104 0.19 -6.36 11.21
N SER A 105 0.48 -6.96 10.10
CA SER A 105 0.75 -6.23 8.88
C SER A 105 0.03 -6.82 7.69
N TYR A 106 -0.16 -6.00 6.67
CA TYR A 106 -0.84 -6.40 5.45
C TYR A 106 -0.15 -5.78 4.24
N TRP A 107 0.10 -6.55 3.21
CA TRP A 107 0.82 -6.06 2.06
C TRP A 107 -0.09 -5.31 1.13
N VAL A 108 0.51 -4.55 0.24
CA VAL A 108 -0.20 -3.89 -0.82
C VAL A 108 0.58 -3.97 -2.15
N PHE A 109 0.21 -4.94 -2.98
CA PHE A 109 0.81 -5.10 -4.29
C PHE A 109 0.07 -4.23 -5.30
N VAL A 110 0.66 -3.10 -5.64
CA VAL A 110 0.04 -2.18 -6.58
C VAL A 110 0.64 -2.32 -7.97
N LYS A 111 -0.15 -1.98 -8.97
CA LYS A 111 0.30 -2.02 -10.35
C LYS A 111 -0.58 -1.12 -11.20
N ARG A 112 0.00 -0.54 -12.23
CA ARG A 112 -0.78 0.23 -13.20
C ARG A 112 -0.44 -0.24 -14.61
N VAL A 113 -1.47 -0.62 -15.35
CA VAL A 113 -1.30 -1.20 -16.67
C VAL A 113 -1.65 -0.19 -17.76
C1 HC4 B . -10.25 17.93 9.17
O1 HC4 B . -11.14 17.91 9.99
C2 HC4 B . -10.38 18.39 7.69
C3 HC4 B . -11.48 18.85 7.07
C1' HC4 B . -12.83 19.14 7.58
C2' HC4 B . -13.78 19.63 6.68
C3' HC4 B . -15.07 19.92 7.09
C4' HC4 B . -15.44 19.69 8.39
C5' HC4 B . -14.52 19.19 9.30
C6' HC4 B . -13.24 18.92 8.89
O4' HC4 B . -16.72 19.97 8.80
H2 HC4 B . -9.50 18.26 7.06
H3 HC4 B . -11.23 19.06 6.04
H2' HC4 B . -13.49 19.83 5.67
H3' HC4 B . -15.78 20.30 6.38
H5' HC4 B . -14.82 19.02 10.32
H6' HC4 B . -12.53 18.53 9.59
HO4' HC4 B . -16.70 20.46 9.62
N LEU A 14 5.43 2.12 -15.80
CA LEU A 14 5.07 1.25 -14.66
C LEU A 14 5.54 1.87 -13.35
N ALA A 15 5.39 1.12 -12.26
CA ALA A 15 5.79 1.58 -10.94
C ALA A 15 6.05 0.38 -10.04
N PHE A 16 6.75 0.61 -8.94
CA PHE A 16 7.04 -0.44 -7.98
C PHE A 16 5.87 -0.60 -7.02
N GLY A 17 5.17 -1.72 -7.14
CA GLY A 17 4.00 -1.93 -6.33
C GLY A 17 4.11 -3.15 -5.44
N ALA A 18 4.96 -3.05 -4.42
CA ALA A 18 5.09 -4.12 -3.44
C ALA A 18 5.60 -3.55 -2.13
N ILE A 19 4.72 -3.36 -1.18
CA ILE A 19 5.08 -2.80 0.11
C ILE A 19 4.34 -3.51 1.23
N GLN A 20 5.03 -3.74 2.34
CA GLN A 20 4.39 -4.30 3.51
C GLN A 20 4.30 -3.27 4.61
N LEU A 21 3.10 -3.07 5.11
CA LEU A 21 2.91 -2.15 6.22
C LEU A 21 2.23 -2.84 7.39
N ASP A 22 2.48 -2.35 8.58
CA ASP A 22 2.03 -3.04 9.78
C ASP A 22 0.59 -2.68 10.16
N GLY A 23 -0.29 -3.66 9.90
CA GLY A 23 -1.63 -3.78 10.48
C GLY A 23 -2.42 -2.51 10.70
N ASP A 24 -2.12 -1.45 9.96
CA ASP A 24 -2.70 -0.15 10.23
C ASP A 24 -2.11 0.93 9.35
N GLY A 25 -0.78 1.11 9.39
CA GLY A 25 -0.18 2.19 8.63
C GLY A 25 1.34 2.22 8.61
N ASN A 26 2.00 1.76 9.67
CA ASN A 26 3.45 1.91 9.75
C ASN A 26 4.15 1.04 8.72
N ILE A 27 4.84 1.69 7.79
CA ILE A 27 5.53 0.99 6.73
C ILE A 27 6.74 0.24 7.27
N LEU A 28 6.83 -1.04 6.95
CA LEU A 28 7.93 -1.87 7.42
C LEU A 28 8.97 -2.07 6.32
N GLN A 29 8.51 -2.41 5.12
CA GLN A 29 9.43 -2.66 4.01
C GLN A 29 8.78 -2.34 2.67
N TYR A 30 9.57 -1.79 1.76
CA TYR A 30 9.09 -1.41 0.43
C TYR A 30 10.02 -1.97 -0.64
N ASN A 31 9.46 -2.48 -1.72
CA ASN A 31 10.26 -3.06 -2.79
C ASN A 31 10.41 -2.09 -3.95
N ALA A 32 11.50 -1.33 -3.93
CA ALA A 32 11.88 -0.50 -5.05
C ALA A 32 13.21 -0.97 -5.61
N ALA A 33 14.01 -1.56 -4.74
CA ALA A 33 15.30 -2.12 -5.10
C ALA A 33 15.63 -3.28 -4.18
N GLU A 34 16.01 -4.41 -4.75
CA GLU A 34 16.29 -5.61 -3.96
C GLU A 34 17.79 -5.72 -3.68
N GLY A 35 18.52 -4.73 -4.12
CA GLY A 35 19.96 -4.71 -3.93
C GLY A 35 20.49 -3.30 -3.80
N ASP A 36 21.79 -3.14 -3.93
CA ASP A 36 22.41 -1.83 -3.84
C ASP A 36 22.47 -1.17 -5.21
N ILE A 37 22.16 0.12 -5.25
CA ILE A 37 22.18 0.86 -6.50
C ILE A 37 23.22 1.98 -6.40
N THR A 38 24.38 1.64 -5.83
CA THR A 38 25.47 2.59 -5.63
C THR A 38 24.95 3.88 -4.96
N GLY A 39 24.31 3.71 -3.81
CA GLY A 39 23.78 4.84 -3.09
C GLY A 39 22.52 4.48 -2.34
N ARG A 40 22.36 5.06 -1.15
CA ARG A 40 21.22 4.75 -0.31
C ARG A 40 20.06 5.70 -0.60
N ASP A 41 19.12 5.24 -1.40
CA ASP A 41 17.96 6.05 -1.76
C ASP A 41 16.79 5.74 -0.83
N PRO A 42 16.44 6.68 0.05
CA PRO A 42 15.36 6.52 1.02
C PRO A 42 14.02 7.07 0.52
N LYS A 43 14.00 7.58 -0.70
CA LYS A 43 12.80 8.20 -1.25
C LYS A 43 11.85 7.16 -1.82
N GLN A 44 11.51 6.20 -0.98
CA GLN A 44 10.64 5.10 -1.37
C GLN A 44 9.35 5.12 -0.57
N VAL A 45 9.13 6.23 0.16
CA VAL A 45 7.96 6.39 1.02
C VAL A 45 7.88 5.24 2.03
N ILE A 46 8.83 5.23 2.96
CA ILE A 46 8.87 4.22 4.01
C ILE A 46 9.09 4.86 5.36
N GLY A 47 8.94 4.06 6.41
CA GLY A 47 9.10 4.56 7.75
C GLY A 47 7.96 5.46 8.12
N LYS A 48 6.78 5.07 7.68
CA LYS A 48 5.57 5.85 7.91
C LYS A 48 5.12 5.71 9.34
N ASN A 49 5.67 6.54 10.20
CA ASN A 49 5.30 6.53 11.60
C ASN A 49 4.20 7.55 11.85
N PHE A 50 2.98 7.05 11.84
CA PHE A 50 1.80 7.85 12.08
C PHE A 50 0.65 6.90 12.36
N PHE A 51 0.48 6.55 13.64
CA PHE A 51 -0.46 5.51 14.01
C PHE A 51 -1.90 5.98 13.86
N LYS A 52 -2.34 6.84 14.78
CA LYS A 52 -3.72 7.30 14.76
C LYS A 52 -3.81 8.71 15.35
N ASP A 53 -3.32 9.68 14.61
CA ASP A 53 -3.35 11.07 15.05
C ASP A 53 -4.42 11.84 14.30
N VAL A 54 -4.82 12.97 14.85
CA VAL A 54 -5.89 13.76 14.26
C VAL A 54 -5.30 14.77 13.27
N ALA A 55 -4.95 14.29 12.09
CA ALA A 55 -4.39 15.13 11.04
C ALA A 55 -5.30 16.32 10.74
N PRO A 56 -4.78 17.55 10.92
CA PRO A 56 -5.56 18.78 10.79
C PRO A 56 -6.26 18.92 9.43
N CYS A 57 -5.58 18.49 8.37
CA CYS A 57 -6.14 18.61 7.03
C CYS A 57 -7.11 17.47 6.74
N THR A 58 -6.99 16.37 7.50
CA THR A 58 -7.83 15.18 7.34
C THR A 58 -7.46 14.40 6.06
N ASP A 59 -7.48 15.08 4.92
CA ASP A 59 -7.18 14.46 3.64
C ASP A 59 -5.68 14.30 3.44
N SER A 60 -5.17 13.16 3.86
CA SER A 60 -3.76 12.81 3.66
C SER A 60 -3.52 11.29 3.74
N PRO A 61 -4.11 10.58 4.72
CA PRO A 61 -4.06 9.12 4.75
C PRO A 61 -5.11 8.50 3.83
N GLU A 62 -4.66 7.81 2.80
CA GLU A 62 -5.56 7.20 1.83
C GLU A 62 -5.74 5.71 2.12
N PHE A 63 -6.98 5.23 1.97
CA PHE A 63 -7.28 3.82 2.14
C PHE A 63 -7.59 3.20 0.79
N TYR A 64 -7.29 1.92 0.62
CA TYR A 64 -7.37 1.29 -0.69
C TYR A 64 -8.44 0.20 -0.76
N GLY A 65 -8.17 -0.98 -0.21
CA GLY A 65 -9.07 -2.09 -0.43
C GLY A 65 -9.70 -2.59 0.85
N LYS A 66 -10.82 -1.96 1.22
CA LYS A 66 -11.57 -2.32 2.42
C LYS A 66 -10.65 -2.19 3.65
N PHE A 67 -9.64 -1.34 3.52
CA PHE A 67 -8.50 -1.31 4.44
C PHE A 67 -8.93 -1.26 5.91
N LYS A 68 -10.01 -0.52 6.19
CA LYS A 68 -10.45 -0.32 7.56
C LYS A 68 -10.92 -1.64 8.17
N GLU A 69 -11.75 -2.35 7.42
CA GLU A 69 -12.29 -3.60 7.89
C GLU A 69 -11.28 -4.71 7.65
N GLY A 70 -10.41 -4.49 6.67
CA GLY A 70 -9.35 -5.41 6.39
C GLY A 70 -8.48 -5.64 7.59
N VAL A 71 -8.17 -4.55 8.26
CA VAL A 71 -7.34 -4.58 9.46
C VAL A 71 -8.06 -5.29 10.60
N ALA A 72 -9.26 -4.84 10.90
CA ALA A 72 -9.95 -5.26 12.10
C ALA A 72 -10.54 -6.66 11.95
N SER A 73 -10.86 -7.00 10.72
CA SER A 73 -11.32 -8.35 10.43
C SER A 73 -10.17 -9.33 10.66
N GLY A 74 -8.95 -8.84 10.46
CA GLY A 74 -7.78 -9.64 10.71
C GLY A 74 -7.45 -10.55 9.55
N ASN A 75 -7.84 -10.11 8.35
CA ASN A 75 -7.62 -10.91 7.15
C ASN A 75 -7.73 -10.08 5.88
N LEU A 76 -6.99 -8.99 5.84
CA LEU A 76 -6.94 -8.13 4.67
C LEU A 76 -6.16 -8.80 3.56
N ASN A 77 -6.84 -9.61 2.77
CA ASN A 77 -6.21 -10.25 1.62
C ASN A 77 -7.19 -10.35 0.46
N THR A 78 -7.06 -9.46 -0.51
CA THR A 78 -7.90 -9.49 -1.70
C THR A 78 -7.16 -8.90 -2.89
N MET A 79 -7.65 -9.21 -4.07
CA MET A 79 -7.12 -8.61 -5.29
C MET A 79 -8.24 -8.00 -6.10
N PHE A 80 -7.93 -6.92 -6.79
CA PHE A 80 -8.93 -6.22 -7.59
C PHE A 80 -8.24 -5.27 -8.55
N GLU A 81 -8.76 -5.17 -9.76
CA GLU A 81 -8.22 -4.24 -10.73
C GLU A 81 -9.13 -3.01 -10.81
N TYR A 82 -8.62 -1.87 -10.38
CA TYR A 82 -9.43 -0.67 -10.26
C TYR A 82 -8.87 0.44 -11.14
N THR A 83 -9.75 1.15 -11.82
CA THR A 83 -9.35 2.28 -12.64
C THR A 83 -9.46 3.57 -11.85
N PHE A 84 -8.56 4.49 -12.10
CA PHE A 84 -8.55 5.75 -11.35
C PHE A 84 -9.03 6.90 -12.21
N ASP A 85 -10.10 7.53 -11.76
CA ASP A 85 -10.64 8.70 -12.41
C ASP A 85 -9.96 9.94 -11.89
N TYR A 86 -10.35 11.10 -12.45
CA TYR A 86 -9.79 12.40 -12.06
C TYR A 86 -8.35 12.56 -12.60
N GLN A 87 -7.76 11.45 -13.03
CA GLN A 87 -6.47 11.48 -13.69
C GLN A 87 -6.64 11.87 -15.15
N MET A 88 -5.54 12.22 -15.80
CA MET A 88 -5.59 12.62 -17.20
C MET A 88 -5.34 11.42 -18.11
N THR A 89 -5.04 10.29 -17.51
CA THR A 89 -4.87 9.05 -18.24
C THR A 89 -5.65 7.93 -17.54
N PRO A 90 -6.28 7.02 -18.32
CA PRO A 90 -7.04 5.90 -17.79
C PRO A 90 -6.15 4.78 -17.26
N THR A 91 -5.35 5.11 -16.25
CA THR A 91 -4.49 4.12 -15.62
C THR A 91 -5.32 3.15 -14.79
N LYS A 92 -5.04 1.86 -14.95
CA LYS A 92 -5.70 0.85 -14.16
C LYS A 92 -4.68 0.19 -13.25
N VAL A 93 -5.02 0.06 -11.98
CA VAL A 93 -4.17 -0.64 -11.08
C VAL A 93 -4.73 -2.04 -10.81
N LYS A 94 -3.85 -2.89 -10.35
CA LYS A 94 -4.25 -4.20 -9.89
C LYS A 94 -3.66 -4.43 -8.52
N VAL A 95 -4.53 -4.46 -7.53
CA VAL A 95 -4.06 -4.56 -6.16
C VAL A 95 -4.13 -5.97 -5.64
N HIS A 96 -3.16 -6.30 -4.82
CA HIS A 96 -3.26 -7.43 -3.95
C HIS A 96 -2.72 -7.01 -2.60
N MET A 97 -3.63 -6.74 -1.70
CA MET A 97 -3.29 -6.47 -0.33
C MET A 97 -3.45 -7.74 0.44
N LYS A 98 -2.49 -8.07 1.27
CA LYS A 98 -2.49 -9.37 1.92
C LYS A 98 -2.00 -9.26 3.34
N LYS A 99 -2.71 -9.91 4.24
CA LYS A 99 -2.24 -10.08 5.58
C LYS A 99 -0.88 -10.76 5.58
N ALA A 100 0.10 -10.01 6.05
CA ALA A 100 1.49 -10.44 6.04
C ALA A 100 1.71 -11.65 6.94
N LEU A 101 2.65 -12.51 6.54
CA LEU A 101 3.00 -13.70 7.32
C LEU A 101 3.62 -13.31 8.66
N SER A 102 3.93 -12.03 8.83
CA SER A 102 4.51 -11.53 10.06
C SER A 102 3.44 -11.32 11.15
N GLY A 103 2.18 -11.52 10.79
CA GLY A 103 1.11 -11.38 11.75
C GLY A 103 0.27 -10.16 11.50
N ASP A 104 0.16 -9.28 12.49
CA ASP A 104 -0.61 -8.05 12.36
C ASP A 104 0.09 -7.07 11.45
N SER A 105 -0.15 -7.23 10.17
CA SER A 105 0.46 -6.42 9.12
C SER A 105 -0.14 -6.85 7.80
N TYR A 106 -0.17 -5.94 6.85
CA TYR A 106 -0.78 -6.23 5.56
C TYR A 106 0.02 -5.57 4.44
N TRP A 107 0.19 -6.28 3.33
CA TRP A 107 0.94 -5.78 2.21
C TRP A 107 0.05 -5.00 1.26
N VAL A 108 0.70 -4.29 0.36
CA VAL A 108 0.05 -3.59 -0.72
C VAL A 108 0.82 -3.85 -2.02
N PHE A 109 0.36 -4.81 -2.80
CA PHE A 109 0.93 -5.06 -4.12
C PHE A 109 0.11 -4.33 -5.17
N VAL A 110 0.76 -3.49 -5.97
CA VAL A 110 0.04 -2.68 -6.95
C VAL A 110 0.68 -2.83 -8.34
N LYS A 111 -0.15 -3.06 -9.35
CA LYS A 111 0.30 -3.06 -10.73
C LYS A 111 -0.41 -1.97 -11.51
N ARG A 112 0.31 -0.92 -11.86
CA ARG A 112 -0.29 0.24 -12.52
C ARG A 112 -0.02 0.19 -14.02
N VAL A 113 -1.06 -0.06 -14.80
CA VAL A 113 -0.92 -0.13 -16.25
C VAL A 113 -1.73 0.96 -16.94
C1 HC4 B . -4.19 18.65 3.30
O1 HC4 B . -3.52 17.66 3.60
C2 HC4 B . -3.95 19.56 2.08
C3 HC4 B . -2.99 19.43 1.15
C1' HC4 B . -2.04 18.34 0.87
C2' HC4 B . -1.19 18.45 -0.22
C3' HC4 B . -0.25 17.48 -0.51
C4' HC4 B . -0.14 16.37 0.29
C5' HC4 B . -0.98 16.22 1.38
C6' HC4 B . -1.91 17.20 1.66
O4' HC4 B . 0.78 15.40 0.00
H2 HC4 B . -4.49 20.49 2.07
H3 HC4 B . -3.06 20.26 0.46
H2' HC4 B . -1.31 19.29 -0.89
H3' HC4 B . 0.41 17.60 -1.36
H5' HC4 B . -0.90 15.36 2.01
H6' HC4 B . -2.56 17.09 2.51
HO4' HC4 B . 0.37 14.53 0.04
N LEU A 14 5.70 -2.33 -17.58
CA LEU A 14 4.72 -2.57 -16.50
C LEU A 14 5.15 -1.90 -15.21
N ALA A 15 4.23 -1.17 -14.60
CA ALA A 15 4.48 -0.58 -13.30
C ALA A 15 3.98 -1.52 -12.21
N PHE A 16 4.89 -2.29 -11.65
CA PHE A 16 4.56 -3.23 -10.60
C PHE A 16 5.08 -2.72 -9.25
N GLY A 17 4.30 -2.93 -8.21
CA GLY A 17 4.69 -2.48 -6.89
C GLY A 17 4.63 -3.58 -5.87
N ALA A 18 5.59 -3.59 -4.97
CA ALA A 18 5.55 -4.53 -3.86
C ALA A 18 6.08 -3.87 -2.59
N ILE A 19 5.19 -3.48 -1.72
CA ILE A 19 5.57 -2.87 -0.45
C ILE A 19 4.68 -3.41 0.65
N GLN A 20 5.26 -3.66 1.82
CA GLN A 20 4.46 -4.16 2.93
C GLN A 20 4.40 -3.15 4.05
N LEU A 21 3.24 -3.06 4.66
CA LEU A 21 3.04 -2.17 5.78
C LEU A 21 2.35 -2.88 6.92
N ASP A 22 2.40 -2.32 8.09
CA ASP A 22 1.70 -2.89 9.23
C ASP A 22 0.29 -2.36 9.33
N GLY A 23 -0.60 -3.16 9.89
CA GLY A 23 -2.00 -2.78 10.01
C GLY A 23 -2.19 -1.67 11.02
N ASP A 24 -1.13 -1.39 11.75
CA ASP A 24 -1.12 -0.33 12.74
C ASP A 24 -1.10 1.03 12.04
N GLY A 25 -0.39 1.11 10.92
CA GLY A 25 -0.44 2.30 10.09
C GLY A 25 0.89 2.71 9.49
N ASN A 26 1.94 1.95 9.77
CA ASN A 26 3.29 2.33 9.35
C ASN A 26 3.77 1.45 8.20
N ILE A 27 4.75 1.95 7.47
CA ILE A 27 5.39 1.17 6.41
C ILE A 27 6.51 0.33 7.04
N LEU A 28 6.67 -0.90 6.58
CA LEU A 28 7.69 -1.77 7.15
C LEU A 28 8.84 -1.97 6.16
N GLN A 29 8.52 -2.41 4.96
CA GLN A 29 9.55 -2.58 3.93
C GLN A 29 9.01 -2.32 2.54
N TYR A 30 9.84 -1.69 1.71
CA TYR A 30 9.50 -1.45 0.33
C TYR A 30 10.38 -2.31 -0.56
N ASN A 31 9.76 -3.19 -1.33
CA ASN A 31 10.49 -4.08 -2.18
C ASN A 31 10.56 -3.47 -3.57
N ALA A 32 11.52 -3.93 -4.38
CA ALA A 32 11.83 -3.33 -5.68
C ALA A 32 12.52 -1.98 -5.50
N ALA A 33 13.09 -1.45 -6.56
CA ALA A 33 13.84 -0.20 -6.48
C ALA A 33 13.37 0.81 -7.51
N GLU A 34 13.10 2.03 -7.07
CA GLU A 34 12.68 3.09 -7.96
C GLU A 34 13.88 3.96 -8.35
N GLY A 35 14.38 3.74 -9.55
CA GLY A 35 15.49 4.53 -10.05
C GLY A 35 15.75 4.26 -11.52
N ASP A 36 14.69 4.27 -12.31
CA ASP A 36 14.79 4.01 -13.73
C ASP A 36 13.67 4.71 -14.49
N ILE A 37 14.06 5.70 -15.30
CA ILE A 37 13.10 6.52 -16.05
C ILE A 37 12.08 7.14 -15.10
N THR A 38 12.59 7.78 -14.05
CA THR A 38 11.75 8.48 -13.10
C THR A 38 11.85 9.99 -13.29
N GLY A 39 10.99 10.73 -12.60
CA GLY A 39 11.02 12.18 -12.70
C GLY A 39 11.07 12.83 -11.34
N ARG A 40 10.10 12.51 -10.50
CA ARG A 40 10.05 13.02 -9.14
C ARG A 40 9.85 11.90 -8.14
N ASP A 41 10.27 12.13 -6.91
CA ASP A 41 10.21 11.12 -5.86
C ASP A 41 8.82 11.04 -5.25
N PRO A 42 8.17 9.87 -5.36
CA PRO A 42 6.87 9.62 -4.75
C PRO A 42 7.00 9.25 -3.28
N LYS A 43 8.24 8.96 -2.86
CA LYS A 43 8.52 8.55 -1.49
C LYS A 43 7.78 7.28 -1.15
N GLN A 44 8.22 6.18 -1.75
CA GLN A 44 7.58 4.88 -1.57
C GLN A 44 8.39 3.99 -0.63
N VAL A 45 9.71 4.19 -0.63
CA VAL A 45 10.59 3.43 0.25
C VAL A 45 10.37 3.83 1.72
N ILE A 46 9.41 3.14 2.34
CA ILE A 46 8.97 3.45 3.70
C ILE A 46 8.44 4.87 3.75
N GLY A 47 7.26 5.04 3.18
CA GLY A 47 6.64 6.34 3.10
C GLY A 47 6.05 6.78 4.43
N LYS A 48 5.78 5.84 5.31
CA LYS A 48 5.22 6.15 6.60
C LYS A 48 6.14 5.74 7.73
N ASN A 49 6.76 6.72 8.35
CA ASN A 49 7.53 6.49 9.55
C ASN A 49 7.22 7.58 10.58
N PHE A 50 6.29 7.25 11.48
CA PHE A 50 5.84 8.13 12.55
C PHE A 50 5.50 9.54 12.03
N PHE A 51 4.30 9.70 11.51
CA PHE A 51 3.82 11.00 11.04
C PHE A 51 2.90 11.61 12.10
N LYS A 52 1.85 10.87 12.41
CA LYS A 52 0.93 11.20 13.47
C LYS A 52 0.38 9.88 14.00
N ASP A 53 -0.51 9.30 13.20
CA ASP A 53 -0.89 7.89 13.33
C ASP A 53 -1.69 7.59 14.61
N VAL A 54 -1.68 8.52 15.56
CA VAL A 54 -2.50 8.40 16.76
C VAL A 54 -3.99 8.25 16.38
N ALA A 55 -4.42 9.05 15.41
CA ALA A 55 -5.75 8.93 14.85
C ALA A 55 -5.65 8.75 13.34
N PRO A 56 -5.84 7.52 12.86
CA PRO A 56 -5.70 7.19 11.43
C PRO A 56 -6.86 7.73 10.59
N CYS A 57 -6.79 9.01 10.25
CA CYS A 57 -7.77 9.62 9.37
C CYS A 57 -7.06 10.50 8.36
N THR A 58 -7.59 10.52 7.13
CA THR A 58 -6.97 11.24 6.02
C THR A 58 -5.52 10.79 5.84
N ASP A 59 -5.34 9.49 5.78
CA ASP A 59 -4.02 8.89 5.62
C ASP A 59 -4.11 7.68 4.71
N SER A 60 -3.50 7.79 3.52
CA SER A 60 -3.53 6.72 2.54
C SER A 60 -2.36 6.83 1.58
N PRO A 61 -1.53 5.77 1.51
CA PRO A 61 -0.41 5.71 0.57
C PRO A 61 -0.84 5.15 -0.78
N GLU A 62 -1.25 6.06 -1.66
CA GLU A 62 -1.69 5.72 -3.03
C GLU A 62 -3.00 4.91 -3.02
N PHE A 63 -2.91 3.63 -2.71
CA PHE A 63 -4.05 2.72 -2.80
C PHE A 63 -4.20 1.86 -1.56
N TYR A 64 -5.42 1.52 -1.24
CA TYR A 64 -5.74 0.68 -0.10
C TYR A 64 -6.93 -0.21 -0.42
N GLY A 65 -6.79 -1.50 -0.18
CA GLY A 65 -7.86 -2.43 -0.47
C GLY A 65 -8.80 -2.57 0.70
N LYS A 66 -9.80 -1.68 0.76
CA LYS A 66 -10.77 -1.63 1.86
C LYS A 66 -10.09 -1.82 3.21
N PHE A 67 -9.01 -1.09 3.42
CA PHE A 67 -8.13 -1.27 4.58
C PHE A 67 -8.91 -1.31 5.89
N LYS A 68 -9.98 -0.50 5.95
CA LYS A 68 -10.77 -0.38 7.17
C LYS A 68 -11.48 -1.70 7.49
N GLU A 69 -11.99 -2.35 6.45
CA GLU A 69 -12.67 -3.61 6.60
C GLU A 69 -11.63 -4.72 6.72
N GLY A 70 -10.51 -4.52 6.07
CA GLY A 70 -9.44 -5.49 6.07
C GLY A 70 -8.94 -5.77 7.46
N VAL A 71 -8.78 -4.70 8.22
CA VAL A 71 -8.30 -4.78 9.59
C VAL A 71 -9.32 -5.52 10.46
N ALA A 72 -10.58 -5.12 10.36
CA ALA A 72 -11.60 -5.63 11.26
C ALA A 72 -12.10 -7.00 10.82
N SER A 73 -11.95 -7.28 9.53
CA SER A 73 -12.25 -8.61 9.02
C SER A 73 -11.28 -9.62 9.63
N GLY A 74 -10.05 -9.17 9.86
CA GLY A 74 -9.05 -10.03 10.46
C GLY A 74 -8.35 -10.87 9.42
N ASN A 75 -8.50 -10.48 8.17
CA ASN A 75 -7.89 -11.20 7.06
C ASN A 75 -7.82 -10.34 5.81
N LEU A 76 -7.18 -9.19 5.94
CA LEU A 76 -6.97 -8.32 4.80
C LEU A 76 -6.05 -8.98 3.78
N ASN A 77 -6.62 -9.83 2.96
CA ASN A 77 -5.89 -10.46 1.88
C ASN A 77 -6.81 -10.62 0.69
N THR A 78 -6.73 -9.70 -0.27
CA THR A 78 -7.57 -9.73 -1.45
C THR A 78 -6.87 -9.04 -2.61
N MET A 79 -7.22 -9.42 -3.83
CA MET A 79 -6.82 -8.66 -5.01
C MET A 79 -7.99 -7.82 -5.47
N PHE A 80 -7.83 -6.51 -5.41
CA PHE A 80 -8.87 -5.60 -5.81
C PHE A 80 -8.43 -4.80 -7.04
N GLU A 81 -9.03 -5.08 -8.17
CA GLU A 81 -8.70 -4.37 -9.38
C GLU A 81 -9.79 -3.35 -9.72
N TYR A 82 -9.42 -2.07 -9.67
CA TYR A 82 -10.36 -0.99 -9.90
C TYR A 82 -10.06 -0.31 -11.23
N THR A 83 -11.10 -0.03 -12.00
CA THR A 83 -10.94 0.60 -13.28
C THR A 83 -11.19 2.11 -13.16
N PHE A 84 -10.14 2.89 -13.31
CA PHE A 84 -10.26 4.33 -13.27
C PHE A 84 -10.81 4.86 -14.59
N ASP A 85 -12.12 4.75 -14.75
CA ASP A 85 -12.81 5.36 -15.87
C ASP A 85 -13.47 6.64 -15.38
N TYR A 86 -13.13 7.75 -16.00
CA TYR A 86 -13.46 9.06 -15.45
C TYR A 86 -13.53 10.09 -16.55
N GLN A 87 -12.37 10.40 -17.12
CA GLN A 87 -12.25 11.35 -18.21
C GLN A 87 -10.95 11.10 -18.94
N MET A 88 -10.56 9.82 -18.97
CA MET A 88 -9.28 9.39 -19.50
C MET A 88 -9.44 7.96 -20.05
N THR A 89 -8.34 7.24 -20.23
CA THR A 89 -8.43 5.85 -20.62
C THR A 89 -8.72 4.97 -19.41
N PRO A 90 -9.37 3.82 -19.61
CA PRO A 90 -9.70 2.90 -18.52
C PRO A 90 -8.45 2.37 -17.83
N THR A 91 -8.06 3.01 -16.75
CA THR A 91 -6.86 2.62 -16.02
C THR A 91 -7.21 1.62 -14.93
N LYS A 92 -7.02 0.35 -15.22
CA LYS A 92 -7.24 -0.70 -14.25
C LYS A 92 -6.02 -0.87 -13.37
N VAL A 93 -6.17 -0.59 -12.08
CA VAL A 93 -5.13 -0.87 -11.13
C VAL A 93 -5.45 -2.13 -10.35
N LYS A 94 -4.43 -2.72 -9.76
CA LYS A 94 -4.62 -3.93 -8.98
C LYS A 94 -4.00 -3.77 -7.61
N VAL A 95 -4.81 -3.96 -6.58
CA VAL A 95 -4.31 -3.97 -5.22
C VAL A 95 -4.24 -5.39 -4.73
N HIS A 96 -3.06 -5.96 -4.70
CA HIS A 96 -2.91 -7.22 -4.01
C HIS A 96 -2.45 -6.88 -2.61
N MET A 97 -3.39 -6.96 -1.69
CA MET A 97 -3.13 -6.55 -0.33
C MET A 97 -3.37 -7.74 0.57
N LYS A 98 -2.31 -8.21 1.22
CA LYS A 98 -2.41 -9.48 1.91
C LYS A 98 -1.80 -9.37 3.29
N LYS A 99 -2.50 -9.92 4.26
CA LYS A 99 -2.00 -9.98 5.60
C LYS A 99 -0.67 -10.71 5.65
N ALA A 100 0.36 -9.96 6.00
CA ALA A 100 1.72 -10.45 6.01
C ALA A 100 1.86 -11.62 6.97
N LEU A 101 2.71 -12.57 6.62
CA LEU A 101 2.96 -13.72 7.47
C LEU A 101 3.66 -13.29 8.76
N SER A 102 4.17 -12.07 8.77
CA SER A 102 4.74 -11.48 9.97
C SER A 102 3.68 -11.36 11.06
N GLY A 103 2.43 -11.17 10.65
CA GLY A 103 1.34 -11.10 11.62
C GLY A 103 0.47 -9.88 11.44
N ASP A 104 0.75 -8.85 12.21
CA ASP A 104 -0.13 -7.67 12.29
C ASP A 104 0.25 -6.64 11.23
N SER A 105 0.39 -7.11 10.01
CA SER A 105 0.79 -6.27 8.90
C SER A 105 0.14 -6.77 7.61
N TYR A 106 0.05 -5.90 6.62
CA TYR A 106 -0.55 -6.24 5.34
C TYR A 106 0.28 -5.69 4.18
N TRP A 107 0.48 -6.47 3.13
CA TRP A 107 1.26 -6.04 1.99
C TRP A 107 0.41 -5.26 1.02
N VAL A 108 1.09 -4.53 0.15
CA VAL A 108 0.46 -3.74 -0.90
C VAL A 108 1.21 -3.95 -2.21
N PHE A 109 0.70 -4.84 -3.05
CA PHE A 109 1.28 -5.04 -4.37
C PHE A 109 0.40 -4.33 -5.39
N VAL A 110 0.84 -3.19 -5.87
CA VAL A 110 0.06 -2.43 -6.84
C VAL A 110 0.46 -2.81 -8.27
N LYS A 111 -0.50 -2.75 -9.19
CA LYS A 111 -0.25 -3.00 -10.60
C LYS A 111 -1.21 -2.20 -11.44
N ARG A 112 -0.86 -2.06 -12.70
CA ARG A 112 -1.77 -1.51 -13.69
C ARG A 112 -1.90 -2.50 -14.84
N VAL A 113 -3.10 -2.57 -15.41
CA VAL A 113 -3.43 -3.53 -16.47
C VAL A 113 -3.61 -4.94 -15.88
C1 HC4 B . -11.32 10.47 11.31
O1 HC4 B . -11.28 11.63 10.91
C2 HC4 B . -12.58 9.73 11.82
C3 HC4 B . -13.83 10.23 11.92
C1' HC4 B . -14.41 11.50 11.47
C2' HC4 B . -15.77 11.72 11.68
C3' HC4 B . -16.37 12.90 11.29
C4' HC4 B . -15.63 13.88 10.69
C5' HC4 B . -14.29 13.70 10.47
C6' HC4 B . -13.69 12.51 10.86
O4' HC4 B . -16.23 15.06 10.30
H2 HC4 B . -12.42 8.76 12.26
H3 HC4 B . -14.47 9.46 12.36
H2' HC4 B . -16.31 11.03 12.30
H3' HC4 B . -17.43 13.04 11.47
H5' HC4 B . -13.70 14.47 10.00
H6' HC4 B . -12.64 12.36 10.69
HO4' HC4 B . -15.94 15.29 9.41
N LEU A 14 10.23 1.21 -14.38
CA LEU A 14 10.27 0.05 -13.45
C LEU A 14 9.19 0.22 -12.39
N ALA A 15 8.17 -0.62 -12.46
CA ALA A 15 7.07 -0.55 -11.51
C ALA A 15 7.20 -1.64 -10.47
N PHE A 16 7.90 -1.32 -9.38
CA PHE A 16 8.08 -2.27 -8.30
C PHE A 16 6.84 -2.22 -7.39
N GLY A 17 5.81 -2.94 -7.79
CA GLY A 17 4.56 -2.90 -7.05
C GLY A 17 4.51 -3.88 -5.90
N ALA A 18 5.42 -3.72 -4.95
CA ALA A 18 5.41 -4.54 -3.75
C ALA A 18 5.87 -3.76 -2.54
N ILE A 19 4.94 -3.34 -1.72
CA ILE A 19 5.25 -2.62 -0.49
C ILE A 19 4.51 -3.25 0.68
N GLN A 20 5.17 -3.30 1.81
CA GLN A 20 4.63 -3.95 2.97
C GLN A 20 4.37 -2.92 4.07
N LEU A 21 3.18 -2.93 4.61
CA LEU A 21 2.81 -1.99 5.66
C LEU A 21 2.27 -2.72 6.88
N ASP A 22 2.34 -2.07 8.02
CA ASP A 22 1.88 -2.68 9.28
C ASP A 22 0.38 -2.62 9.39
N GLY A 23 -0.16 -3.52 10.19
CA GLY A 23 -1.59 -3.57 10.41
C GLY A 23 -2.02 -2.56 11.44
N ASP A 24 -1.35 -1.42 11.43
CA ASP A 24 -1.63 -0.35 12.37
C ASP A 24 -1.95 0.94 11.62
N GLY A 25 -1.47 1.03 10.39
CA GLY A 25 -1.81 2.15 9.54
C GLY A 25 -0.60 2.85 8.94
N ASN A 26 0.58 2.27 9.12
CA ASN A 26 1.80 2.89 8.62
C ASN A 26 2.59 1.90 7.77
N ILE A 27 3.46 2.43 6.93
CA ILE A 27 4.34 1.60 6.15
C ILE A 27 5.38 0.95 7.04
N LEU A 28 5.71 -0.30 6.75
CA LEU A 28 6.69 -1.01 7.55
C LEU A 28 7.98 -1.19 6.75
N GLN A 29 7.86 -1.65 5.52
CA GLN A 29 9.03 -1.81 4.66
C GLN A 29 8.64 -1.71 3.19
N TYR A 30 9.14 -0.68 2.52
CA TYR A 30 8.95 -0.54 1.09
C TYR A 30 10.05 -1.28 0.35
N ASN A 31 9.67 -2.10 -0.62
CA ASN A 31 10.64 -2.88 -1.36
C ASN A 31 11.00 -2.18 -2.67
N ALA A 32 12.26 -1.84 -2.81
CA ALA A 32 12.77 -1.23 -4.03
C ALA A 32 14.05 -1.92 -4.45
N ALA A 33 14.55 -1.59 -5.63
CA ALA A 33 15.75 -2.22 -6.14
C ALA A 33 16.86 -1.20 -6.36
N GLU A 34 17.97 -1.37 -5.62
CA GLU A 34 19.16 -0.54 -5.78
C GLU A 34 18.86 0.94 -5.58
N GLY A 35 18.03 1.25 -4.60
CA GLY A 35 17.70 2.63 -4.30
C GLY A 35 18.89 3.42 -3.80
N ASP A 36 19.46 2.97 -2.70
CA ASP A 36 20.62 3.63 -2.11
C ASP A 36 21.87 2.78 -2.29
N ILE A 37 23.01 3.44 -2.37
CA ILE A 37 24.28 2.75 -2.50
C ILE A 37 24.99 2.75 -1.14
N THR A 38 24.27 2.26 -0.12
CA THR A 38 24.77 2.22 1.25
C THR A 38 24.87 3.64 1.84
N GLY A 39 24.92 3.74 3.17
CA GLY A 39 25.08 5.04 3.78
C GLY A 39 23.83 5.53 4.48
N ARG A 40 22.68 5.18 3.92
CA ARG A 40 21.40 5.62 4.47
C ARG A 40 20.90 4.63 5.53
N ASP A 41 19.98 5.09 6.36
CA ASP A 41 19.46 4.29 7.45
C ASP A 41 18.35 3.38 6.96
N PRO A 42 18.32 2.11 7.43
CA PRO A 42 17.30 1.14 7.04
C PRO A 42 15.91 1.55 7.48
N LYS A 43 15.83 2.24 8.60
CA LYS A 43 14.54 2.66 9.17
C LYS A 43 14.03 3.95 8.53
N GLN A 44 14.25 4.07 7.22
CA GLN A 44 13.81 5.25 6.50
C GLN A 44 13.03 4.83 5.24
N VAL A 45 12.75 3.54 5.14
CA VAL A 45 12.12 3.00 3.94
C VAL A 45 10.59 2.87 4.12
N ILE A 46 9.97 3.97 4.56
CA ILE A 46 8.54 4.03 4.75
C ILE A 46 7.96 5.21 3.99
N GLY A 47 6.68 5.11 3.69
CA GLY A 47 6.00 6.20 3.03
C GLY A 47 4.99 6.86 3.95
N LYS A 48 4.53 6.11 4.94
CA LYS A 48 3.58 6.62 5.90
C LYS A 48 4.19 6.59 7.30
N ASN A 49 4.22 7.74 7.95
CA ASN A 49 4.68 7.82 9.33
C ASN A 49 3.78 8.75 10.13
N PHE A 50 2.82 8.15 10.83
CA PHE A 50 1.94 8.90 11.71
C PHE A 50 1.75 8.15 13.02
N PHE A 51 1.86 8.88 14.12
CA PHE A 51 1.56 8.32 15.43
C PHE A 51 0.07 8.42 15.70
N LYS A 52 -0.59 9.26 14.93
CA LYS A 52 -2.02 9.49 15.05
C LYS A 52 -2.57 9.91 13.69
N ASP A 53 -3.61 9.23 13.24
CA ASP A 53 -4.24 9.54 11.96
C ASP A 53 -5.05 10.83 12.06
N VAL A 54 -5.33 11.43 10.91
CA VAL A 54 -6.19 12.60 10.85
C VAL A 54 -6.88 12.71 9.48
N ALA A 55 -6.09 12.86 8.41
CA ALA A 55 -6.60 13.04 7.04
C ALA A 55 -7.82 13.98 7.03
N PRO A 56 -7.61 15.27 7.28
CA PRO A 56 -8.71 16.23 7.43
C PRO A 56 -9.30 16.68 6.10
N CYS A 57 -8.45 16.81 5.10
CA CYS A 57 -8.86 17.39 3.82
C CYS A 57 -8.79 16.37 2.69
N THR A 58 -8.35 15.16 3.00
CA THR A 58 -8.09 14.18 1.96
C THR A 58 -8.65 12.80 2.34
N ASP A 59 -9.04 12.04 1.33
CA ASP A 59 -9.40 10.63 1.50
C ASP A 59 -8.78 9.85 0.35
N SER A 60 -8.58 8.55 0.56
CA SER A 60 -7.93 7.70 -0.43
C SER A 60 -6.55 8.27 -0.79
N PRO A 61 -5.64 8.42 0.21
CA PRO A 61 -4.35 9.06 0.01
C PRO A 61 -3.43 8.27 -0.91
N GLU A 62 -2.89 7.18 -0.39
CA GLU A 62 -1.99 6.34 -1.15
C GLU A 62 -2.37 4.87 -0.99
N PHE A 63 -3.24 4.41 -1.89
CA PHE A 63 -3.69 3.01 -1.92
C PHE A 63 -4.57 2.64 -0.71
N TYR A 64 -5.87 2.69 -0.91
CA TYR A 64 -6.84 2.27 0.09
C TYR A 64 -7.70 1.14 -0.47
N GLY A 65 -7.57 -0.06 0.08
CA GLY A 65 -8.34 -1.17 -0.43
C GLY A 65 -9.11 -1.87 0.65
N LYS A 66 -10.21 -1.25 1.08
CA LYS A 66 -11.03 -1.79 2.17
C LYS A 66 -10.18 -1.87 3.44
N PHE A 67 -9.27 -0.89 3.57
CA PHE A 67 -8.22 -0.94 4.58
C PHE A 67 -8.78 -0.94 6.01
N LYS A 68 -9.82 -0.09 6.23
CA LYS A 68 -10.39 0.07 7.56
C LYS A 68 -10.99 -1.25 8.04
N GLU A 69 -11.55 -2.01 7.12
CA GLU A 69 -12.08 -3.33 7.44
C GLU A 69 -10.97 -4.35 7.42
N GLY A 70 -9.98 -4.12 6.57
CA GLY A 70 -8.87 -5.01 6.41
C GLY A 70 -8.13 -5.23 7.70
N VAL A 71 -7.97 -4.14 8.44
CA VAL A 71 -7.28 -4.16 9.72
C VAL A 71 -8.11 -4.89 10.77
N ALA A 72 -9.36 -4.50 10.89
CA ALA A 72 -10.21 -4.95 11.99
C ALA A 72 -10.76 -6.34 11.73
N SER A 73 -10.82 -6.73 10.46
CA SER A 73 -11.19 -8.09 10.12
C SER A 73 -10.06 -9.02 10.56
N GLY A 74 -8.84 -8.51 10.46
CA GLY A 74 -7.69 -9.27 10.87
C GLY A 74 -7.17 -10.13 9.74
N ASN A 75 -7.56 -9.77 8.53
CA ASN A 75 -7.17 -10.52 7.34
C ASN A 75 -7.36 -9.68 6.08
N LEU A 76 -6.69 -8.54 6.04
CA LEU A 76 -6.64 -7.72 4.85
C LEU A 76 -5.94 -8.46 3.72
N ASN A 77 -6.68 -9.27 3.01
CA ASN A 77 -6.15 -10.01 1.88
C ASN A 77 -7.19 -10.08 0.77
N THR A 78 -7.03 -9.24 -0.25
CA THR A 78 -7.94 -9.24 -1.38
C THR A 78 -7.29 -8.59 -2.58
N MET A 79 -7.75 -8.97 -3.75
CA MET A 79 -7.27 -8.41 -4.99
C MET A 79 -8.37 -7.59 -5.65
N PHE A 80 -8.03 -6.39 -6.05
CA PHE A 80 -8.98 -5.46 -6.63
C PHE A 80 -8.35 -4.72 -7.79
N GLU A 81 -9.05 -4.66 -8.90
CA GLU A 81 -8.56 -3.93 -10.06
C GLU A 81 -9.25 -2.58 -10.15
N TYR A 82 -8.46 -1.52 -10.01
CA TYR A 82 -8.99 -0.16 -9.96
C TYR A 82 -8.65 0.58 -11.24
N THR A 83 -9.65 1.22 -11.80
CA THR A 83 -9.49 1.92 -13.06
C THR A 83 -9.30 3.42 -12.86
N PHE A 84 -8.60 4.05 -13.79
CA PHE A 84 -8.45 5.49 -13.79
C PHE A 84 -9.23 6.07 -14.96
N ASP A 85 -10.49 6.37 -14.71
CA ASP A 85 -11.41 6.86 -15.73
C ASP A 85 -11.09 8.29 -16.12
N TYR A 86 -11.72 8.74 -17.20
CA TYR A 86 -11.62 10.13 -17.69
C TYR A 86 -10.28 10.43 -18.34
N GLN A 87 -9.20 9.92 -17.75
CA GLN A 87 -7.86 10.17 -18.26
C GLN A 87 -7.63 9.43 -19.57
N MET A 88 -6.76 9.99 -20.40
CA MET A 88 -6.48 9.44 -21.72
C MET A 88 -5.82 8.07 -21.61
N THR A 89 -4.95 7.92 -20.63
CA THR A 89 -4.22 6.67 -20.45
C THR A 89 -5.11 5.64 -19.75
N PRO A 90 -5.18 4.42 -20.31
CA PRO A 90 -5.98 3.34 -19.73
C PRO A 90 -5.30 2.68 -18.53
N THR A 91 -4.71 3.50 -17.68
CA THR A 91 -3.98 3.02 -16.52
C THR A 91 -4.92 2.33 -15.53
N LYS A 92 -4.94 1.02 -15.60
CA LYS A 92 -5.65 0.23 -14.62
C LYS A 92 -4.65 -0.37 -13.65
N VAL A 93 -4.90 -0.22 -12.36
CA VAL A 93 -4.06 -0.85 -11.38
C VAL A 93 -4.71 -2.11 -10.84
N LYS A 94 -3.90 -2.98 -10.30
CA LYS A 94 -4.39 -4.24 -9.77
C LYS A 94 -3.70 -4.51 -8.45
N VAL A 95 -4.45 -4.34 -7.37
CA VAL A 95 -3.89 -4.54 -6.04
C VAL A 95 -4.20 -5.91 -5.51
N HIS A 96 -3.24 -6.44 -4.78
CA HIS A 96 -3.49 -7.55 -3.91
C HIS A 96 -2.82 -7.27 -2.59
N MET A 97 -3.62 -6.90 -1.62
CA MET A 97 -3.13 -6.67 -0.28
C MET A 97 -3.28 -7.96 0.46
N LYS A 98 -2.35 -8.26 1.34
CA LYS A 98 -2.44 -9.50 2.06
C LYS A 98 -1.89 -9.37 3.47
N LYS A 99 -2.63 -9.91 4.40
CA LYS A 99 -2.14 -10.11 5.73
C LYS A 99 -0.85 -10.91 5.68
N ALA A 100 0.24 -10.26 6.09
CA ALA A 100 1.56 -10.84 6.01
C ALA A 100 1.59 -12.24 6.61
N LEU A 101 2.30 -13.15 5.96
CA LEU A 101 2.34 -14.54 6.39
C LEU A 101 3.02 -14.68 7.74
N SER A 102 3.71 -13.63 8.15
CA SER A 102 4.33 -13.58 9.47
C SER A 102 3.26 -13.65 10.55
N GLY A 103 2.34 -12.70 10.51
CA GLY A 103 1.27 -12.65 11.48
C GLY A 103 0.47 -11.37 11.35
N ASP A 104 1.06 -10.27 11.78
CA ASP A 104 0.42 -8.96 11.64
C ASP A 104 0.93 -8.32 10.34
N SER A 105 0.66 -7.03 10.18
CA SER A 105 1.01 -6.26 8.98
C SER A 105 0.35 -6.82 7.71
N TYR A 106 0.19 -5.96 6.73
CA TYR A 106 -0.46 -6.33 5.48
C TYR A 106 0.32 -5.76 4.30
N TRP A 107 0.48 -6.55 3.26
CA TRP A 107 1.24 -6.12 2.11
C TRP A 107 0.35 -5.46 1.09
N VAL A 108 0.99 -4.76 0.17
CA VAL A 108 0.34 -4.12 -0.94
C VAL A 108 1.11 -4.41 -2.23
N PHE A 109 0.64 -5.40 -2.98
CA PHE A 109 1.21 -5.69 -4.28
C PHE A 109 0.33 -5.06 -5.35
N VAL A 110 0.90 -4.19 -6.16
CA VAL A 110 0.10 -3.50 -7.18
C VAL A 110 0.71 -3.71 -8.57
N LYS A 111 -0.16 -3.76 -9.57
CA LYS A 111 0.25 -3.86 -10.95
C LYS A 111 -0.40 -2.74 -11.76
N ARG A 112 0.40 -1.86 -12.33
CA ARG A 112 -0.13 -0.75 -13.10
C ARG A 112 0.25 -0.88 -14.56
N VAL A 113 -0.53 -0.25 -15.42
CA VAL A 113 -0.20 -0.14 -16.83
C VAL A 113 -0.21 1.33 -17.26
C1 HC4 B . -6.44 20.79 4.19
O1 HC4 B . -6.55 21.94 3.79
C2 HC4 B . -5.13 19.96 4.24
C3 HC4 B . -3.89 20.37 3.86
C1' HC4 B . -3.42 21.63 3.29
C2' HC4 B . -2.06 21.75 2.99
C3' HC4 B . -1.53 22.91 2.45
C4' HC4 B . -2.37 23.98 2.19
C5' HC4 B . -3.71 23.90 2.48
C6' HC4 B . -4.22 22.73 3.02
O4' HC4 B . -1.85 25.14 1.67
H2 HC4 B . -5.19 18.97 4.65
H3 HC4 B . -3.20 19.55 4.04
H2' HC4 B . -1.40 20.93 3.22
H3' HC4 B . -0.48 22.97 2.23
H5' HC4 B . -4.36 24.73 2.28
H6' HC4 B . -5.27 22.67 3.24
HO4' HC4 B . -1.28 24.92 0.92
#